data_6XHT
#
_entry.id   6XHT
#
_cell.length_a   49.731
_cell.length_b   138.598
_cell.length_c   109.532
_cell.angle_alpha   90.000
_cell.angle_beta   96.510
_cell.angle_gamma   90.000
#
_symmetry.space_group_name_H-M   'P 1 21 1'
#
loop_
_entity.id
_entity.type
_entity.pdbx_description
1 polymer 'Ribitol-5-phosphate cytidylyltransferase 1'
2 non-polymer 'THIOCYANATE ION'
3 non-polymer CDP-ribitol
4 water water
#
_entity_poly.entity_id   1
_entity_poly.type   'polypeptide(L)'
_entity_poly.pdbx_seq_one_letter_code
;MKYAGILAGGIGSRMGNVPLPKQFLDLDNKPILIHTLEKFILINDFEKIIIATPQQWMTHTKDTLRKFKISDERIEVIQG
GSDRNDTIMNIVKHIESTNGINDDDVIVTHDAVRPFLTHRIIKENIQAALEYGAVDTVIDAIDTIVTSKDNQTIDAIPVR
NEMYQGQTPQSFNINLLKESYAQLSDEQKSILSDACKIIVETNKPVRLVKGELYNIKVTTPYDLKVANAIIRGGIADDGG
SLVPRGSAAAALEHHHHHHHH
;
_entity_poly.pdbx_strand_id   A,B,C,D,E,F
#
loop_
_chem_comp.id
_chem_comp.type
_chem_comp.name
_chem_comp.formula
SCN non-polymer 'THIOCYANATE ION' 'C N S -1'
V2V non-polymer CDP-ribitol 'C14 H25 N3 O15 P2'
#
# COMPACT_ATOMS: atom_id res chain seq x y z
N MET A 1 -39.42 -42.00 -16.87
CA MET A 1 -39.62 -41.13 -15.71
C MET A 1 -38.93 -39.81 -15.92
N LYS A 2 -39.44 -38.77 -15.28
CA LYS A 2 -38.91 -37.42 -15.41
C LYS A 2 -38.38 -36.95 -14.07
N TYR A 3 -37.14 -36.45 -14.05
CA TYR A 3 -36.46 -35.99 -12.86
C TYR A 3 -36.06 -34.53 -13.02
N ALA A 4 -36.08 -33.79 -11.92
CA ALA A 4 -35.54 -32.43 -11.93
C ALA A 4 -34.25 -32.42 -11.15
N GLY A 5 -33.23 -31.75 -11.68
CA GLY A 5 -31.95 -31.60 -11.00
C GLY A 5 -31.72 -30.11 -10.80
N ILE A 6 -31.84 -29.65 -9.56
CA ILE A 6 -31.71 -28.24 -9.25
C ILE A 6 -30.27 -28.03 -8.80
N LEU A 7 -29.53 -27.21 -9.54
CA LEU A 7 -28.08 -27.08 -9.32
C LEU A 7 -27.86 -25.89 -8.39
N ALA A 8 -27.48 -26.19 -7.12
CA ALA A 8 -27.25 -25.15 -6.13
C ALA A 8 -25.79 -25.11 -5.69
N GLY A 9 -24.87 -25.02 -6.67
CA GLY A 9 -23.44 -25.00 -6.41
C GLY A 9 -22.91 -23.63 -6.04
N GLY A 10 -23.78 -22.62 -6.03
CA GLY A 10 -23.30 -21.28 -5.76
C GLY A 10 -22.76 -20.59 -7.00
N ILE A 11 -22.36 -19.34 -6.80
CA ILE A 11 -21.83 -18.50 -7.87
C ILE A 11 -20.40 -18.09 -7.49
N GLY A 12 -19.44 -18.47 -8.34
CA GLY A 12 -18.03 -18.30 -7.98
C GLY A 12 -17.60 -16.85 -8.01
N SER A 13 -16.81 -16.47 -7.00
CA SER A 13 -16.23 -15.12 -7.00
C SER A 13 -15.21 -15.00 -8.13
N ARG A 14 -15.01 -13.76 -8.60
CA ARG A 14 -14.10 -13.53 -9.73
C ARG A 14 -12.67 -13.90 -9.36
N MET A 15 -12.17 -13.41 -8.23
CA MET A 15 -10.91 -13.87 -7.70
C MET A 15 -11.17 -15.07 -6.78
N GLY A 16 -10.48 -16.17 -7.01
CA GLY A 16 -10.54 -17.30 -6.12
C GLY A 16 -11.60 -18.34 -6.46
N ASN A 17 -12.61 -17.99 -7.27
CA ASN A 17 -13.67 -18.93 -7.64
C ASN A 17 -14.32 -19.50 -6.40
N VAL A 18 -14.55 -18.65 -5.42
CA VAL A 18 -15.13 -19.12 -4.17
C VAL A 18 -16.64 -19.21 -4.35
N PRO A 19 -17.26 -20.34 -4.02
CA PRO A 19 -18.71 -20.49 -4.22
C PRO A 19 -19.50 -19.62 -3.25
N LEU A 20 -20.34 -18.74 -3.79
CA LEU A 20 -21.14 -17.93 -2.89
C LEU A 20 -22.60 -18.40 -2.94
N PRO A 21 -23.23 -18.65 -1.78
CA PRO A 21 -24.60 -19.23 -1.77
C PRO A 21 -25.69 -18.22 -2.11
N LYS A 22 -25.65 -17.71 -3.35
CA LYS A 22 -26.57 -16.64 -3.76
C LYS A 22 -28.03 -17.11 -3.72
N GLN A 23 -28.28 -18.41 -3.84
CA GLN A 23 -29.63 -18.97 -3.82
C GLN A 23 -30.31 -18.76 -2.47
N PHE A 24 -29.55 -18.42 -1.42
CA PHE A 24 -30.18 -18.17 -0.13
C PHE A 24 -30.51 -16.71 0.07
N LEU A 25 -30.14 -15.83 -0.86
CA LEU A 25 -30.44 -14.41 -0.69
C LEU A 25 -31.94 -14.20 -0.83
N ASP A 26 -32.41 -13.16 -0.15
CA ASP A 26 -33.84 -12.95 -0.02
C ASP A 26 -34.43 -12.29 -1.26
N LEU A 27 -35.55 -12.83 -1.72
CA LEU A 27 -36.29 -12.26 -2.84
C LEU A 27 -37.73 -12.10 -2.35
N ASP A 28 -38.10 -10.86 -2.04
CA ASP A 28 -39.46 -10.60 -1.53
C ASP A 28 -39.78 -11.48 -0.32
N ASN A 29 -38.84 -11.53 0.62
CA ASN A 29 -38.98 -12.21 1.93
C ASN A 29 -38.98 -13.74 1.83
N LYS A 30 -38.36 -14.29 0.79
CA LYS A 30 -38.23 -15.73 0.64
C LYS A 30 -36.96 -15.98 -0.15
N PRO A 31 -36.15 -16.96 0.26
CA PRO A 31 -34.91 -17.24 -0.48
C PRO A 31 -35.21 -17.56 -1.93
N ILE A 32 -34.28 -17.14 -2.82
CA ILE A 32 -34.43 -17.39 -4.25
C ILE A 32 -34.67 -18.88 -4.53
N LEU A 33 -33.90 -19.74 -3.86
CA LEU A 33 -34.03 -21.19 -4.01
C LEU A 33 -35.48 -21.66 -3.82
N ILE A 34 -36.20 -21.06 -2.85
CA ILE A 34 -37.59 -21.49 -2.59
C ILE A 34 -38.49 -21.09 -3.75
N HIS A 35 -38.32 -19.87 -4.29
CA HIS A 35 -39.09 -19.48 -5.48
C HIS A 35 -38.90 -20.49 -6.63
N THR A 36 -37.64 -20.85 -6.88
CA THR A 36 -37.34 -21.76 -7.99
C THR A 36 -37.99 -23.14 -7.74
N LEU A 37 -37.83 -23.65 -6.52
CA LEU A 37 -38.41 -24.95 -6.16
C LEU A 37 -39.91 -24.93 -6.31
N GLU A 38 -40.57 -23.83 -5.93
CA GLU A 38 -42.03 -23.78 -6.03
C GLU A 38 -42.48 -23.97 -7.46
N LYS A 39 -41.71 -23.43 -8.41
CA LYS A 39 -42.05 -23.63 -9.82
C LYS A 39 -41.98 -25.11 -10.20
N PHE A 40 -40.98 -25.82 -9.70
CA PHE A 40 -40.87 -27.25 -10.04
C PHE A 40 -41.90 -28.14 -9.30
N ILE A 41 -42.24 -27.82 -8.04
CA ILE A 41 -43.27 -28.59 -7.32
C ILE A 41 -44.61 -28.54 -8.06
N LEU A 42 -44.89 -27.45 -8.77
CA LEU A 42 -46.14 -27.32 -9.52
C LEU A 42 -46.22 -28.28 -10.70
N ILE A 43 -45.12 -28.89 -11.08
CA ILE A 43 -45.10 -29.86 -12.18
C ILE A 43 -45.33 -31.25 -11.60
N ASN A 44 -46.53 -31.81 -11.82
CA ASN A 44 -46.81 -33.11 -11.21
C ASN A 44 -46.02 -34.25 -11.86
N ASP A 45 -45.48 -34.05 -13.06
CA ASP A 45 -44.88 -35.14 -13.78
C ASP A 45 -43.51 -35.56 -13.27
N PHE A 46 -42.87 -34.76 -12.42
CA PHE A 46 -41.56 -35.09 -11.87
C PHE A 46 -41.68 -36.20 -10.83
N GLU A 47 -40.85 -37.24 -10.97
CA GLU A 47 -40.78 -38.32 -9.98
C GLU A 47 -39.99 -37.90 -8.74
N LYS A 48 -38.91 -37.16 -8.94
CA LYS A 48 -38.08 -36.61 -7.89
C LYS A 48 -37.59 -35.25 -8.31
N ILE A 49 -37.41 -34.35 -7.33
CA ILE A 49 -36.87 -33.00 -7.51
C ILE A 49 -35.62 -32.95 -6.60
N ILE A 50 -34.45 -33.08 -7.21
CA ILE A 50 -33.20 -33.32 -6.50
C ILE A 50 -32.39 -32.03 -6.50
N ILE A 51 -32.09 -31.53 -5.32
CA ILE A 51 -31.24 -30.35 -5.15
C ILE A 51 -29.85 -30.87 -4.79
N ALA A 52 -28.86 -30.49 -5.60
CA ALA A 52 -27.47 -30.85 -5.33
C ALA A 52 -26.69 -29.60 -4.95
N THR A 53 -26.01 -29.67 -3.83
CA THR A 53 -25.36 -28.50 -3.27
C THR A 53 -24.11 -28.95 -2.51
N PRO A 54 -23.14 -28.05 -2.27
CA PRO A 54 -21.94 -28.47 -1.53
C PRO A 54 -22.28 -29.03 -0.16
N GLN A 55 -21.47 -29.98 0.27
CA GLN A 55 -21.67 -30.63 1.57
C GLN A 55 -21.94 -29.59 2.66
N GLN A 56 -21.19 -28.49 2.64
CA GLN A 56 -21.25 -27.48 3.68
C GLN A 56 -22.56 -26.70 3.68
N TRP A 57 -23.38 -26.81 2.63
CA TRP A 57 -24.65 -26.10 2.58
C TRP A 57 -25.86 -27.01 2.75
N MET A 58 -25.65 -28.32 2.91
CA MET A 58 -26.79 -29.24 2.91
C MET A 58 -27.73 -29.02 4.11
N THR A 59 -27.17 -28.87 5.31
CA THR A 59 -27.99 -28.65 6.49
C THR A 59 -28.80 -27.36 6.36
N HIS A 60 -28.17 -26.27 5.95
CA HIS A 60 -28.91 -25.03 5.83
C HIS A 60 -30.02 -25.15 4.77
N THR A 61 -29.75 -25.89 3.69
CA THR A 61 -30.77 -26.11 2.67
C THR A 61 -31.97 -26.84 3.27
N LYS A 62 -31.71 -27.90 4.03
CA LYS A 62 -32.80 -28.65 4.68
C LYS A 62 -33.53 -27.76 5.69
N ASP A 63 -32.77 -26.97 6.46
CA ASP A 63 -33.39 -26.08 7.43
C ASP A 63 -34.30 -25.07 6.75
N THR A 64 -33.85 -24.55 5.61
CA THR A 64 -34.61 -23.55 4.89
C THR A 64 -35.87 -24.15 4.28
N LEU A 65 -35.77 -25.37 3.73
CA LEU A 65 -36.94 -26.09 3.26
C LEU A 65 -37.96 -26.24 4.39
N ARG A 66 -37.49 -26.62 5.57
CA ARG A 66 -38.40 -26.80 6.70
C ARG A 66 -39.05 -25.47 7.12
N LYS A 67 -38.27 -24.39 7.16
CA LYS A 67 -38.79 -23.10 7.60
C LYS A 67 -39.87 -22.57 6.66
N PHE A 68 -39.72 -22.81 5.35
CA PHE A 68 -40.67 -22.33 4.36
C PHE A 68 -41.67 -23.39 3.97
N LYS A 69 -41.83 -24.41 4.84
CA LYS A 69 -42.93 -25.37 4.77
C LYS A 69 -42.91 -26.17 3.47
N ILE A 70 -41.72 -26.39 2.89
CA ILE A 70 -41.61 -27.20 1.67
C ILE A 70 -41.49 -28.66 2.13
N SER A 71 -42.59 -29.38 2.08
CA SER A 71 -42.63 -30.75 2.58
C SER A 71 -42.85 -31.77 1.47
N ASP A 72 -42.95 -31.34 0.22
CA ASP A 72 -43.22 -32.27 -0.87
C ASP A 72 -42.26 -33.46 -0.81
N GLU A 73 -42.83 -34.67 -0.79
CA GLU A 73 -42.03 -35.88 -0.62
C GLU A 73 -41.07 -36.12 -1.77
N ARG A 74 -41.24 -35.43 -2.91
CA ARG A 74 -40.31 -35.63 -4.01
C ARG A 74 -39.00 -34.87 -3.85
N ILE A 75 -38.93 -33.94 -2.90
CA ILE A 75 -37.74 -33.10 -2.76
C ILE A 75 -36.66 -33.89 -2.03
N GLU A 76 -35.44 -33.89 -2.57
CA GLU A 76 -34.32 -34.51 -1.90
C GLU A 76 -33.08 -33.62 -2.05
N VAL A 77 -32.26 -33.55 -1.00
CA VAL A 77 -31.01 -32.78 -1.00
C VAL A 77 -29.85 -33.76 -1.05
N ILE A 78 -28.96 -33.62 -2.03
CA ILE A 78 -27.78 -34.47 -2.08
C ILE A 78 -26.55 -33.61 -2.20
N GLN A 79 -25.40 -34.22 -1.95
CA GLN A 79 -24.11 -33.55 -2.04
C GLN A 79 -23.71 -33.35 -3.51
N GLY A 80 -23.29 -32.13 -3.85
CA GLY A 80 -22.77 -31.83 -5.18
C GLY A 80 -21.36 -32.32 -5.41
N GLY A 81 -20.82 -31.99 -6.59
CA GLY A 81 -19.55 -32.50 -7.05
C GLY A 81 -18.48 -31.42 -7.15
N SER A 82 -17.45 -31.71 -7.94
CA SER A 82 -16.28 -30.81 -8.02
C SER A 82 -16.48 -29.62 -8.95
N ASP A 83 -17.46 -29.68 -9.84
CA ASP A 83 -17.83 -28.62 -10.78
C ASP A 83 -19.25 -28.88 -11.23
N ARG A 84 -19.78 -27.99 -12.07
CA ARG A 84 -21.22 -28.07 -12.36
C ARG A 84 -21.61 -29.38 -13.07
N ASN A 85 -20.85 -29.79 -14.11
CA ASN A 85 -21.21 -31.04 -14.79
C ASN A 85 -21.01 -32.27 -13.90
N ASP A 86 -19.95 -32.25 -13.07
CA ASP A 86 -19.80 -33.34 -12.10
C ASP A 86 -20.97 -33.40 -11.11
N THR A 87 -21.50 -32.25 -10.73
CA THR A 87 -22.67 -32.26 -9.86
C THR A 87 -23.87 -32.85 -10.56
N ILE A 88 -24.05 -32.51 -11.83
CA ILE A 88 -25.11 -33.14 -12.61
C ILE A 88 -24.95 -34.65 -12.60
N MET A 89 -23.73 -35.12 -12.79
CA MET A 89 -23.50 -36.55 -12.79
C MET A 89 -23.70 -37.18 -11.40
N ASN A 90 -23.46 -36.42 -10.31
CA ASN A 90 -23.86 -36.92 -8.99
C ASN A 90 -25.36 -37.17 -8.94
N ILE A 91 -26.11 -36.28 -9.57
CA ILE A 91 -27.57 -36.49 -9.60
C ILE A 91 -27.92 -37.74 -10.39
N VAL A 92 -27.30 -37.92 -11.56
CA VAL A 92 -27.56 -39.09 -12.40
C VAL A 92 -27.22 -40.38 -11.63
N LYS A 93 -26.08 -40.37 -10.95
CA LYS A 93 -25.64 -41.53 -10.17
C LYS A 93 -26.61 -41.80 -9.02
N HIS A 94 -27.13 -40.75 -8.40
CA HIS A 94 -28.11 -40.94 -7.34
C HIS A 94 -29.39 -41.57 -7.90
N ILE A 95 -29.85 -41.12 -9.06
CA ILE A 95 -31.02 -41.76 -9.67
C ILE A 95 -30.78 -43.24 -9.92
N GLU A 96 -29.62 -43.57 -10.50
CA GLU A 96 -29.28 -44.95 -10.82
C GLU A 96 -29.22 -45.82 -9.57
N SER A 97 -28.61 -45.32 -8.52
CA SER A 97 -28.51 -46.12 -7.30
C SER A 97 -29.85 -46.24 -6.57
N THR A 98 -30.78 -45.29 -6.78
CA THR A 98 -32.05 -45.32 -6.06
C THR A 98 -33.12 -46.09 -6.84
N ASN A 99 -33.47 -45.63 -8.05
CA ASN A 99 -34.50 -46.29 -8.86
C ASN A 99 -33.96 -47.12 -10.00
N GLY A 100 -32.73 -46.85 -10.44
CA GLY A 100 -32.19 -47.34 -11.68
C GLY A 100 -32.72 -46.52 -12.85
N ILE A 101 -31.86 -46.27 -13.82
CA ILE A 101 -32.20 -45.40 -14.94
C ILE A 101 -32.97 -46.21 -15.98
N ASN A 102 -34.10 -45.68 -16.44
CA ASN A 102 -34.82 -46.30 -17.56
C ASN A 102 -34.40 -45.69 -18.90
N ASP A 103 -34.62 -46.47 -19.98
CA ASP A 103 -34.24 -45.98 -21.30
C ASP A 103 -34.95 -44.68 -21.65
N ASP A 104 -36.17 -44.47 -21.14
CA ASP A 104 -36.89 -43.26 -21.49
C ASP A 104 -36.79 -42.15 -20.44
N ASP A 105 -35.97 -42.31 -19.41
CA ASP A 105 -35.87 -41.25 -18.40
C ASP A 105 -35.31 -39.95 -18.96
N VAL A 106 -35.81 -38.83 -18.45
CA VAL A 106 -35.19 -37.55 -18.76
C VAL A 106 -34.92 -36.79 -17.47
N ILE A 107 -33.92 -35.92 -17.52
CA ILE A 107 -33.58 -35.04 -16.39
C ILE A 107 -33.60 -33.60 -16.87
N VAL A 108 -34.29 -32.76 -16.12
CA VAL A 108 -34.37 -31.32 -16.38
C VAL A 108 -33.45 -30.65 -15.36
N THR A 109 -32.29 -30.16 -15.81
CA THR A 109 -31.32 -29.50 -14.95
C THR A 109 -31.52 -28.00 -15.02
N HIS A 110 -31.38 -27.33 -13.87
CA HIS A 110 -31.80 -25.92 -13.83
C HIS A 110 -31.06 -25.20 -12.71
N ASP A 111 -30.65 -23.93 -12.97
CA ASP A 111 -29.98 -23.12 -11.96
C ASP A 111 -30.91 -22.81 -10.78
N ALA A 112 -30.40 -23.00 -9.56
CA ALA A 112 -31.15 -22.58 -8.38
C ALA A 112 -31.47 -21.09 -8.38
N VAL A 113 -30.61 -20.23 -9.01
CA VAL A 113 -30.85 -18.78 -8.99
C VAL A 113 -31.57 -18.29 -10.27
N ARG A 114 -32.32 -19.17 -10.93
CA ARG A 114 -33.21 -18.76 -12.03
C ARG A 114 -34.65 -19.04 -11.60
N PRO A 115 -35.24 -18.17 -10.77
CA PRO A 115 -36.57 -18.45 -10.21
C PRO A 115 -37.73 -18.12 -11.14
N PHE A 116 -37.48 -17.50 -12.28
CA PHE A 116 -38.57 -16.97 -13.10
C PHE A 116 -38.86 -17.78 -14.36
N LEU A 117 -38.35 -19.01 -14.46
CA LEU A 117 -38.78 -19.90 -15.52
C LEU A 117 -40.27 -20.22 -15.37
N THR A 118 -40.89 -20.67 -16.46
CA THR A 118 -42.33 -20.80 -16.55
C THR A 118 -42.72 -22.27 -16.76
N HIS A 119 -44.00 -22.51 -16.51
CA HIS A 119 -44.60 -23.80 -16.79
C HIS A 119 -44.32 -24.22 -18.25
N ARG A 120 -44.51 -23.30 -19.19
CA ARG A 120 -44.27 -23.62 -20.59
C ARG A 120 -42.84 -24.06 -20.82
N ILE A 121 -41.88 -23.30 -20.25
CA ILE A 121 -40.47 -23.64 -20.42
C ILE A 121 -40.20 -25.04 -19.89
N ILE A 122 -40.74 -25.37 -18.71
CA ILE A 122 -40.47 -26.70 -18.17
C ILE A 122 -41.09 -27.79 -19.05
N LYS A 123 -42.37 -27.63 -19.42
CA LYS A 123 -43.03 -28.66 -20.22
C LYS A 123 -42.38 -28.82 -21.59
N GLU A 124 -41.99 -27.70 -22.22
CA GLU A 124 -41.35 -27.77 -23.53
C GLU A 124 -40.01 -28.46 -23.44
N ASN A 125 -39.30 -28.24 -22.32
CA ASN A 125 -38.05 -28.95 -22.07
C ASN A 125 -38.27 -30.45 -21.97
N ILE A 126 -39.26 -30.86 -21.18
CA ILE A 126 -39.54 -32.27 -21.01
C ILE A 126 -39.84 -32.91 -22.35
N GLN A 127 -40.76 -32.31 -23.10
CA GLN A 127 -41.19 -32.86 -24.39
C GLN A 127 -40.03 -32.95 -25.38
N ALA A 128 -39.20 -31.90 -25.45
CA ALA A 128 -38.08 -31.95 -26.38
C ALA A 128 -37.06 -33.00 -25.97
N ALA A 129 -36.81 -33.17 -24.66
CA ALA A 129 -35.90 -34.22 -24.20
C ALA A 129 -36.44 -35.61 -24.51
N LEU A 130 -37.74 -35.84 -24.26
CA LEU A 130 -38.32 -37.14 -24.60
C LEU A 130 -38.17 -37.45 -26.09
N GLU A 131 -38.38 -36.45 -26.95
CA GLU A 131 -38.40 -36.75 -28.37
C GLU A 131 -37.01 -36.78 -28.98
N TYR A 132 -36.16 -35.84 -28.60
CA TYR A 132 -34.88 -35.60 -29.26
C TYR A 132 -33.65 -35.82 -28.39
N GLY A 133 -33.81 -35.99 -27.07
CA GLY A 133 -32.70 -36.42 -26.26
C GLY A 133 -31.89 -35.33 -25.56
N ALA A 134 -31.88 -34.09 -26.09
CA ALA A 134 -31.07 -33.02 -25.51
C ALA A 134 -31.64 -31.68 -25.90
N VAL A 135 -31.68 -30.74 -24.93
CA VAL A 135 -32.33 -29.46 -25.17
C VAL A 135 -31.66 -28.38 -24.33
N ASP A 136 -31.55 -27.19 -24.94
CA ASP A 136 -31.07 -25.98 -24.29
C ASP A 136 -32.18 -24.93 -24.34
N THR A 137 -32.40 -24.22 -23.24
CA THR A 137 -33.30 -23.09 -23.20
C THR A 137 -32.51 -21.81 -23.54
N VAL A 138 -32.94 -21.09 -24.59
CA VAL A 138 -32.18 -19.94 -25.10
C VAL A 138 -33.13 -18.82 -25.46
N ILE A 139 -32.60 -17.60 -25.56
CA ILE A 139 -33.36 -16.52 -26.16
C ILE A 139 -32.48 -15.89 -27.25
N ASP A 140 -33.14 -15.33 -28.26
CA ASP A 140 -32.42 -14.61 -29.30
C ASP A 140 -31.58 -13.47 -28.72
N ALA A 141 -30.34 -13.35 -29.21
CA ALA A 141 -29.51 -12.23 -28.80
C ALA A 141 -30.14 -10.89 -29.14
N ILE A 142 -30.21 -9.99 -28.16
CA ILE A 142 -30.65 -8.61 -28.38
C ILE A 142 -29.47 -7.69 -28.63
N ASP A 143 -28.40 -7.84 -27.84
CA ASP A 143 -27.20 -7.06 -28.11
C ASP A 143 -26.45 -7.71 -29.24
N THR A 144 -25.68 -6.92 -29.99
CA THR A 144 -24.63 -7.50 -30.82
C THR A 144 -23.64 -8.21 -29.91
N ILE A 145 -23.27 -9.46 -30.27
CA ILE A 145 -22.29 -10.24 -29.51
C ILE A 145 -20.92 -10.01 -30.13
N VAL A 146 -19.90 -9.80 -29.30
CA VAL A 146 -18.54 -9.62 -29.80
C VAL A 146 -17.61 -10.55 -29.03
N THR A 147 -16.52 -10.93 -29.68
CA THR A 147 -15.55 -11.80 -29.05
C THR A 147 -14.24 -11.02 -28.84
N SER A 148 -13.47 -11.46 -27.85
CA SER A 148 -12.14 -10.90 -27.62
C SER A 148 -11.28 -11.97 -26.97
N LYS A 149 -10.05 -12.11 -27.43
CA LYS A 149 -9.12 -13.07 -26.89
C LYS A 149 -8.17 -12.44 -25.88
N ASP A 150 -8.20 -11.12 -25.71
CA ASP A 150 -7.25 -10.43 -24.84
C ASP A 150 -7.87 -9.43 -23.85
N ASN A 151 -9.19 -9.26 -23.83
CA ASN A 151 -9.87 -8.29 -22.98
C ASN A 151 -9.44 -6.87 -23.30
N GLN A 152 -8.86 -6.65 -24.47
CA GLN A 152 -8.40 -5.33 -24.89
C GLN A 152 -8.96 -4.93 -26.24
N THR A 153 -9.03 -5.85 -27.19
CA THR A 153 -9.45 -5.58 -28.56
C THR A 153 -10.49 -6.62 -28.98
N ILE A 154 -11.31 -6.22 -29.97
CA ILE A 154 -12.27 -7.15 -30.57
C ILE A 154 -11.50 -8.15 -31.42
N ASP A 155 -11.89 -9.43 -31.30
CA ASP A 155 -11.41 -10.40 -32.26
C ASP A 155 -12.37 -10.57 -33.44
N ALA A 156 -13.64 -10.79 -33.15
CA ALA A 156 -14.65 -11.03 -34.20
C ALA A 156 -16.00 -10.49 -33.74
N ILE A 157 -16.85 -10.19 -34.72
CA ILE A 157 -18.24 -9.84 -34.47
C ILE A 157 -19.12 -10.75 -35.33
N PRO A 158 -19.63 -11.85 -34.77
CA PRO A 158 -20.44 -12.76 -35.58
C PRO A 158 -21.78 -12.15 -35.97
N VAL A 159 -22.43 -12.78 -36.93
CA VAL A 159 -23.78 -12.34 -37.33
C VAL A 159 -24.74 -12.51 -36.15
N ARG A 160 -25.37 -11.41 -35.73
CA ARG A 160 -26.18 -11.47 -34.53
C ARG A 160 -27.38 -12.42 -34.68
N ASN A 161 -27.94 -12.54 -35.89
CA ASN A 161 -29.12 -13.39 -36.08
C ASN A 161 -28.83 -14.86 -35.75
N GLU A 162 -27.56 -15.26 -35.68
CA GLU A 162 -27.20 -16.63 -35.34
C GLU A 162 -26.82 -16.80 -33.89
N MET A 163 -26.88 -15.75 -33.07
CA MET A 163 -26.42 -15.77 -31.69
C MET A 163 -27.60 -15.89 -30.73
N TYR A 164 -27.40 -16.65 -29.66
CA TYR A 164 -28.43 -16.86 -28.65
C TYR A 164 -27.84 -16.75 -27.26
N GLN A 165 -28.62 -16.22 -26.33
CA GLN A 165 -28.22 -16.18 -24.93
C GLN A 165 -28.71 -17.47 -24.28
N GLY A 166 -27.77 -18.27 -23.78
CA GLY A 166 -28.13 -19.53 -23.12
C GLY A 166 -28.74 -19.29 -21.75
N GLN A 167 -29.85 -19.99 -21.47
CA GLN A 167 -30.39 -20.00 -20.11
C GLN A 167 -30.40 -21.42 -19.56
N THR A 168 -31.21 -21.66 -18.55
CA THR A 168 -31.57 -23.03 -18.20
C THR A 168 -33.08 -23.02 -18.01
N PRO A 169 -33.73 -24.20 -18.01
CA PRO A 169 -33.24 -25.57 -18.00
C PRO A 169 -32.44 -26.02 -19.21
N GLN A 170 -31.62 -27.02 -18.95
CA GLN A 170 -31.02 -27.86 -19.97
C GLN A 170 -31.41 -29.27 -19.63
N SER A 171 -32.03 -29.96 -20.60
CA SER A 171 -32.67 -31.22 -20.31
C SER A 171 -32.19 -32.29 -21.28
N PHE A 172 -32.17 -33.53 -20.79
CA PHE A 172 -31.50 -34.61 -21.50
C PHE A 172 -32.19 -35.92 -21.20
N ASN A 173 -32.22 -36.80 -22.20
CA ASN A 173 -32.36 -38.23 -21.92
C ASN A 173 -31.17 -38.65 -21.07
N ILE A 174 -31.43 -39.35 -19.95
CA ILE A 174 -30.36 -39.56 -18.96
C ILE A 174 -29.27 -40.43 -19.53
N ASN A 175 -29.64 -41.52 -20.18
CA ASN A 175 -28.62 -42.42 -20.71
C ASN A 175 -27.78 -41.73 -21.78
N LEU A 176 -28.42 -40.89 -22.60
CA LEU A 176 -27.67 -40.16 -23.61
C LEU A 176 -26.61 -39.26 -22.96
N LEU A 177 -27.00 -38.51 -21.92
CA LEU A 177 -26.10 -37.63 -21.20
C LEU A 177 -24.95 -38.41 -20.57
N LYS A 178 -25.28 -39.53 -19.93
CA LYS A 178 -24.28 -40.39 -19.31
C LYS A 178 -23.29 -40.90 -20.34
N GLU A 179 -23.79 -41.38 -21.49
CA GLU A 179 -22.92 -41.93 -22.54
C GLU A 179 -21.99 -40.85 -23.10
N SER A 180 -22.55 -39.66 -23.35
CA SER A 180 -21.75 -38.54 -23.85
C SER A 180 -20.68 -38.13 -22.84
N TYR A 181 -21.06 -37.98 -21.58
CA TYR A 181 -20.09 -37.58 -20.57
C TYR A 181 -18.98 -38.62 -20.46
N ALA A 182 -19.33 -39.90 -20.57
CA ALA A 182 -18.32 -40.96 -20.52
C ALA A 182 -17.33 -40.86 -21.67
N GLN A 183 -17.72 -40.25 -22.81
CA GLN A 183 -16.79 -40.08 -23.93
C GLN A 183 -15.73 -39.00 -23.72
N LEU A 184 -15.92 -38.08 -22.78
CA LEU A 184 -14.99 -36.97 -22.65
C LEU A 184 -13.73 -37.43 -21.93
N SER A 185 -12.60 -36.80 -22.30
CA SER A 185 -11.36 -37.08 -21.62
C SER A 185 -11.32 -36.28 -20.34
N ASP A 186 -10.34 -36.58 -19.48
CA ASP A 186 -10.22 -35.84 -18.23
C ASP A 186 -10.00 -34.36 -18.52
N GLU A 187 -9.23 -34.05 -19.58
CA GLU A 187 -9.00 -32.67 -19.95
C GLU A 187 -10.29 -31.99 -20.37
N GLN A 188 -11.09 -32.66 -21.21
CA GLN A 188 -12.37 -32.09 -21.60
C GLN A 188 -13.25 -31.86 -20.39
N LYS A 189 -13.28 -32.82 -19.46
CA LYS A 189 -14.13 -32.66 -18.27
C LYS A 189 -13.66 -31.47 -17.43
N SER A 190 -12.35 -31.24 -17.35
CA SER A 190 -11.88 -30.06 -16.64
C SER A 190 -12.29 -28.76 -17.35
N ILE A 191 -12.33 -28.76 -18.69
CA ILE A 191 -12.56 -27.46 -19.35
C ILE A 191 -14.04 -27.15 -19.58
N LEU A 192 -14.89 -28.15 -19.76
CA LEU A 192 -16.28 -27.87 -20.12
C LEU A 192 -17.03 -27.40 -18.89
N SER A 193 -17.75 -26.30 -19.03
CA SER A 193 -18.53 -25.78 -17.92
C SER A 193 -20.03 -25.84 -18.18
N ASP A 194 -20.44 -26.22 -19.38
CA ASP A 194 -21.84 -26.13 -19.75
C ASP A 194 -22.32 -27.54 -19.99
N ALA A 195 -23.62 -27.80 -19.74
CA ALA A 195 -24.04 -29.19 -19.87
C ALA A 195 -24.39 -29.53 -21.31
N CYS A 196 -25.02 -28.60 -22.05
CA CYS A 196 -25.32 -28.91 -23.44
C CYS A 196 -24.05 -29.04 -24.26
N LYS A 197 -22.97 -28.39 -23.84
CA LYS A 197 -21.73 -28.55 -24.59
C LYS A 197 -21.18 -29.98 -24.50
N ILE A 198 -21.47 -30.73 -23.43
CA ILE A 198 -21.14 -32.17 -23.42
C ILE A 198 -21.69 -32.85 -24.68
N ILE A 199 -22.97 -32.58 -24.96
CA ILE A 199 -23.61 -33.25 -26.08
C ILE A 199 -23.02 -32.76 -27.39
N VAL A 200 -22.88 -31.43 -27.51
CA VAL A 200 -22.35 -30.87 -28.76
C VAL A 200 -20.97 -31.43 -29.04
N GLU A 201 -20.13 -31.50 -28.01
CA GLU A 201 -18.77 -31.97 -28.22
C GLU A 201 -18.74 -33.42 -28.61
N THR A 202 -19.76 -34.21 -28.20
CA THR A 202 -19.78 -35.60 -28.63
C THR A 202 -20.67 -35.82 -29.87
N ASN A 203 -20.91 -34.79 -30.67
CA ASN A 203 -21.55 -34.92 -31.97
C ASN A 203 -22.94 -35.57 -31.90
N LYS A 204 -23.78 -35.07 -31.00
CA LYS A 204 -25.20 -35.37 -31.02
C LYS A 204 -25.97 -34.06 -31.03
N PRO A 205 -27.16 -34.01 -31.64
CA PRO A 205 -27.87 -32.74 -31.78
C PRO A 205 -28.44 -32.25 -30.45
N VAL A 206 -28.54 -30.93 -30.33
CA VAL A 206 -29.21 -30.32 -29.18
C VAL A 206 -30.28 -29.38 -29.68
N ARG A 207 -31.53 -29.60 -29.25
CA ARG A 207 -32.64 -28.78 -29.69
C ARG A 207 -32.69 -27.48 -28.90
N LEU A 208 -33.30 -26.47 -29.51
CA LEU A 208 -33.53 -25.18 -28.85
C LEU A 208 -34.99 -25.08 -28.39
N VAL A 209 -35.18 -24.69 -27.14
CA VAL A 209 -36.46 -24.27 -26.59
C VAL A 209 -36.30 -22.80 -26.22
N LYS A 210 -37.26 -21.96 -26.63
CA LYS A 210 -37.10 -20.52 -26.39
C LYS A 210 -37.49 -20.19 -24.96
N GLY A 211 -36.62 -19.43 -24.27
CA GLY A 211 -36.90 -19.01 -22.91
C GLY A 211 -37.68 -17.72 -22.84
N GLU A 212 -37.34 -16.87 -21.89
CA GLU A 212 -38.01 -15.59 -21.71
C GLU A 212 -36.98 -14.56 -21.31
N LEU A 213 -37.25 -13.31 -21.68
CA LEU A 213 -36.32 -12.23 -21.32
C LEU A 213 -36.16 -12.12 -19.81
N TYR A 214 -37.21 -12.47 -19.06
CA TYR A 214 -37.19 -12.33 -17.62
C TYR A 214 -36.70 -13.57 -16.88
N ASN A 215 -36.30 -14.64 -17.60
CA ASN A 215 -35.76 -15.84 -16.97
C ASN A 215 -34.27 -15.62 -16.60
N ILE A 216 -34.03 -14.59 -15.76
CA ILE A 216 -32.67 -14.12 -15.48
C ILE A 216 -32.03 -14.99 -14.40
N LYS A 217 -30.69 -14.97 -14.36
CA LYS A 217 -29.91 -15.63 -13.32
C LYS A 217 -29.59 -14.55 -12.29
N VAL A 218 -30.01 -14.75 -11.04
CA VAL A 218 -29.91 -13.67 -10.06
C VAL A 218 -28.58 -13.87 -9.35
N THR A 219 -27.52 -13.19 -9.85
CA THR A 219 -26.16 -13.47 -9.39
C THR A 219 -25.41 -12.26 -8.89
N THR A 220 -25.91 -11.05 -9.09
CA THR A 220 -25.23 -9.82 -8.68
C THR A 220 -26.21 -9.02 -7.84
N PRO A 221 -25.73 -8.01 -7.12
CA PRO A 221 -26.67 -7.12 -6.42
C PRO A 221 -27.63 -6.41 -7.38
N TYR A 222 -27.13 -6.01 -8.54
CA TYR A 222 -27.99 -5.41 -9.55
C TYR A 222 -29.13 -6.36 -9.95
N ASP A 223 -28.79 -7.60 -10.25
CA ASP A 223 -29.81 -8.56 -10.64
C ASP A 223 -30.81 -8.80 -9.51
N LEU A 224 -30.37 -8.74 -8.25
CA LEU A 224 -31.30 -8.94 -7.15
C LEU A 224 -32.27 -7.76 -7.02
N LYS A 225 -31.77 -6.53 -7.23
CA LYS A 225 -32.68 -5.40 -7.27
C LYS A 225 -33.69 -5.52 -8.41
N VAL A 226 -33.24 -5.93 -9.61
CA VAL A 226 -34.17 -6.12 -10.73
C VAL A 226 -35.18 -7.24 -10.44
N ALA A 227 -34.72 -8.30 -9.79
CA ALA A 227 -35.59 -9.44 -9.49
C ALA A 227 -36.76 -9.00 -8.63
N ASN A 228 -36.50 -8.10 -7.68
CA ASN A 228 -37.62 -7.64 -6.88
C ASN A 228 -38.71 -6.97 -7.75
N ALA A 229 -38.31 -6.21 -8.79
CA ALA A 229 -39.28 -5.63 -9.71
C ALA A 229 -40.06 -6.70 -10.49
N ILE A 230 -39.34 -7.65 -11.10
CA ILE A 230 -40.00 -8.71 -11.87
C ILE A 230 -41.05 -9.40 -11.01
N ILE A 231 -40.70 -9.69 -9.76
CA ILE A 231 -41.61 -10.46 -8.92
C ILE A 231 -42.84 -9.63 -8.57
N ARG A 232 -42.65 -8.38 -8.12
CA ARG A 232 -43.78 -7.59 -7.67
C ARG A 232 -44.76 -7.35 -8.83
N GLY A 233 -44.24 -7.13 -10.03
CA GLY A 233 -45.12 -6.86 -11.17
C GLY A 233 -45.71 -8.12 -11.80
N MET B 1 -11.62 17.62 -32.71
CA MET B 1 -12.83 18.02 -31.99
C MET B 1 -13.72 16.80 -31.73
N LYS B 2 -14.57 16.89 -30.71
CA LYS B 2 -15.37 15.75 -30.25
C LYS B 2 -16.83 16.00 -30.57
N TYR B 3 -17.45 15.03 -31.22
CA TYR B 3 -18.85 15.10 -31.57
C TYR B 3 -19.63 13.94 -30.93
N ALA B 4 -20.88 14.20 -30.60
CA ALA B 4 -21.79 13.13 -30.16
C ALA B 4 -22.85 12.92 -31.24
N GLY B 5 -23.17 11.65 -31.53
CA GLY B 5 -24.26 11.29 -32.43
C GLY B 5 -25.27 10.39 -31.74
N ILE B 6 -26.42 10.94 -31.38
CA ILE B 6 -27.44 10.20 -30.64
C ILE B 6 -28.44 9.66 -31.67
N LEU B 7 -28.54 8.34 -31.71
CA LEU B 7 -29.21 7.64 -32.80
C LEU B 7 -30.64 7.42 -32.34
N ALA B 8 -31.54 8.25 -32.86
CA ALA B 8 -32.95 8.15 -32.56
C ALA B 8 -33.75 7.95 -33.85
N GLY B 9 -33.17 7.24 -34.79
CA GLY B 9 -33.80 7.09 -36.08
C GLY B 9 -34.70 5.91 -36.31
N GLY B 10 -34.87 4.97 -35.34
CA GLY B 10 -35.70 3.82 -35.62
C GLY B 10 -37.18 4.15 -35.41
N ILE B 11 -38.04 3.28 -35.93
CA ILE B 11 -39.49 3.42 -35.78
C ILE B 11 -40.05 2.11 -35.23
N GLY B 12 -40.67 2.19 -34.04
CA GLY B 12 -41.20 1.00 -33.43
C GLY B 12 -42.48 0.50 -34.09
N SER B 13 -42.34 -0.37 -35.07
CA SER B 13 -43.51 -0.97 -35.71
C SER B 13 -44.24 -1.89 -34.74
N ARG B 14 -45.57 -1.81 -34.74
CA ARG B 14 -46.41 -2.67 -33.91
C ARG B 14 -47.50 -3.26 -34.79
N MET B 15 -47.90 -4.49 -34.46
CA MET B 15 -48.87 -5.20 -35.27
C MET B 15 -50.27 -4.71 -34.89
N GLY B 16 -50.93 -4.00 -35.81
CA GLY B 16 -52.29 -3.55 -35.58
C GLY B 16 -52.42 -2.27 -34.80
N ASN B 17 -51.35 -1.50 -34.66
CA ASN B 17 -51.41 -0.25 -33.91
C ASN B 17 -50.56 0.79 -34.60
N VAL B 18 -50.81 2.05 -34.22
CA VAL B 18 -50.00 3.19 -34.66
C VAL B 18 -48.57 2.99 -34.21
N PRO B 19 -47.56 3.27 -35.04
CA PRO B 19 -46.17 3.07 -34.59
C PRO B 19 -45.85 4.03 -33.44
N LEU B 20 -45.33 3.46 -32.35
CA LEU B 20 -44.97 4.21 -31.15
C LEU B 20 -43.46 4.13 -30.98
N PRO B 21 -42.72 5.18 -31.32
CA PRO B 21 -41.24 5.07 -31.32
C PRO B 21 -40.72 4.97 -29.89
N LYS B 22 -39.93 3.92 -29.65
CA LYS B 22 -39.50 3.63 -28.28
C LYS B 22 -38.66 4.74 -27.68
N GLN B 23 -37.94 5.48 -28.51
CA GLN B 23 -37.04 6.51 -27.99
C GLN B 23 -37.78 7.70 -27.41
N PHE B 24 -39.06 7.88 -27.74
CA PHE B 24 -39.88 8.97 -27.23
C PHE B 24 -40.80 8.56 -26.10
N LEU B 25 -40.80 7.29 -25.70
CA LEU B 25 -41.69 6.87 -24.62
C LEU B 25 -41.30 7.52 -23.30
N ASP B 26 -42.30 7.76 -22.45
CA ASP B 26 -42.04 8.42 -21.20
C ASP B 26 -41.45 7.42 -20.21
N LEU B 27 -40.39 7.85 -19.53
CA LEU B 27 -39.70 7.12 -18.48
C LEU B 27 -39.64 8.03 -17.28
N ASP B 28 -40.43 7.74 -16.25
CA ASP B 28 -40.54 8.60 -15.07
C ASP B 28 -40.91 10.03 -15.47
N ASN B 29 -41.91 10.14 -16.36
CA ASN B 29 -42.46 11.42 -16.81
C ASN B 29 -41.46 12.21 -17.65
N LYS B 30 -40.53 11.52 -18.32
CA LYS B 30 -39.57 12.23 -19.18
C LYS B 30 -39.20 11.28 -20.31
N PRO B 31 -39.22 11.74 -21.57
CA PRO B 31 -38.92 10.82 -22.67
C PRO B 31 -37.52 10.22 -22.53
N ILE B 32 -37.40 8.95 -22.91
CA ILE B 32 -36.13 8.26 -22.84
C ILE B 32 -35.02 9.05 -23.53
N LEU B 33 -35.32 9.61 -24.72
CA LEU B 33 -34.30 10.39 -25.42
C LEU B 33 -33.77 11.52 -24.55
N ILE B 34 -34.63 12.18 -23.77
CA ILE B 34 -34.16 13.28 -22.93
C ILE B 34 -33.25 12.76 -21.81
N HIS B 35 -33.64 11.65 -21.19
CA HIS B 35 -32.74 11.01 -20.22
C HIS B 35 -31.35 10.78 -20.83
N THR B 36 -31.31 10.25 -22.06
CA THR B 36 -30.04 9.97 -22.71
C THR B 36 -29.27 11.26 -23.01
N LEU B 37 -29.97 12.25 -23.56
CA LEU B 37 -29.33 13.50 -23.95
C LEU B 37 -28.68 14.21 -22.75
N GLU B 38 -29.32 14.16 -21.58
CA GLU B 38 -28.81 14.88 -20.43
C GLU B 38 -27.38 14.47 -20.08
N LYS B 39 -27.04 13.17 -20.28
CA LYS B 39 -25.69 12.70 -20.02
C LYS B 39 -24.68 13.38 -20.95
N PHE B 40 -25.08 13.56 -22.21
CA PHE B 40 -24.16 14.16 -23.16
C PHE B 40 -24.02 15.65 -22.95
N ILE B 41 -25.09 16.32 -22.51
CA ILE B 41 -24.98 17.75 -22.25
C ILE B 41 -23.95 18.05 -21.19
N LEU B 42 -23.82 17.16 -20.20
CA LEU B 42 -22.90 17.32 -19.09
C LEU B 42 -21.43 17.19 -19.49
N ILE B 43 -21.15 16.78 -20.72
CA ILE B 43 -19.78 16.68 -21.22
C ILE B 43 -19.46 18.00 -21.92
N ASN B 44 -18.65 18.85 -21.34
CA ASN B 44 -18.37 20.13 -21.94
C ASN B 44 -17.62 20.08 -23.24
N ASP B 45 -16.87 19.05 -23.44
CA ASP B 45 -15.92 19.01 -24.55
C ASP B 45 -16.54 18.68 -25.90
N PHE B 46 -17.82 18.32 -25.97
CA PHE B 46 -18.43 18.09 -27.28
C PHE B 46 -18.56 19.43 -28.01
N GLU B 47 -18.13 19.43 -29.26
CA GLU B 47 -18.33 20.59 -30.13
C GLU B 47 -19.79 20.70 -30.56
N LYS B 48 -20.39 19.57 -30.93
CA LYS B 48 -21.81 19.50 -31.31
C LYS B 48 -22.37 18.19 -30.80
N ILE B 49 -23.65 18.20 -30.46
CA ILE B 49 -24.39 17.01 -30.03
C ILE B 49 -25.56 16.87 -30.99
N ILE B 50 -25.47 15.88 -31.89
CA ILE B 50 -26.42 15.76 -33.02
C ILE B 50 -27.36 14.61 -32.73
N ILE B 51 -28.65 14.90 -32.73
CA ILE B 51 -29.72 13.90 -32.58
C ILE B 51 -30.35 13.66 -33.95
N ALA B 52 -30.37 12.42 -34.41
CA ALA B 52 -31.01 12.08 -35.67
C ALA B 52 -32.30 11.32 -35.36
N THR B 53 -33.39 11.72 -36.01
CA THR B 53 -34.73 11.20 -35.80
C THR B 53 -35.36 11.03 -37.19
N PRO B 54 -36.42 10.23 -37.28
CA PRO B 54 -37.14 10.16 -38.56
C PRO B 54 -37.66 11.56 -38.89
N GLN B 55 -37.80 11.84 -40.19
CA GLN B 55 -38.19 13.17 -40.67
C GLN B 55 -39.42 13.72 -39.92
N GLN B 56 -40.46 12.91 -39.78
CA GLN B 56 -41.74 13.37 -39.21
C GLN B 56 -41.69 13.67 -37.71
N TRP B 57 -40.59 13.31 -37.03
CA TRP B 57 -40.43 13.49 -35.60
C TRP B 57 -39.46 14.61 -35.26
N MET B 58 -38.91 15.31 -36.27
CA MET B 58 -37.88 16.29 -35.99
C MET B 58 -38.42 17.49 -35.22
N THR B 59 -39.55 18.02 -35.67
CA THR B 59 -40.15 19.17 -35.01
C THR B 59 -40.58 18.82 -33.60
N HIS B 60 -41.20 17.64 -33.45
CA HIS B 60 -41.62 17.21 -32.12
C HIS B 60 -40.44 17.11 -31.19
N THR B 61 -39.30 16.62 -31.68
CA THR B 61 -38.11 16.53 -30.85
C THR B 61 -37.61 17.92 -30.44
N LYS B 62 -37.56 18.86 -31.39
CA LYS B 62 -37.08 20.20 -31.03
C LYS B 62 -37.98 20.84 -29.98
N ASP B 63 -39.29 20.70 -30.17
CA ASP B 63 -40.25 21.27 -29.23
C ASP B 63 -40.12 20.64 -27.86
N THR B 64 -39.91 19.32 -27.82
CA THR B 64 -39.80 18.65 -26.55
C THR B 64 -38.54 19.10 -25.81
N LEU B 65 -37.44 19.33 -26.54
CA LEU B 65 -36.27 19.93 -25.90
C LEU B 65 -36.64 21.24 -25.21
N ARG B 66 -37.40 22.09 -25.92
CA ARG B 66 -37.81 23.35 -25.31
C ARG B 66 -38.67 23.10 -24.07
N LYS B 67 -39.54 22.08 -24.13
CA LYS B 67 -40.45 21.82 -23.01
C LYS B 67 -39.69 21.53 -21.72
N PHE B 68 -38.53 20.86 -21.83
CA PHE B 68 -37.71 20.51 -20.68
C PHE B 68 -36.60 21.52 -20.44
N LYS B 69 -36.75 22.73 -20.98
CA LYS B 69 -35.87 23.89 -20.71
C LYS B 69 -34.44 23.64 -21.19
N ILE B 70 -34.31 22.80 -22.21
CA ILE B 70 -33.02 22.49 -22.82
C ILE B 70 -32.76 23.40 -24.01
N SER B 71 -31.84 24.34 -23.86
CA SER B 71 -31.52 25.34 -24.88
C SER B 71 -30.09 25.26 -25.42
N ASP B 72 -29.29 24.28 -25.00
CA ASP B 72 -27.86 24.20 -25.35
C ASP B 72 -27.63 24.37 -26.84
N GLU B 73 -26.83 25.39 -27.19
CA GLU B 73 -26.58 25.75 -28.60
C GLU B 73 -25.83 24.67 -29.36
N ARG B 74 -25.21 23.72 -28.66
CA ARG B 74 -24.48 22.66 -29.34
C ARG B 74 -25.42 21.61 -29.92
N ILE B 75 -26.70 21.61 -29.54
CA ILE B 75 -27.63 20.57 -29.96
C ILE B 75 -28.19 20.87 -31.35
N GLU B 76 -28.19 19.87 -32.23
CA GLU B 76 -28.84 19.99 -33.52
C GLU B 76 -29.64 18.72 -33.77
N VAL B 77 -30.86 18.88 -34.28
CA VAL B 77 -31.73 17.73 -34.60
C VAL B 77 -31.72 17.62 -36.11
N ILE B 78 -31.33 16.45 -36.65
CA ILE B 78 -31.28 16.23 -38.10
C ILE B 78 -32.04 14.94 -38.44
N GLN B 79 -32.27 14.74 -39.75
CA GLN B 79 -32.98 13.56 -40.25
C GLN B 79 -32.07 12.32 -40.25
N GLY B 80 -32.57 11.22 -39.67
CA GLY B 80 -31.88 9.95 -39.68
C GLY B 80 -32.03 9.21 -41.01
N GLY B 81 -31.52 7.97 -41.04
CA GLY B 81 -31.51 7.16 -42.24
C GLY B 81 -32.42 5.93 -42.14
N SER B 82 -32.32 5.07 -43.17
CA SER B 82 -33.27 3.95 -43.26
C SER B 82 -32.83 2.74 -42.47
N ASP B 83 -31.56 2.69 -42.07
CA ASP B 83 -31.07 1.69 -41.14
C ASP B 83 -30.09 2.41 -40.22
N ARG B 84 -29.65 1.70 -39.18
CA ARG B 84 -28.88 2.35 -38.10
C ARG B 84 -27.58 2.95 -38.64
N ASN B 85 -26.85 2.19 -39.45
CA ASN B 85 -25.58 2.74 -39.96
C ASN B 85 -25.82 3.88 -40.94
N ASP B 86 -26.91 3.84 -41.69
CA ASP B 86 -27.26 5.02 -42.49
C ASP B 86 -27.54 6.26 -41.64
N THR B 87 -28.14 6.08 -40.45
CA THR B 87 -28.31 7.22 -39.56
C THR B 87 -26.97 7.75 -39.07
N ILE B 88 -26.05 6.85 -38.67
CA ILE B 88 -24.71 7.29 -38.27
C ILE B 88 -24.04 8.09 -39.39
N MET B 89 -24.12 7.58 -40.62
CA MET B 89 -23.47 8.29 -41.71
C MET B 89 -24.17 9.60 -42.05
N ASN B 90 -25.49 9.70 -41.82
CA ASN B 90 -26.16 11.00 -41.99
C ASN B 90 -25.55 12.03 -41.03
N ILE B 91 -25.27 11.59 -39.81
CA ILE B 91 -24.63 12.48 -38.84
C ILE B 91 -23.22 12.87 -39.30
N VAL B 92 -22.43 11.90 -39.76
CA VAL B 92 -21.08 12.18 -40.28
C VAL B 92 -21.15 13.18 -41.43
N LYS B 93 -22.06 12.95 -42.37
CA LYS B 93 -22.18 13.85 -43.52
C LYS B 93 -22.61 15.25 -43.09
N HIS B 94 -23.47 15.33 -42.08
CA HIS B 94 -23.89 16.64 -41.58
C HIS B 94 -22.70 17.39 -40.99
N ILE B 95 -21.86 16.70 -40.21
CA ILE B 95 -20.65 17.34 -39.68
C ILE B 95 -19.78 17.80 -40.82
N GLU B 96 -19.57 16.91 -41.81
CA GLU B 96 -18.72 17.27 -42.93
C GLU B 96 -19.23 18.49 -43.69
N SER B 97 -20.54 18.56 -43.98
CA SER B 97 -21.11 19.69 -44.72
C SER B 97 -21.21 20.95 -43.87
N THR B 98 -21.17 20.85 -42.55
CA THR B 98 -21.26 22.02 -41.68
C THR B 98 -19.90 22.59 -41.28
N ASN B 99 -19.08 21.78 -40.60
CA ASN B 99 -17.76 22.19 -40.13
C ASN B 99 -16.62 21.64 -40.97
N GLY B 100 -16.87 20.63 -41.81
CA GLY B 100 -15.73 19.91 -42.36
C GLY B 100 -15.16 18.97 -41.30
N ILE B 101 -14.35 17.99 -41.69
CA ILE B 101 -13.78 17.01 -40.76
C ILE B 101 -12.30 17.31 -40.52
N ASN B 102 -11.90 17.43 -39.26
CA ASN B 102 -10.48 17.53 -38.93
C ASN B 102 -9.90 16.12 -38.80
N ASP B 103 -8.58 16.03 -39.00
CA ASP B 103 -7.93 14.72 -38.96
C ASP B 103 -8.06 14.05 -37.60
N ASP B 104 -8.18 14.83 -36.53
CA ASP B 104 -8.28 14.26 -35.19
C ASP B 104 -9.72 14.18 -34.66
N ASP B 105 -10.74 14.52 -35.47
CA ASP B 105 -12.11 14.49 -34.99
C ASP B 105 -12.53 13.06 -34.63
N VAL B 106 -13.33 12.95 -33.58
CA VAL B 106 -13.91 11.68 -33.15
C VAL B 106 -15.40 11.88 -32.97
N ILE B 107 -16.15 10.78 -33.12
CA ILE B 107 -17.58 10.81 -32.94
C ILE B 107 -17.96 9.71 -31.95
N VAL B 108 -18.77 10.07 -30.97
CA VAL B 108 -19.32 9.13 -30.00
C VAL B 108 -20.76 8.82 -30.42
N THR B 109 -21.01 7.63 -30.98
CA THR B 109 -22.35 7.27 -31.43
C THR B 109 -23.03 6.45 -30.34
N HIS B 110 -24.32 6.69 -30.15
CA HIS B 110 -24.96 6.06 -29.00
C HIS B 110 -26.45 5.87 -29.23
N ASP B 111 -26.99 4.72 -28.79
CA ASP B 111 -28.44 4.45 -28.88
C ASP B 111 -29.24 5.42 -28.02
N ALA B 112 -30.23 6.05 -28.63
CA ALA B 112 -31.14 6.90 -27.85
C ALA B 112 -31.87 6.10 -26.78
N VAL B 113 -32.08 4.80 -27.03
CA VAL B 113 -32.84 3.94 -26.13
C VAL B 113 -31.93 3.25 -25.11
N ARG B 114 -30.73 3.81 -24.88
CA ARG B 114 -29.85 3.37 -23.79
C ARG B 114 -29.63 4.55 -22.85
N PRO B 115 -30.59 4.85 -21.98
CA PRO B 115 -30.52 6.08 -21.19
C PRO B 115 -29.60 6.01 -19.97
N PHE B 116 -29.01 4.85 -19.68
CA PHE B 116 -28.32 4.66 -18.41
C PHE B 116 -26.80 4.62 -18.54
N LEU B 117 -26.27 5.04 -19.68
CA LEU B 117 -24.82 5.21 -19.77
C LEU B 117 -24.36 6.26 -18.75
N THR B 118 -23.06 6.25 -18.43
CA THR B 118 -22.51 7.08 -17.37
C THR B 118 -21.46 8.05 -17.88
N HIS B 119 -21.15 9.04 -17.04
CA HIS B 119 -20.07 9.97 -17.32
C HIS B 119 -18.78 9.23 -17.66
N ARG B 120 -18.45 8.21 -16.84
CA ARG B 120 -17.23 7.40 -17.07
C ARG B 120 -17.24 6.74 -18.44
N ILE B 121 -18.35 6.10 -18.81
CA ILE B 121 -18.41 5.44 -20.11
C ILE B 121 -18.18 6.45 -21.26
N ILE B 122 -18.79 7.63 -21.19
CA ILE B 122 -18.59 8.59 -22.29
C ILE B 122 -17.13 9.04 -22.33
N LYS B 123 -16.56 9.38 -21.16
CA LYS B 123 -15.18 9.88 -21.13
C LYS B 123 -14.19 8.82 -21.60
N GLU B 124 -14.37 7.57 -21.18
CA GLU B 124 -13.49 6.50 -21.64
C GLU B 124 -13.64 6.28 -23.16
N ASN B 125 -14.88 6.39 -23.69
CA ASN B 125 -15.10 6.30 -25.13
C ASN B 125 -14.32 7.39 -25.88
N ILE B 126 -14.39 8.63 -25.41
CA ILE B 126 -13.68 9.72 -26.08
C ILE B 126 -12.19 9.45 -26.07
N GLN B 127 -11.64 9.13 -24.88
CA GLN B 127 -10.21 8.91 -24.80
C GLN B 127 -9.80 7.72 -25.64
N ALA B 128 -10.62 6.67 -25.68
CA ALA B 128 -10.27 5.49 -26.46
C ALA B 128 -10.27 5.80 -27.94
N ALA B 129 -11.23 6.59 -28.42
CA ALA B 129 -11.26 6.97 -29.82
C ALA B 129 -10.05 7.83 -30.18
N LEU B 130 -9.66 8.75 -29.29
CA LEU B 130 -8.49 9.59 -29.56
C LEU B 130 -7.23 8.75 -29.65
N GLU B 131 -7.11 7.73 -28.78
CA GLU B 131 -5.85 6.98 -28.76
C GLU B 131 -5.79 5.85 -29.80
N TYR B 132 -6.89 5.12 -30.02
CA TYR B 132 -6.90 3.87 -30.78
C TYR B 132 -7.77 3.94 -32.05
N GLY B 133 -8.60 4.95 -32.20
CA GLY B 133 -9.32 5.16 -33.42
C GLY B 133 -10.72 4.54 -33.46
N ALA B 134 -10.96 3.50 -32.68
CA ALA B 134 -12.25 2.81 -32.71
C ALA B 134 -12.47 2.08 -31.39
N VAL B 135 -13.70 2.11 -30.87
CA VAL B 135 -13.94 1.55 -29.54
C VAL B 135 -15.39 1.07 -29.46
N ASP B 136 -15.57 -0.02 -28.73
CA ASP B 136 -16.87 -0.61 -28.44
C ASP B 136 -17.07 -0.63 -26.95
N THR B 137 -18.25 -0.25 -26.49
CA THR B 137 -18.61 -0.38 -25.09
C THR B 137 -19.20 -1.77 -24.87
N VAL B 138 -18.58 -2.58 -23.99
CA VAL B 138 -19.00 -3.99 -23.85
C VAL B 138 -19.00 -4.39 -22.39
N ILE B 139 -19.71 -5.49 -22.08
CA ILE B 139 -19.57 -6.17 -20.81
C ILE B 139 -19.30 -7.66 -21.07
N ASP B 140 -18.74 -8.33 -20.05
CA ASP B 140 -18.61 -9.78 -20.12
C ASP B 140 -19.99 -10.36 -20.40
N ALA B 141 -20.07 -11.35 -21.30
CA ALA B 141 -21.37 -11.98 -21.58
C ALA B 141 -22.04 -12.45 -20.28
N ILE B 142 -23.31 -12.12 -20.15
CA ILE B 142 -24.01 -12.47 -18.92
C ILE B 142 -24.35 -13.96 -18.90
N ASP B 143 -24.69 -14.49 -20.06
CA ASP B 143 -24.99 -15.90 -20.26
C ASP B 143 -23.93 -16.56 -21.12
N THR B 144 -23.90 -17.89 -21.07
CA THR B 144 -23.25 -18.63 -22.12
C THR B 144 -23.90 -18.28 -23.47
N ILE B 145 -23.07 -18.03 -24.49
CA ILE B 145 -23.56 -17.74 -25.82
C ILE B 145 -23.64 -19.04 -26.60
N VAL B 146 -24.76 -19.23 -27.31
CA VAL B 146 -25.00 -20.39 -28.14
C VAL B 146 -25.26 -19.90 -29.56
N THR B 147 -24.80 -20.64 -30.56
CA THR B 147 -25.01 -20.31 -31.96
C THR B 147 -25.92 -21.35 -32.61
N SER B 148 -26.60 -20.94 -33.67
CA SER B 148 -27.43 -21.85 -34.42
C SER B 148 -27.48 -21.37 -35.87
N LYS B 149 -27.29 -22.29 -36.80
CA LYS B 149 -27.39 -21.94 -38.21
C LYS B 149 -28.73 -22.35 -38.77
N ASP B 150 -29.50 -23.13 -38.04
CA ASP B 150 -30.76 -23.61 -38.57
C ASP B 150 -31.93 -23.16 -37.73
N ASN B 151 -31.67 -22.37 -36.67
CA ASN B 151 -32.63 -21.81 -35.73
C ASN B 151 -33.41 -22.88 -34.97
N GLN B 152 -32.98 -24.11 -35.03
CA GLN B 152 -33.61 -25.26 -34.39
C GLN B 152 -32.69 -26.03 -33.47
N THR B 153 -31.39 -26.13 -33.81
CA THR B 153 -30.42 -26.93 -33.06
C THR B 153 -29.15 -26.10 -32.91
N ILE B 154 -28.37 -26.44 -31.89
CA ILE B 154 -27.11 -25.75 -31.65
C ILE B 154 -26.11 -26.10 -32.75
N ASP B 155 -25.45 -25.07 -33.29
CA ASP B 155 -24.29 -25.31 -34.12
C ASP B 155 -23.00 -25.33 -33.28
N ALA B 156 -22.80 -24.35 -32.41
CA ALA B 156 -21.59 -24.29 -31.58
C ALA B 156 -21.88 -23.60 -30.27
N ILE B 157 -21.04 -23.88 -29.28
CA ILE B 157 -21.01 -23.17 -28.01
C ILE B 157 -19.59 -22.66 -27.81
N PRO B 158 -19.32 -21.41 -28.12
CA PRO B 158 -17.94 -20.91 -28.01
C PRO B 158 -17.48 -20.86 -26.56
N VAL B 159 -16.17 -20.70 -26.40
CA VAL B 159 -15.58 -20.56 -25.07
C VAL B 159 -16.13 -19.30 -24.44
N ARG B 160 -16.76 -19.45 -23.28
CA ARG B 160 -17.56 -18.36 -22.73
C ARG B 160 -16.69 -17.16 -22.35
N ASN B 161 -15.47 -17.40 -21.86
CA ASN B 161 -14.64 -16.30 -21.40
C ASN B 161 -14.20 -15.36 -22.53
N GLU B 162 -14.41 -15.74 -23.79
CA GLU B 162 -14.11 -14.85 -24.91
C GLU B 162 -15.33 -14.09 -25.41
N MET B 163 -16.49 -14.28 -24.80
CA MET B 163 -17.73 -13.69 -25.30
C MET B 163 -18.12 -12.45 -24.52
N TYR B 164 -18.60 -11.43 -25.25
CA TYR B 164 -19.02 -10.16 -24.67
C TYR B 164 -20.34 -9.70 -25.27
N GLN B 165 -21.12 -9.00 -24.45
CA GLN B 165 -22.30 -8.34 -24.96
C GLN B 165 -21.96 -6.92 -25.39
N GLY B 166 -22.22 -6.61 -26.65
CA GLY B 166 -21.98 -5.27 -27.16
C GLY B 166 -23.02 -4.29 -26.66
N GLN B 167 -22.56 -3.15 -26.18
CA GLN B 167 -23.50 -2.09 -25.80
C GLN B 167 -23.19 -0.90 -26.69
N THR B 168 -23.62 0.30 -26.31
CA THR B 168 -23.11 1.53 -26.91
C THR B 168 -22.81 2.46 -25.75
N PRO B 169 -22.02 3.52 -25.97
CA PRO B 169 -21.48 4.09 -27.21
C PRO B 169 -20.53 3.19 -28.00
N GLN B 170 -20.45 3.50 -29.28
CA GLN B 170 -19.37 3.07 -30.15
C GLN B 170 -18.75 4.35 -30.70
N SER B 171 -17.42 4.48 -30.61
CA SER B 171 -16.83 5.77 -30.91
C SER B 171 -15.67 5.60 -31.89
N PHE B 172 -15.49 6.60 -32.76
CA PHE B 172 -14.56 6.43 -33.88
C PHE B 172 -13.92 7.76 -34.23
N ASN B 173 -12.68 7.68 -34.64
CA ASN B 173 -12.11 8.73 -35.48
C ASN B 173 -12.99 8.84 -36.73
N ILE B 174 -13.42 10.07 -37.05
CA ILE B 174 -14.43 10.22 -38.10
C ILE B 174 -13.88 9.77 -39.46
N ASN B 175 -12.65 10.18 -39.80
CA ASN B 175 -12.13 9.82 -41.11
C ASN B 175 -11.97 8.31 -41.23
N LEU B 176 -11.55 7.67 -40.15
CA LEU B 176 -11.43 6.22 -40.15
C LEU B 176 -12.78 5.55 -40.43
N LEU B 177 -13.82 6.04 -39.77
CA LEU B 177 -15.15 5.46 -39.96
C LEU B 177 -15.61 5.63 -41.38
N LYS B 178 -15.44 6.84 -41.91
CA LYS B 178 -15.86 7.16 -43.26
C LYS B 178 -15.15 6.26 -44.28
N GLU B 179 -13.83 6.18 -44.16
CA GLU B 179 -13.02 5.39 -45.10
C GLU B 179 -13.35 3.91 -45.01
N SER B 180 -13.51 3.38 -43.79
CA SER B 180 -13.90 1.98 -43.64
C SER B 180 -15.28 1.72 -44.24
N TYR B 181 -16.25 2.58 -43.96
CA TYR B 181 -17.61 2.34 -44.44
C TYR B 181 -17.65 2.35 -45.97
N ALA B 182 -16.83 3.23 -46.57
CA ALA B 182 -16.76 3.35 -48.02
C ALA B 182 -16.30 2.06 -48.71
N GLN B 183 -15.57 1.22 -47.99
CA GLN B 183 -15.11 -0.05 -48.56
C GLN B 183 -16.20 -1.12 -48.64
N LEU B 184 -17.28 -1.00 -47.89
CA LEU B 184 -18.21 -2.13 -47.81
C LEU B 184 -19.21 -2.14 -48.98
N SER B 185 -19.57 -3.36 -49.39
CA SER B 185 -20.59 -3.54 -50.43
C SER B 185 -21.99 -3.47 -49.81
N ASP B 186 -23.01 -3.42 -50.67
CA ASP B 186 -24.37 -3.37 -50.14
C ASP B 186 -24.70 -4.63 -49.35
N GLU B 187 -24.26 -5.80 -49.85
CA GLU B 187 -24.49 -7.04 -49.10
C GLU B 187 -23.76 -7.00 -47.74
N GLN B 188 -22.51 -6.54 -47.72
CA GLN B 188 -21.81 -6.45 -46.43
C GLN B 188 -22.53 -5.52 -45.48
N LYS B 189 -23.01 -4.37 -45.98
CA LYS B 189 -23.74 -3.47 -45.10
C LYS B 189 -25.05 -4.10 -44.59
N SER B 190 -25.69 -4.91 -45.42
CA SER B 190 -26.96 -5.54 -45.06
C SER B 190 -26.81 -6.44 -43.84
N ILE B 191 -25.63 -7.04 -43.68
CA ILE B 191 -25.42 -8.03 -42.62
C ILE B 191 -25.10 -7.42 -41.25
N LEU B 192 -24.72 -6.16 -41.22
CA LEU B 192 -24.26 -5.49 -40.01
C LEU B 192 -25.40 -5.22 -39.03
N SER B 193 -25.12 -5.44 -37.73
CA SER B 193 -26.05 -5.05 -36.67
C SER B 193 -25.52 -3.92 -35.78
N ASP B 194 -24.30 -3.46 -36.03
CA ASP B 194 -23.69 -2.39 -35.25
C ASP B 194 -22.74 -1.63 -36.17
N ALA B 195 -22.06 -0.64 -35.60
CA ALA B 195 -21.03 0.10 -36.34
C ALA B 195 -19.61 -0.45 -36.20
N CYS B 196 -19.26 -1.05 -35.05
CA CYS B 196 -17.89 -1.48 -34.88
C CYS B 196 -17.50 -2.57 -35.89
N LYS B 197 -18.47 -3.34 -36.39
CA LYS B 197 -18.07 -4.34 -37.38
C LYS B 197 -17.60 -3.72 -38.71
N ILE B 198 -18.03 -2.48 -39.03
CA ILE B 198 -17.46 -1.79 -40.19
C ILE B 198 -15.94 -1.81 -40.08
N ILE B 199 -15.44 -1.45 -38.89
CA ILE B 199 -14.00 -1.38 -38.62
C ILE B 199 -13.40 -2.77 -38.62
N VAL B 200 -14.04 -3.74 -37.93
CA VAL B 200 -13.47 -5.09 -37.88
C VAL B 200 -13.34 -5.69 -39.27
N GLU B 201 -14.37 -5.50 -40.10
CA GLU B 201 -14.41 -6.08 -41.43
C GLU B 201 -13.39 -5.45 -42.35
N THR B 202 -12.97 -4.21 -42.05
CA THR B 202 -11.89 -3.61 -42.85
C THR B 202 -10.52 -3.73 -42.18
N ASN B 203 -10.38 -4.69 -41.27
CA ASN B 203 -9.09 -5.08 -40.67
C ASN B 203 -8.36 -3.91 -40.00
N LYS B 204 -9.09 -3.14 -39.21
CA LYS B 204 -8.52 -2.17 -38.28
C LYS B 204 -8.97 -2.53 -36.87
N PRO B 205 -8.16 -2.20 -35.85
CA PRO B 205 -8.49 -2.62 -34.46
C PRO B 205 -9.68 -1.89 -33.89
N VAL B 206 -10.40 -2.57 -32.98
CA VAL B 206 -11.42 -1.90 -32.17
C VAL B 206 -11.09 -2.20 -30.72
N ARG B 207 -10.95 -1.16 -29.93
CA ARG B 207 -10.62 -1.29 -28.51
C ARG B 207 -11.88 -1.50 -27.69
N LEU B 208 -11.73 -2.09 -26.50
CA LEU B 208 -12.87 -2.33 -25.62
C LEU B 208 -12.87 -1.36 -24.44
N VAL B 209 -14.04 -0.80 -24.15
CA VAL B 209 -14.34 -0.06 -22.92
C VAL B 209 -15.47 -0.79 -22.16
N LYS B 210 -15.33 -0.92 -20.83
CA LYS B 210 -16.35 -1.65 -20.06
C LYS B 210 -17.62 -0.82 -19.89
N GLY B 211 -18.78 -1.44 -20.18
CA GLY B 211 -20.06 -0.80 -19.96
C GLY B 211 -20.54 -1.08 -18.53
N GLU B 212 -21.85 -1.30 -18.36
CA GLU B 212 -22.42 -1.60 -17.04
C GLU B 212 -23.58 -2.56 -17.23
N LEU B 213 -23.83 -3.36 -16.20
CA LEU B 213 -24.98 -4.27 -16.26
C LEU B 213 -26.29 -3.51 -16.47
N TYR B 214 -26.37 -2.26 -16.00
CA TYR B 214 -27.60 -1.47 -16.07
C TYR B 214 -27.67 -0.59 -17.32
N ASN B 215 -26.66 -0.65 -18.21
CA ASN B 215 -26.69 0.10 -19.48
C ASN B 215 -27.53 -0.66 -20.53
N ILE B 216 -28.77 -0.91 -20.15
CA ILE B 216 -29.66 -1.75 -20.94
C ILE B 216 -30.27 -0.94 -22.08
N LYS B 217 -30.73 -1.66 -23.08
CA LYS B 217 -31.43 -1.07 -24.22
C LYS B 217 -32.93 -1.23 -24.01
N VAL B 218 -33.67 -0.13 -24.07
CA VAL B 218 -35.09 -0.13 -23.76
C VAL B 218 -35.92 -0.27 -25.04
N THR B 219 -36.38 -1.48 -25.34
CA THR B 219 -37.17 -1.69 -26.57
C THR B 219 -38.48 -2.44 -26.39
N THR B 220 -38.71 -3.13 -25.26
CA THR B 220 -39.94 -3.88 -25.05
C THR B 220 -40.54 -3.43 -23.73
N PRO B 221 -41.82 -3.77 -23.49
CA PRO B 221 -42.41 -3.43 -22.18
C PRO B 221 -41.64 -3.98 -21.00
N TYR B 222 -41.05 -5.18 -21.14
CA TYR B 222 -40.22 -5.73 -20.06
C TYR B 222 -39.06 -4.79 -19.75
N ASP B 223 -38.36 -4.34 -20.80
CA ASP B 223 -37.24 -3.43 -20.59
C ASP B 223 -37.67 -2.15 -19.91
N LEU B 224 -38.86 -1.65 -20.21
CA LEU B 224 -39.33 -0.43 -19.57
C LEU B 224 -39.64 -0.66 -18.09
N LYS B 225 -40.13 -1.84 -17.74
CA LYS B 225 -40.29 -2.15 -16.31
C LYS B 225 -38.93 -2.14 -15.61
N VAL B 226 -37.93 -2.74 -16.26
CA VAL B 226 -36.58 -2.72 -15.69
C VAL B 226 -36.06 -1.29 -15.60
N ALA B 227 -36.31 -0.47 -16.63
CA ALA B 227 -35.83 0.90 -16.62
C ALA B 227 -36.45 1.67 -15.46
N ASN B 228 -37.75 1.47 -15.23
CA ASN B 228 -38.42 2.15 -14.13
C ASN B 228 -37.82 1.73 -12.79
N ALA B 229 -37.48 0.44 -12.66
CA ALA B 229 -36.83 -0.02 -11.44
C ALA B 229 -35.47 0.64 -11.26
N ILE B 230 -34.70 0.71 -12.34
CA ILE B 230 -33.37 1.33 -12.29
C ILE B 230 -33.49 2.78 -11.81
N ILE B 231 -34.48 3.51 -12.32
CA ILE B 231 -34.63 4.92 -11.95
C ILE B 231 -35.04 5.05 -10.48
N ARG B 232 -36.08 4.32 -10.07
CA ARG B 232 -36.54 4.44 -8.69
C ARG B 232 -35.48 3.97 -7.70
N GLY B 233 -34.65 2.99 -8.07
CA GLY B 233 -33.62 2.46 -7.20
C GLY B 233 -32.32 3.25 -7.15
N GLY B 234 -32.18 4.30 -7.95
CA GLY B 234 -30.92 5.02 -8.05
C GLY B 234 -29.76 4.18 -8.59
N ILE B 235 -30.05 3.10 -9.31
CA ILE B 235 -29.03 2.11 -9.64
C ILE B 235 -27.98 2.71 -10.59
N ALA B 236 -28.40 3.46 -11.59
CA ALA B 236 -27.50 3.94 -12.62
C ALA B 236 -26.70 5.18 -12.18
N MET C 1 24.12 19.07 -15.62
CA MET C 1 22.88 19.76 -15.38
C MET C 1 21.77 18.82 -14.92
N LYS C 2 20.78 19.37 -14.22
CA LYS C 2 19.71 18.58 -13.60
C LYS C 2 18.39 18.88 -14.30
N TYR C 3 17.72 17.81 -14.74
CA TYR C 3 16.47 17.88 -15.48
C TYR C 3 15.36 17.14 -14.74
N ALA C 4 14.13 17.61 -14.85
CA ALA C 4 12.98 16.91 -14.32
C ALA C 4 12.12 16.44 -15.49
N GLY C 5 11.62 15.19 -15.40
CA GLY C 5 10.74 14.69 -16.42
C GLY C 5 9.44 14.28 -15.77
N ILE C 6 8.37 15.01 -16.00
CA ILE C 6 7.08 14.72 -15.39
C ILE C 6 6.29 13.87 -16.39
N LEU C 7 5.90 12.67 -15.95
CA LEU C 7 5.28 11.67 -16.82
C LEU C 7 3.75 11.77 -16.68
N ALA C 8 3.12 12.29 -17.71
CA ALA C 8 1.67 12.49 -17.72
C ALA C 8 1.03 11.65 -18.81
N GLY C 9 1.36 10.34 -18.82
CA GLY C 9 0.81 9.47 -19.84
C GLY C 9 -0.59 8.96 -19.54
N GLY C 10 -1.14 9.35 -18.38
CA GLY C 10 -2.45 8.87 -17.95
C GLY C 10 -2.38 7.52 -17.27
N ILE C 11 -3.53 7.08 -16.76
CA ILE C 11 -3.67 5.82 -16.02
C ILE C 11 -4.61 4.92 -16.82
N GLY C 12 -4.11 3.75 -17.21
CA GLY C 12 -4.84 2.92 -18.14
C GLY C 12 -6.06 2.29 -17.50
N SER C 13 -7.19 2.32 -18.23
CA SER C 13 -8.34 1.56 -17.81
C SER C 13 -7.99 0.08 -17.74
N ARG C 14 -8.65 -0.65 -16.84
CA ARG C 14 -8.39 -2.08 -16.71
C ARG C 14 -8.77 -2.85 -17.98
N MET C 15 -10.02 -2.74 -18.42
CA MET C 15 -10.39 -3.23 -19.73
C MET C 15 -9.97 -2.19 -20.78
N GLY C 16 -9.21 -2.64 -21.78
CA GLY C 16 -8.83 -1.78 -22.88
C GLY C 16 -7.57 -0.96 -22.72
N ASN C 17 -7.03 -0.82 -21.50
CA ASN C 17 -5.84 0.03 -21.24
C ASN C 17 -5.99 1.41 -21.90
N VAL C 18 -7.15 2.01 -21.73
CA VAL C 18 -7.37 3.34 -22.30
C VAL C 18 -6.75 4.38 -21.38
N PRO C 19 -5.93 5.29 -21.90
CA PRO C 19 -5.26 6.30 -21.05
C PRO C 19 -6.28 7.30 -20.50
N LEU C 20 -6.33 7.44 -19.19
CA LEU C 20 -7.28 8.38 -18.65
C LEU C 20 -6.51 9.52 -18.00
N PRO C 21 -6.83 10.79 -18.32
CA PRO C 21 -6.03 11.93 -17.81
C PRO C 21 -6.32 12.26 -16.36
N LYS C 22 -5.98 11.32 -15.47
CA LYS C 22 -6.33 11.53 -14.07
C LYS C 22 -5.56 12.70 -13.47
N GLN C 23 -4.45 13.11 -14.10
CA GLN C 23 -3.67 14.24 -13.57
C GLN C 23 -4.40 15.57 -13.67
N PHE C 24 -5.49 15.64 -14.45
CA PHE C 24 -6.30 16.84 -14.49
C PHE C 24 -7.40 16.82 -13.45
N LEU C 25 -7.52 15.75 -12.66
CA LEU C 25 -8.56 15.74 -11.65
C LEU C 25 -8.27 16.79 -10.61
N ASP C 26 -9.36 17.34 -10.09
CA ASP C 26 -9.30 18.52 -9.25
C ASP C 26 -9.02 18.06 -7.82
N LEU C 27 -8.03 18.68 -7.19
CA LEU C 27 -7.68 18.39 -5.78
C LEU C 27 -7.65 19.72 -5.05
N ASP C 28 -8.68 19.97 -4.25
CA ASP C 28 -8.79 21.22 -3.50
C ASP C 28 -8.66 22.42 -4.45
N ASN C 29 -9.40 22.33 -5.56
CA ASN C 29 -9.56 23.42 -6.53
C ASN C 29 -8.33 23.68 -7.38
N LYS C 30 -7.49 22.67 -7.58
CA LYS C 30 -6.33 22.77 -8.45
C LYS C 30 -6.10 21.38 -9.00
N PRO C 31 -5.87 21.24 -10.31
CA PRO C 31 -5.61 19.91 -10.87
C PRO C 31 -4.39 19.29 -10.21
N ILE C 32 -4.44 17.96 -10.06
CA ILE C 32 -3.33 17.20 -9.48
C ILE C 32 -2.00 17.57 -10.14
N LEU C 33 -1.99 17.69 -11.48
CA LEU C 33 -0.77 18.02 -12.24
C LEU C 33 -0.12 19.30 -11.71
N ILE C 34 -0.93 20.30 -11.39
CA ILE C 34 -0.41 21.57 -10.94
C ILE C 34 0.22 21.43 -9.55
N HIS C 35 -0.45 20.71 -8.65
CA HIS C 35 0.15 20.42 -7.34
C HIS C 35 1.53 19.79 -7.51
N THR C 36 1.63 18.81 -8.40
CA THR C 36 2.91 18.13 -8.60
C THR C 36 3.97 19.08 -9.14
N LEU C 37 3.60 19.88 -10.15
CA LEU C 37 4.55 20.79 -10.78
C LEU C 37 5.08 21.83 -9.81
N GLU C 38 4.23 22.31 -8.90
CA GLU C 38 4.66 23.35 -7.97
C GLU C 38 5.83 22.88 -7.10
N LYS C 39 5.84 21.59 -6.73
CA LYS C 39 6.97 21.06 -5.96
C LYS C 39 8.27 21.14 -6.75
N PHE C 40 8.22 20.90 -8.06
CA PHE C 40 9.42 20.93 -8.88
C PHE C 40 9.85 22.36 -9.21
N ILE C 41 8.88 23.27 -9.41
CA ILE C 41 9.23 24.67 -9.65
C ILE C 41 9.99 25.27 -8.47
N LEU C 42 9.70 24.80 -7.25
CA LEU C 42 10.44 25.29 -6.10
C LEU C 42 11.90 24.88 -6.10
N ILE C 43 12.32 23.95 -6.96
CA ILE C 43 13.71 23.51 -6.99
C ILE C 43 14.42 24.36 -8.04
N ASN C 44 15.22 25.31 -7.59
CA ASN C 44 15.89 26.20 -8.53
C ASN C 44 16.97 25.50 -9.34
N ASP C 45 17.44 24.35 -8.87
CA ASP C 45 18.58 23.71 -9.51
C ASP C 45 18.21 23.01 -10.82
N PHE C 46 16.93 22.87 -11.15
CA PHE C 46 16.55 22.25 -12.41
C PHE C 46 16.82 23.20 -13.57
N GLU C 47 17.46 22.68 -14.63
CA GLU C 47 17.62 23.42 -15.88
C GLU C 47 16.31 23.51 -16.65
N LYS C 48 15.57 22.39 -16.74
CA LYS C 48 14.28 22.35 -17.42
C LYS C 48 13.39 21.39 -16.65
N ILE C 49 12.10 21.66 -16.68
CA ILE C 49 11.07 20.78 -16.14
C ILE C 49 10.15 20.40 -17.29
N ILE C 50 10.28 19.17 -17.78
CA ILE C 50 9.68 18.75 -19.03
C ILE C 50 8.49 17.85 -18.71
N ILE C 51 7.32 18.22 -19.19
CA ILE C 51 6.11 17.40 -19.02
C ILE C 51 5.90 16.62 -20.31
N ALA C 52 5.85 15.29 -20.24
CA ALA C 52 5.58 14.49 -21.43
C ALA C 52 4.19 13.88 -21.35
N THR C 53 3.39 14.09 -22.40
CA THR C 53 1.99 13.72 -22.35
C THR C 53 1.52 13.36 -23.76
N PRO C 54 0.45 12.57 -23.89
CA PRO C 54 -0.04 12.23 -25.25
C PRO C 54 -0.38 13.47 -26.06
N GLN C 55 -0.15 13.37 -27.37
CA GLN C 55 -0.42 14.49 -28.28
C GLN C 55 -1.80 15.10 -28.03
N GLN C 56 -2.82 14.26 -27.80
CA GLN C 56 -4.18 14.74 -27.66
C GLN C 56 -4.41 15.51 -26.38
N TRP C 57 -3.47 15.50 -25.41
CA TRP C 57 -3.62 16.24 -24.17
C TRP C 57 -2.70 17.46 -24.09
N MET C 58 -1.88 17.69 -25.12
CA MET C 58 -0.85 18.74 -25.02
C MET C 58 -1.48 20.14 -24.91
N THR C 59 -2.50 20.41 -25.72
CA THR C 59 -3.14 21.72 -25.70
C THR C 59 -3.81 22.00 -24.36
N HIS C 60 -4.57 21.04 -23.85
CA HIS C 60 -5.20 21.23 -22.55
C HIS C 60 -4.15 21.41 -21.45
N THR C 61 -3.00 20.73 -21.57
CA THR C 61 -1.95 20.91 -20.58
C THR C 61 -1.43 22.35 -20.60
N LYS C 62 -1.15 22.88 -21.80
CA LYS C 62 -0.71 24.27 -21.90
C LYS C 62 -1.77 25.24 -21.40
N ASP C 63 -3.04 24.97 -21.72
CA ASP C 63 -4.12 25.82 -21.24
C ASP C 63 -4.20 25.82 -19.71
N THR C 64 -4.04 24.66 -19.10
CA THR C 64 -4.12 24.56 -17.64
C THR C 64 -2.95 25.28 -16.99
N LEU C 65 -1.74 25.14 -17.56
CA LEU C 65 -0.61 25.93 -17.08
C LEU C 65 -0.94 27.41 -17.10
N ARG C 66 -1.54 27.88 -18.20
CA ARG C 66 -1.88 29.29 -18.29
C ARG C 66 -2.94 29.68 -17.25
N LYS C 67 -3.94 28.82 -17.06
CA LYS C 67 -5.02 29.18 -16.14
C LYS C 67 -4.51 29.32 -14.71
N PHE C 68 -3.54 28.51 -14.33
CA PHE C 68 -2.99 28.57 -12.99
C PHE C 68 -1.70 29.37 -12.96
N LYS C 69 -1.48 30.18 -14.00
CA LYS C 69 -0.53 31.27 -13.96
C LYS C 69 0.91 30.76 -13.76
N ILE C 70 1.17 29.56 -14.29
CA ILE C 70 2.47 28.90 -14.23
C ILE C 70 3.30 29.41 -15.40
N SER C 71 4.18 30.38 -15.15
CA SER C 71 4.89 31.06 -16.22
C SER C 71 6.38 30.72 -16.28
N ASP C 72 6.89 29.90 -15.36
CA ASP C 72 8.32 29.58 -15.32
C ASP C 72 8.82 29.11 -16.68
N GLU C 73 9.85 29.80 -17.19
CA GLU C 73 10.37 29.52 -18.53
C GLU C 73 11.02 28.14 -18.64
N ARG C 74 11.32 27.49 -17.54
CA ARG C 74 11.92 26.17 -17.59
C ARG C 74 10.92 25.07 -17.94
N ILE C 75 9.62 25.35 -17.90
CA ILE C 75 8.63 24.32 -18.13
C ILE C 75 8.41 24.14 -19.63
N GLU C 76 8.40 22.89 -20.08
CA GLU C 76 8.14 22.55 -21.48
C GLU C 76 7.16 21.39 -21.54
N VAL C 77 6.22 21.43 -22.48
CA VAL C 77 5.29 20.31 -22.70
C VAL C 77 5.68 19.64 -24.02
N ILE C 78 5.98 18.35 -23.99
CA ILE C 78 6.35 17.63 -25.21
C ILE C 78 5.47 16.40 -25.32
N GLN C 79 5.48 15.82 -26.53
CA GLN C 79 4.70 14.63 -26.84
C GLN C 79 5.32 13.38 -26.24
N GLY C 80 4.50 12.60 -25.57
CA GLY C 80 4.93 11.33 -24.99
C GLY C 80 5.06 10.21 -26.03
N GLY C 81 5.39 9.02 -25.53
CA GLY C 81 5.70 7.88 -26.34
C GLY C 81 4.63 6.81 -26.26
N SER C 82 4.99 5.60 -26.73
CA SER C 82 4.04 4.49 -26.82
C SER C 82 3.86 3.74 -25.51
N ASP C 83 4.73 3.96 -24.53
CA ASP C 83 4.63 3.40 -23.19
C ASP C 83 5.47 4.26 -22.25
N ARG C 84 5.46 3.91 -20.97
CA ARG C 84 6.08 4.78 -19.97
C ARG C 84 7.59 4.94 -20.18
N ASN C 85 8.30 3.82 -20.41
CA ASN C 85 9.75 3.96 -20.59
C ASN C 85 10.08 4.68 -21.88
N ASP C 86 9.32 4.41 -22.94
CA ASP C 86 9.49 5.15 -24.20
C ASP C 86 9.22 6.63 -24.04
N THR C 87 8.27 7.01 -23.16
CA THR C 87 8.02 8.40 -22.87
C THR C 87 9.23 9.04 -22.13
N ILE C 88 9.80 8.32 -21.15
CA ILE C 88 11.04 8.80 -20.55
C ILE C 88 12.09 9.04 -21.65
N MET C 89 12.21 8.08 -22.59
CA MET C 89 13.23 8.24 -23.62
C MET C 89 12.92 9.40 -24.57
N ASN C 90 11.65 9.72 -24.78
CA ASN C 90 11.31 10.95 -25.51
C ASN C 90 11.82 12.19 -24.79
N ILE C 91 11.74 12.21 -23.45
CA ILE C 91 12.29 13.35 -22.71
C ILE C 91 13.81 13.40 -22.89
N VAL C 92 14.48 12.25 -22.79
CA VAL C 92 15.94 12.21 -23.00
C VAL C 92 16.30 12.74 -24.39
N LYS C 93 15.58 12.28 -25.42
CA LYS C 93 15.83 12.72 -26.80
C LYS C 93 15.59 14.21 -26.98
N HIS C 94 14.57 14.75 -26.28
CA HIS C 94 14.33 16.18 -26.35
C HIS C 94 15.49 16.98 -25.76
N ILE C 95 16.02 16.53 -24.62
CA ILE C 95 17.19 17.18 -24.03
C ILE C 95 18.37 17.13 -25.01
N GLU C 96 18.59 15.96 -25.62
CA GLU C 96 19.71 15.79 -26.55
C GLU C 96 19.57 16.74 -27.73
N SER C 97 18.37 16.88 -28.29
CA SER C 97 18.23 17.77 -29.44
C SER C 97 18.24 19.25 -29.03
N THR C 98 17.90 19.59 -27.80
CA THR C 98 17.86 21.01 -27.42
C THR C 98 19.19 21.49 -26.84
N ASN C 99 19.63 20.90 -25.71
CA ASN C 99 20.91 21.30 -25.11
C ASN C 99 22.05 20.35 -25.43
N GLY C 100 21.77 19.10 -25.83
CA GLY C 100 22.78 18.07 -25.84
C GLY C 100 22.99 17.54 -24.42
N ILE C 101 23.44 16.30 -24.27
CA ILE C 101 23.55 15.66 -22.96
C ILE C 101 24.99 15.76 -22.44
N ASN C 102 25.19 16.29 -21.22
CA ASN C 102 26.51 16.27 -20.59
C ASN C 102 26.66 15.00 -19.77
N ASP C 103 27.90 14.55 -19.61
CA ASP C 103 28.13 13.29 -18.90
C ASP C 103 27.74 13.38 -17.42
N ASP C 104 27.67 14.58 -16.84
CA ASP C 104 27.23 14.67 -15.44
C ASP C 104 25.72 14.96 -15.31
N ASP C 105 24.98 15.03 -16.42
CA ASP C 105 23.55 15.34 -16.35
C ASP C 105 22.76 14.24 -15.66
N VAL C 106 21.75 14.62 -14.90
CA VAL C 106 20.83 13.67 -14.30
C VAL C 106 19.39 14.08 -14.61
N ILE C 107 18.49 13.10 -14.60
CA ILE C 107 17.07 13.35 -14.84
C ILE C 107 16.29 12.74 -13.69
N VAL C 108 15.37 13.52 -13.13
CA VAL C 108 14.48 13.09 -12.07
C VAL C 108 13.12 12.83 -12.73
N THR C 109 12.73 11.57 -12.89
CA THR C 109 11.43 11.25 -13.50
C THR C 109 10.41 10.99 -12.42
N HIS C 110 9.18 11.44 -12.63
CA HIS C 110 8.16 11.42 -11.57
C HIS C 110 6.75 11.37 -12.15
N ASP C 111 5.89 10.61 -11.49
CA ASP C 111 4.49 10.51 -11.86
C ASP C 111 3.77 11.85 -11.71
N ALA C 112 3.03 12.26 -12.73
CA ALA C 112 2.24 13.47 -12.59
C ALA C 112 1.19 13.34 -11.49
N VAL C 113 0.73 12.12 -11.20
CA VAL C 113 -0.32 11.92 -10.18
C VAL C 113 0.25 11.59 -8.80
N ARG C 114 1.50 11.96 -8.52
CA ARG C 114 2.09 11.83 -7.18
C ARG C 114 2.40 13.24 -6.68
N PRO C 115 1.38 13.97 -6.19
CA PRO C 115 1.58 15.39 -5.84
C PRO C 115 2.19 15.63 -4.48
N PHE C 116 2.39 14.58 -3.68
CA PHE C 116 2.75 14.76 -2.28
C PHE C 116 4.20 14.47 -1.99
N LEU C 117 5.03 14.29 -3.03
CA LEU C 117 6.46 14.21 -2.80
C LEU C 117 6.94 15.52 -2.19
N THR C 118 8.11 15.45 -1.56
CA THR C 118 8.63 16.53 -0.75
C THR C 118 9.95 17.06 -1.28
N HIS C 119 10.31 18.24 -0.79
CA HIS C 119 11.62 18.82 -1.06
C HIS C 119 12.73 17.84 -0.74
N ARG C 120 12.67 17.18 0.43
CA ARG C 120 13.68 16.18 0.79
C ARG C 120 13.78 15.07 -0.24
N ILE C 121 12.62 14.53 -0.67
CA ILE C 121 12.66 13.44 -1.64
C ILE C 121 13.34 13.88 -2.93
N ILE C 122 12.99 15.08 -3.41
CA ILE C 122 13.58 15.54 -4.67
C ILE C 122 15.07 15.78 -4.49
N LYS C 123 15.46 16.42 -3.37
CA LYS C 123 16.86 16.72 -3.16
C LYS C 123 17.68 15.44 -3.04
N GLU C 124 17.17 14.45 -2.29
CA GLU C 124 17.89 13.19 -2.14
C GLU C 124 17.97 12.45 -3.48
N ASN C 125 16.91 12.51 -4.29
CA ASN C 125 16.96 11.90 -5.62
C ASN C 125 18.06 12.52 -6.46
N ILE C 126 18.13 13.86 -6.47
CA ILE C 126 19.19 14.53 -7.20
C ILE C 126 20.56 14.09 -6.70
N GLN C 127 20.78 14.15 -5.37
CA GLN C 127 22.10 13.84 -4.82
C GLN C 127 22.48 12.38 -5.08
N ALA C 128 21.50 11.46 -4.96
CA ALA C 128 21.72 10.05 -5.22
C ALA C 128 22.06 9.79 -6.69
N ALA C 129 21.38 10.48 -7.62
CA ALA C 129 21.69 10.30 -9.04
C ALA C 129 23.08 10.84 -9.36
N LEU C 130 23.43 11.98 -8.79
CA LEU C 130 24.78 12.52 -9.01
C LEU C 130 25.85 11.57 -8.50
N GLU C 131 25.60 10.95 -7.33
CA GLU C 131 26.65 10.15 -6.71
C GLU C 131 26.70 8.71 -7.22
N TYR C 132 25.54 8.07 -7.47
CA TYR C 132 25.47 6.64 -7.75
C TYR C 132 24.92 6.27 -9.12
N GLY C 133 24.31 7.21 -9.86
CA GLY C 133 23.91 6.95 -11.22
C GLY C 133 22.47 6.51 -11.42
N ALA C 134 21.84 5.89 -10.43
CA ALA C 134 20.48 5.39 -10.60
C ALA C 134 19.84 5.25 -9.22
N VAL C 135 18.58 5.64 -9.09
CA VAL C 135 17.94 5.67 -7.79
C VAL C 135 16.44 5.42 -7.94
N ASP C 136 15.91 4.70 -6.94
CA ASP C 136 14.48 4.43 -6.80
C ASP C 136 14.01 5.01 -5.47
N THR C 137 12.87 5.69 -5.50
CA THR C 137 12.24 6.15 -4.27
C THR C 137 11.31 5.06 -3.72
N VAL C 138 11.59 4.57 -2.52
CA VAL C 138 10.87 3.44 -1.96
C VAL C 138 10.50 3.63 -0.50
N ILE C 139 9.53 2.83 -0.04
CA ILE C 139 9.24 2.67 1.38
C ILE C 139 9.19 1.19 1.72
N ASP C 140 9.43 0.89 3.00
CA ASP C 140 9.28 -0.49 3.47
C ASP C 140 7.89 -1.02 3.15
N ALA C 141 7.82 -2.28 2.70
CA ALA C 141 6.51 -2.89 2.44
C ALA C 141 5.64 -2.86 3.68
N ILE C 142 4.41 -2.37 3.50
CA ILE C 142 3.46 -2.21 4.57
C ILE C 142 2.79 -3.54 4.92
N ASP C 143 2.41 -4.30 3.91
CA ASP C 143 1.82 -5.63 3.98
C ASP C 143 2.84 -6.69 3.60
N THR C 144 2.53 -7.92 4.01
CA THR C 144 3.17 -9.10 3.46
C THR C 144 2.91 -9.20 1.97
N ILE C 145 3.95 -9.46 1.18
CA ILE C 145 3.81 -9.62 -0.26
C ILE C 145 3.55 -11.09 -0.57
N VAL C 146 2.58 -11.35 -1.44
CA VAL C 146 2.19 -12.69 -1.88
C VAL C 146 2.20 -12.69 -3.40
N THR C 147 2.59 -13.81 -4.00
CA THR C 147 2.57 -13.91 -5.45
C THR C 147 1.54 -14.95 -5.88
N SER C 148 1.03 -14.78 -7.09
CA SER C 148 0.12 -15.75 -7.67
C SER C 148 0.26 -15.68 -9.18
N LYS C 149 0.31 -16.84 -9.83
CA LYS C 149 0.41 -16.88 -11.26
C LYS C 149 -0.95 -17.07 -11.93
N ASP C 150 -2.00 -17.33 -11.16
CA ASP C 150 -3.31 -17.63 -11.72
C ASP C 150 -4.45 -16.79 -11.16
N ASN C 151 -4.20 -15.85 -10.26
CA ASN C 151 -5.27 -15.08 -9.61
C ASN C 151 -6.21 -15.97 -8.80
N GLN C 152 -5.79 -17.18 -8.45
CA GLN C 152 -6.69 -18.07 -7.69
C GLN C 152 -6.05 -18.63 -6.43
N THR C 153 -4.76 -18.99 -6.48
CA THR C 153 -4.06 -19.61 -5.37
C THR C 153 -2.71 -18.94 -5.19
N ILE C 154 -2.16 -19.08 -3.98
CA ILE C 154 -0.82 -18.56 -3.72
C ILE C 154 0.21 -19.40 -4.46
N ASP C 155 1.18 -18.72 -5.10
CA ASP C 155 2.37 -19.37 -5.60
C ASP C 155 3.49 -19.39 -4.56
N ALA C 156 3.84 -18.22 -4.01
CA ALA C 156 4.90 -18.12 -3.02
C ALA C 156 4.65 -16.94 -2.09
N ILE C 157 5.27 -16.98 -0.92
CA ILE C 157 5.29 -15.85 0.00
C ILE C 157 6.74 -15.48 0.29
N PRO C 158 7.27 -14.46 -0.37
CA PRO C 158 8.68 -14.08 -0.19
C PRO C 158 8.98 -13.57 1.22
N VAL C 159 10.28 -13.47 1.49
CA VAL C 159 10.77 -12.94 2.76
C VAL C 159 10.35 -11.48 2.90
N ARG C 160 9.53 -11.20 3.93
CA ARG C 160 8.91 -9.88 4.06
C ARG C 160 9.93 -8.77 4.34
N ASN C 161 10.97 -9.06 5.13
CA ASN C 161 11.90 -7.99 5.53
C ASN C 161 12.73 -7.44 4.38
N GLU C 162 12.72 -8.11 3.23
CA GLU C 162 13.42 -7.63 2.05
C GLU C 162 12.53 -6.87 1.10
N MET C 163 11.25 -6.64 1.44
CA MET C 163 10.29 -6.09 0.49
C MET C 163 10.08 -4.58 0.68
N TYR C 164 10.02 -3.86 -0.43
CA TYR C 164 9.78 -2.43 -0.48
C TYR C 164 8.73 -2.13 -1.51
N GLN C 165 7.95 -1.10 -1.24
CA GLN C 165 6.99 -0.57 -2.20
C GLN C 165 7.69 0.51 -3.04
N GLY C 166 7.75 0.33 -4.36
CA GLY C 166 8.32 1.35 -5.23
C GLY C 166 7.41 2.56 -5.36
N GLN C 167 8.00 3.76 -5.28
CA GLN C 167 7.26 4.98 -5.60
C GLN C 167 8.00 5.68 -6.76
N THR C 168 7.75 6.97 -6.94
CA THR C 168 8.65 7.80 -7.73
C THR C 168 8.92 9.05 -6.88
N PRO C 169 9.97 9.81 -7.19
CA PRO C 169 10.87 9.78 -8.33
C PRO C 169 11.69 8.53 -8.53
N GLN C 170 12.08 8.35 -9.79
CA GLN C 170 13.18 7.48 -10.15
C GLN C 170 14.17 8.33 -10.94
N SER C 171 15.43 8.35 -10.52
CA SER C 171 16.35 9.31 -11.10
C SER C 171 17.64 8.63 -11.58
N PHE C 172 18.24 9.19 -12.63
CA PHE C 172 19.30 8.50 -13.35
C PHE C 172 20.31 9.50 -13.90
N ASN C 173 21.58 9.09 -13.93
CA ASN C 173 22.51 9.73 -14.86
C ASN C 173 21.99 9.47 -16.27
N ILE C 174 21.89 10.52 -17.08
CA ILE C 174 21.17 10.38 -18.35
C ILE C 174 21.90 9.42 -19.30
N ASN C 175 23.22 9.54 -19.43
CA ASN C 175 23.93 8.66 -20.35
C ASN C 175 23.88 7.20 -19.88
N LEU C 176 23.93 7.00 -18.56
CA LEU C 176 23.80 5.64 -18.03
C LEU C 176 22.46 5.03 -18.44
N LEU C 177 21.37 5.78 -18.28
CA LEU C 177 20.05 5.31 -18.67
C LEU C 177 20.00 4.99 -20.17
N LYS C 178 20.57 5.88 -20.99
CA LYS C 178 20.57 5.69 -22.43
C LYS C 178 21.30 4.41 -22.82
N GLU C 179 22.50 4.20 -22.26
CA GLU C 179 23.29 3.00 -22.56
C GLU C 179 22.57 1.73 -22.11
N SER C 180 21.98 1.74 -20.90
CA SER C 180 21.27 0.56 -20.44
C SER C 180 20.06 0.25 -21.32
N TYR C 181 19.27 1.27 -21.67
CA TYR C 181 18.10 1.03 -22.50
C TYR C 181 18.51 0.46 -23.86
N ALA C 182 19.60 0.99 -24.44
CA ALA C 182 20.09 0.46 -25.71
C ALA C 182 20.55 -0.98 -25.59
N GLN C 183 20.94 -1.45 -24.39
CA GLN C 183 21.34 -2.85 -24.29
C GLN C 183 20.17 -3.81 -24.40
N LEU C 184 18.96 -3.35 -24.11
CA LEU C 184 17.80 -4.23 -24.02
C LEU C 184 17.21 -4.52 -25.39
N SER C 185 16.63 -5.72 -25.52
CA SER C 185 15.99 -6.11 -26.75
C SER C 185 14.56 -5.55 -26.82
N ASP C 186 13.96 -5.66 -28.00
CA ASP C 186 12.59 -5.20 -28.16
C ASP C 186 11.65 -6.02 -27.29
N GLU C 187 11.91 -7.31 -27.17
CA GLU C 187 11.10 -8.18 -26.32
C GLU C 187 11.24 -7.81 -24.84
N GLN C 188 12.48 -7.59 -24.38
CA GLN C 188 12.71 -7.20 -23.00
C GLN C 188 12.02 -5.89 -22.66
N LYS C 189 12.11 -4.90 -23.56
CA LYS C 189 11.47 -3.62 -23.30
C LYS C 189 9.97 -3.75 -23.15
N SER C 190 9.36 -4.67 -23.91
CA SER C 190 7.92 -4.92 -23.81
C SER C 190 7.51 -5.37 -22.42
N ILE C 191 8.39 -6.10 -21.72
CA ILE C 191 8.01 -6.64 -20.43
C ILE C 191 8.17 -5.61 -19.33
N LEU C 192 9.03 -4.61 -19.55
CA LEU C 192 9.29 -3.62 -18.53
C LEU C 192 8.20 -2.55 -18.52
N SER C 193 7.67 -2.25 -17.34
CA SER C 193 6.79 -1.13 -17.08
C SER C 193 7.45 -0.14 -16.12
N ASP C 194 8.68 -0.43 -15.68
CA ASP C 194 9.35 0.34 -14.65
C ASP C 194 10.71 0.77 -15.17
N ALA C 195 11.16 1.93 -14.72
CA ALA C 195 12.40 2.44 -15.30
C ALA C 195 13.63 1.93 -14.57
N CYS C 196 13.54 1.76 -13.26
CA CYS C 196 14.70 1.26 -12.54
C CYS C 196 15.04 -0.18 -12.97
N LYS C 197 14.04 -0.95 -13.49
CA LYS C 197 14.35 -2.31 -13.93
C LYS C 197 15.25 -2.32 -15.18
N ILE C 198 15.20 -1.27 -16.02
CA ILE C 198 16.18 -1.14 -17.10
C ILE C 198 17.60 -1.28 -16.55
N ILE C 199 17.87 -0.54 -15.48
CA ILE C 199 19.18 -0.53 -14.86
C ILE C 199 19.48 -1.88 -14.22
N VAL C 200 18.53 -2.42 -13.44
CA VAL C 200 18.77 -3.70 -12.77
C VAL C 200 19.08 -4.78 -13.79
N GLU C 201 18.32 -4.82 -14.90
CA GLU C 201 18.48 -5.87 -15.89
C GLU C 201 19.80 -5.77 -16.64
N THR C 202 20.39 -4.58 -16.72
CA THR C 202 21.73 -4.47 -17.27
C THR C 202 22.83 -4.52 -16.20
N ASN C 203 22.51 -5.08 -15.03
CA ASN C 203 23.49 -5.35 -13.98
C ASN C 203 24.29 -4.11 -13.58
N LYS C 204 23.61 -3.00 -13.38
CA LYS C 204 24.19 -1.82 -12.77
C LYS C 204 23.41 -1.49 -11.52
N PRO C 205 24.05 -0.89 -10.51
CA PRO C 205 23.34 -0.69 -9.24
C PRO C 205 22.28 0.40 -9.33
N VAL C 206 21.25 0.22 -8.51
CA VAL C 206 20.21 1.23 -8.28
C VAL C 206 20.16 1.48 -6.77
N ARG C 207 20.38 2.73 -6.37
CA ARG C 207 20.39 3.08 -4.95
C ARG C 207 18.98 3.34 -4.44
N LEU C 208 18.77 3.22 -3.11
CA LEU C 208 17.47 3.47 -2.50
C LEU C 208 17.41 4.84 -1.81
N VAL C 209 16.34 5.59 -2.08
CA VAL C 209 15.98 6.81 -1.36
C VAL C 209 14.63 6.57 -0.69
N LYS C 210 14.49 6.95 0.58
CA LYS C 210 13.22 6.71 1.29
C LYS C 210 12.14 7.70 0.88
N GLY C 211 10.96 7.17 0.50
CA GLY C 211 9.82 8.02 0.18
C GLY C 211 9.02 8.40 1.41
N GLU C 212 7.70 8.50 1.26
CA GLU C 212 6.85 8.83 2.39
C GLU C 212 5.58 8.01 2.25
N LEU C 213 4.95 7.68 3.39
CA LEU C 213 3.71 6.93 3.35
C LEU C 213 2.64 7.70 2.58
N TYR C 214 2.71 9.02 2.60
CA TYR C 214 1.71 9.85 1.95
C TYR C 214 2.05 10.16 0.50
N ASN C 215 3.17 9.63 -0.03
CA ASN C 215 3.55 9.91 -1.42
C ASN C 215 2.79 9.00 -2.38
N ILE C 216 1.47 9.08 -2.29
CA ILE C 216 0.61 8.13 -2.97
C ILE C 216 0.43 8.56 -4.42
N LYS C 217 0.04 7.58 -5.25
CA LYS C 217 -0.34 7.79 -6.65
C LYS C 217 -1.85 7.93 -6.63
N VAL C 218 -2.36 9.08 -7.10
CA VAL C 218 -3.80 9.35 -6.99
C VAL C 218 -4.43 8.90 -8.31
N THR C 219 -4.96 7.66 -8.31
CA THR C 219 -5.40 6.98 -9.52
C THR C 219 -6.83 6.46 -9.47
N THR C 220 -7.47 6.44 -8.31
CA THR C 220 -8.82 5.94 -8.12
C THR C 220 -9.64 6.97 -7.36
N PRO C 221 -10.98 6.87 -7.38
CA PRO C 221 -11.79 7.78 -6.54
C PRO C 221 -11.46 7.66 -5.05
N TYR C 222 -11.14 6.45 -4.58
CA TYR C 222 -10.69 6.28 -3.20
C TYR C 222 -9.42 7.08 -2.93
N ASP C 223 -8.44 6.97 -3.83
CA ASP C 223 -7.21 7.73 -3.63
C ASP C 223 -7.47 9.22 -3.62
N LEU C 224 -8.45 9.70 -4.39
CA LEU C 224 -8.75 11.12 -4.36
C LEU C 224 -9.38 11.54 -3.04
N LYS C 225 -10.20 10.68 -2.41
CA LYS C 225 -10.68 10.99 -1.06
C LYS C 225 -9.52 11.07 -0.07
N VAL C 226 -8.57 10.13 -0.18
CA VAL C 226 -7.40 10.16 0.70
C VAL C 226 -6.54 11.40 0.44
N ALA C 227 -6.37 11.77 -0.83
CA ALA C 227 -5.58 12.95 -1.15
C ALA C 227 -6.23 14.20 -0.56
N ASN C 228 -7.55 14.30 -0.65
CA ASN C 228 -8.20 15.45 -0.04
C ASN C 228 -7.97 15.45 1.47
N ALA C 229 -8.00 14.28 2.10
CA ALA C 229 -7.70 14.21 3.53
C ALA C 229 -6.29 14.70 3.84
N ILE C 230 -5.30 14.24 3.06
CA ILE C 230 -3.91 14.63 3.26
C ILE C 230 -3.78 16.14 3.17
N ILE C 231 -4.46 16.74 2.21
CA ILE C 231 -4.38 18.18 2.04
C ILE C 231 -5.02 18.90 3.23
N ARG C 232 -6.22 18.43 3.61
CA ARG C 232 -6.93 19.08 4.72
C ARG C 232 -6.12 19.00 6.01
N GLY C 233 -5.41 17.90 6.23
CA GLY C 233 -4.58 17.74 7.41
C GLY C 233 -3.20 18.36 7.32
N GLY C 234 -2.80 18.81 6.14
CA GLY C 234 -1.46 19.37 5.93
C GLY C 234 -0.34 18.37 6.14
N ILE C 235 -0.53 17.12 5.72
CA ILE C 235 0.40 16.06 6.10
C ILE C 235 1.69 16.12 5.30
N ALA C 236 1.60 16.39 4.00
CA ALA C 236 2.82 16.49 3.17
C ALA C 236 3.54 17.81 3.43
N MET D 1 -18.64 -25.92 12.32
CA MET D 1 -18.85 -24.62 12.96
C MET D 1 -17.82 -23.55 12.55
N LYS D 2 -18.19 -22.28 12.64
CA LYS D 2 -17.35 -21.18 12.18
C LYS D 2 -16.91 -20.36 13.38
N TYR D 3 -15.61 -20.13 13.48
CA TYR D 3 -15.01 -19.40 14.58
C TYR D 3 -14.29 -18.18 14.04
N ALA D 4 -14.31 -17.11 14.83
CA ALA D 4 -13.50 -15.93 14.55
C ALA D 4 -12.35 -15.84 15.58
N GLY D 5 -11.15 -15.53 15.09
CA GLY D 5 -10.02 -15.31 15.99
C GLY D 5 -9.40 -13.94 15.73
N ILE D 6 -9.59 -12.99 16.64
CA ILE D 6 -9.08 -11.64 16.47
C ILE D 6 -7.72 -11.57 17.15
N LEU D 7 -6.69 -11.26 16.37
CA LEU D 7 -5.30 -11.29 16.87
C LEU D 7 -4.95 -9.88 17.33
N ALA D 8 -4.82 -9.72 18.65
CA ALA D 8 -4.53 -8.42 19.23
C ALA D 8 -3.16 -8.45 19.91
N GLY D 9 -2.13 -8.90 19.19
CA GLY D 9 -0.81 -9.00 19.77
C GLY D 9 -0.01 -7.69 19.76
N GLY D 10 -0.58 -6.59 19.24
CA GLY D 10 0.13 -5.33 19.15
C GLY D 10 1.01 -5.21 17.93
N ILE D 11 1.61 -4.03 17.79
CA ILE D 11 2.48 -3.68 16.68
C ILE D 11 3.85 -3.40 17.27
N GLY D 12 4.84 -4.17 16.84
CA GLY D 12 6.17 -4.06 17.41
C GLY D 12 6.87 -2.76 17.04
N SER D 13 7.50 -2.15 18.02
CA SER D 13 8.30 -0.96 17.79
C SER D 13 9.50 -1.30 16.90
N ARG D 14 9.96 -0.30 16.14
CA ARG D 14 11.06 -0.58 15.20
C ARG D 14 12.34 -1.02 15.92
N MET D 15 12.77 -0.26 16.92
CA MET D 15 13.86 -0.68 17.79
C MET D 15 13.28 -1.50 18.94
N GLY D 16 13.75 -2.73 19.10
CA GLY D 16 13.37 -3.57 20.22
C GLY D 16 12.19 -4.50 19.96
N ASN D 17 11.37 -4.23 18.94
CA ASN D 17 10.17 -5.01 18.63
C ASN D 17 9.28 -5.19 19.86
N VAL D 18 9.08 -4.09 20.58
CA VAL D 18 8.22 -4.10 21.75
C VAL D 18 6.76 -4.02 21.29
N PRO D 19 5.89 -4.92 21.76
CA PRO D 19 4.50 -4.90 21.32
C PRO D 19 3.80 -3.64 21.82
N LEU D 20 3.28 -2.85 20.92
CA LEU D 20 2.59 -1.64 21.36
C LEU D 20 1.10 -1.82 21.07
N PRO D 21 0.23 -1.54 22.03
CA PRO D 21 -1.22 -1.82 21.89
C PRO D 21 -1.96 -0.78 21.06
N LYS D 22 -1.62 -0.72 19.78
CA LYS D 22 -2.20 0.23 18.85
C LYS D 22 -3.70 0.00 18.67
N GLN D 23 -4.17 -1.21 18.94
CA GLN D 23 -5.59 -1.47 18.78
C GLN D 23 -6.41 -0.70 19.80
N PHE D 24 -5.79 -0.12 20.85
CA PHE D 24 -6.54 0.68 21.81
C PHE D 24 -6.59 2.14 21.45
N LEU D 25 -5.93 2.55 20.38
CA LEU D 25 -5.97 3.94 19.98
C LEU D 25 -7.36 4.32 19.49
N ASP D 26 -7.72 5.57 19.72
CA ASP D 26 -9.05 6.10 19.43
C ASP D 26 -9.24 6.39 17.94
N LEU D 27 -10.36 5.91 17.39
CA LEU D 27 -10.75 6.23 16.02
C LEU D 27 -12.18 6.72 16.08
N ASP D 28 -12.37 8.03 15.90
CA ASP D 28 -13.69 8.61 15.99
C ASP D 28 -14.34 8.28 17.34
N ASN D 29 -13.56 8.47 18.40
CA ASN D 29 -13.97 8.35 19.80
C ASN D 29 -14.25 6.91 20.25
N LYS D 30 -13.68 5.92 19.55
CA LYS D 30 -13.87 4.55 19.90
C LYS D 30 -12.63 3.78 19.49
N PRO D 31 -12.09 2.91 20.36
CA PRO D 31 -10.86 2.18 20.04
C PRO D 31 -11.00 1.35 18.78
N ILE D 32 -9.90 1.29 18.00
CA ILE D 32 -9.88 0.54 16.75
C ILE D 32 -10.40 -0.87 16.97
N LEU D 33 -9.96 -1.49 18.07
CA LEU D 33 -10.38 -2.87 18.35
C LEU D 33 -11.90 -3.00 18.36
N ILE D 34 -12.59 -2.02 18.93
CA ILE D 34 -14.05 -2.10 19.01
C ILE D 34 -14.65 -2.01 17.62
N HIS D 35 -14.13 -1.11 16.77
CA HIS D 35 -14.54 -1.01 15.38
C HIS D 35 -14.44 -2.37 14.70
N THR D 36 -13.31 -3.05 14.89
CA THR D 36 -13.09 -4.34 14.25
C THR D 36 -14.07 -5.38 14.76
N LEU D 37 -14.23 -5.45 16.09
CA LEU D 37 -15.12 -6.47 16.67
C LEU D 37 -16.56 -6.30 16.20
N GLU D 38 -17.01 -5.04 16.07
CA GLU D 38 -18.38 -4.79 15.64
C GLU D 38 -18.68 -5.43 14.29
N LYS D 39 -17.69 -5.43 13.38
CA LYS D 39 -17.90 -6.09 12.08
C LYS D 39 -18.15 -7.58 12.25
N PHE D 40 -17.44 -8.23 13.18
CA PHE D 40 -17.59 -9.66 13.39
C PHE D 40 -18.88 -10.01 14.13
N ILE D 41 -19.31 -9.14 15.06
CA ILE D 41 -20.55 -9.37 15.80
C ILE D 41 -21.74 -9.41 14.83
N LEU D 42 -21.66 -8.67 13.73
CA LEU D 42 -22.73 -8.65 12.74
C LEU D 42 -22.85 -9.95 11.97
N ILE D 43 -21.88 -10.85 12.06
CA ILE D 43 -21.94 -12.14 11.37
C ILE D 43 -22.58 -13.11 12.36
N ASN D 44 -23.86 -13.45 12.15
CA ASN D 44 -24.54 -14.31 13.11
C ASN D 44 -24.03 -15.74 13.11
N ASP D 45 -23.40 -16.17 12.03
CA ASP D 45 -23.01 -17.57 11.91
C ASP D 45 -21.77 -17.96 12.71
N PHE D 46 -21.06 -16.99 13.33
CA PHE D 46 -19.92 -17.33 14.17
C PHE D 46 -20.40 -17.98 15.46
N GLU D 47 -19.77 -19.08 15.84
CA GLU D 47 -20.07 -19.75 17.09
C GLU D 47 -19.45 -19.05 18.28
N LYS D 48 -18.21 -18.58 18.12
CA LYS D 48 -17.48 -17.84 19.13
C LYS D 48 -16.61 -16.82 18.41
N ILE D 49 -16.39 -15.68 19.04
CA ILE D 49 -15.49 -14.63 18.53
C ILE D 49 -14.42 -14.44 19.61
N ILE D 50 -13.23 -14.96 19.36
CA ILE D 50 -12.21 -15.11 20.39
C ILE D 50 -11.14 -14.07 20.13
N ILE D 51 -10.89 -13.20 21.12
CA ILE D 51 -9.82 -12.19 21.02
C ILE D 51 -8.63 -12.74 21.80
N ALA D 52 -7.48 -12.88 21.15
CA ALA D 52 -6.28 -13.36 21.82
C ALA D 52 -5.28 -12.21 21.94
N THR D 53 -4.77 -11.99 23.15
CA THR D 53 -3.98 -10.80 23.42
C THR D 53 -2.97 -11.13 24.52
N PRO D 54 -1.86 -10.39 24.61
CA PRO D 54 -0.89 -10.68 25.67
C PRO D 54 -1.54 -10.64 27.03
N GLN D 55 -1.05 -11.49 27.93
CA GLN D 55 -1.60 -11.57 29.29
C GLN D 55 -1.75 -10.19 29.91
N GLN D 56 -0.76 -9.31 29.73
CA GLN D 56 -0.74 -8.01 30.40
C GLN D 56 -1.80 -7.06 29.87
N TRP D 57 -2.47 -7.39 28.76
CA TRP D 57 -3.51 -6.56 28.17
C TRP D 57 -4.93 -7.14 28.31
N MET D 58 -5.06 -8.31 28.96
CA MET D 58 -6.37 -8.97 29.02
C MET D 58 -7.36 -8.15 29.84
N THR D 59 -6.91 -7.64 31.00
CA THR D 59 -7.82 -6.86 31.84
C THR D 59 -8.31 -5.60 31.11
N HIS D 60 -7.38 -4.85 30.50
CA HIS D 60 -7.81 -3.66 29.79
C HIS D 60 -8.73 -4.00 28.62
N THR D 61 -8.50 -5.14 27.96
CA THR D 61 -9.40 -5.53 26.86
C THR D 61 -10.82 -5.78 27.37
N LYS D 62 -10.94 -6.51 28.48
CA LYS D 62 -12.26 -6.76 29.07
C LYS D 62 -12.90 -5.45 29.54
N ASP D 63 -12.11 -4.55 30.12
CA ASP D 63 -12.65 -3.28 30.59
C ASP D 63 -13.15 -2.43 29.42
N THR D 64 -12.42 -2.45 28.30
CA THR D 64 -12.80 -1.66 27.13
C THR D 64 -14.07 -2.21 26.48
N LEU D 65 -14.18 -3.54 26.38
CA LEU D 65 -15.40 -4.15 25.91
C LEU D 65 -16.59 -3.70 26.77
N ARG D 66 -16.42 -3.71 28.10
CA ARG D 66 -17.50 -3.29 28.98
C ARG D 66 -17.84 -1.82 28.78
N LYS D 67 -16.82 -0.97 28.65
CA LYS D 67 -17.09 0.45 28.51
C LYS D 67 -17.88 0.73 27.24
N PHE D 68 -17.65 -0.04 26.17
CA PHE D 68 -18.32 0.18 24.89
C PHE D 68 -19.49 -0.76 24.67
N LYS D 69 -20.02 -1.35 25.75
CA LYS D 69 -21.29 -2.06 25.75
C LYS D 69 -21.29 -3.30 24.87
N ILE D 70 -20.13 -3.93 24.70
CA ILE D 70 -20.01 -5.15 23.92
C ILE D 70 -20.35 -6.30 24.87
N SER D 71 -21.58 -6.76 24.81
CA SER D 71 -22.06 -7.76 25.75
C SER D 71 -22.31 -9.10 25.08
N ASP D 72 -22.13 -9.18 23.77
CA ASP D 72 -22.39 -10.41 23.00
C ASP D 72 -21.71 -11.60 23.66
N GLU D 73 -22.50 -12.63 23.97
CA GLU D 73 -22.00 -13.79 24.71
C GLU D 73 -20.97 -14.59 23.94
N ARG D 74 -20.85 -14.41 22.62
CA ARG D 74 -19.87 -15.14 21.83
C ARG D 74 -18.46 -14.60 22.00
N ILE D 75 -18.29 -13.41 22.55
CA ILE D 75 -16.99 -12.77 22.68
C ILE D 75 -16.26 -13.37 23.88
N GLU D 76 -15.02 -13.82 23.67
CA GLU D 76 -14.18 -14.34 24.75
C GLU D 76 -12.78 -13.77 24.60
N VAL D 77 -12.14 -13.41 25.70
CA VAL D 77 -10.76 -12.89 25.65
C VAL D 77 -9.85 -13.97 26.23
N ILE D 78 -8.82 -14.39 25.48
CA ILE D 78 -7.88 -15.39 25.96
C ILE D 78 -6.45 -14.87 25.83
N GLN D 79 -5.54 -15.56 26.53
CA GLN D 79 -4.14 -15.21 26.52
C GLN D 79 -3.48 -15.67 25.22
N GLY D 80 -2.72 -14.76 24.61
CA GLY D 80 -1.98 -15.06 23.41
C GLY D 80 -0.73 -15.87 23.67
N GLY D 81 0.02 -16.11 22.59
CA GLY D 81 1.18 -16.95 22.59
C GLY D 81 2.48 -16.19 22.42
N SER D 82 3.53 -16.93 22.06
CA SER D 82 4.87 -16.37 21.95
C SER D 82 5.11 -15.67 20.63
N ASP D 83 4.25 -15.89 19.64
CA ASP D 83 4.28 -15.19 18.36
C ASP D 83 2.89 -15.32 17.74
N ARG D 84 2.69 -14.69 16.58
CA ARG D 84 1.35 -14.62 15.99
C ARG D 84 0.79 -16.01 15.67
N ASN D 85 1.60 -16.87 15.05
CA ASN D 85 1.09 -18.20 14.72
C ASN D 85 0.85 -19.06 15.98
N ASP D 86 1.73 -18.93 16.98
CA ASP D 86 1.48 -19.60 18.26
C ASP D 86 0.19 -19.07 18.92
N THR D 87 -0.08 -17.77 18.78
CA THR D 87 -1.32 -17.22 19.31
C THR D 87 -2.54 -17.82 18.59
N ILE D 88 -2.48 -17.94 17.27
CA ILE D 88 -3.55 -18.63 16.54
C ILE D 88 -3.75 -20.04 17.10
N MET D 89 -2.66 -20.76 17.35
CA MET D 89 -2.82 -22.12 17.87
C MET D 89 -3.38 -22.11 19.29
N ASN D 90 -3.09 -21.08 20.09
CA ASN D 90 -3.75 -20.93 21.39
C ASN D 90 -5.27 -20.81 21.20
N ILE D 91 -5.71 -20.08 20.18
CA ILE D 91 -7.16 -20.00 19.92
C ILE D 91 -7.72 -21.37 19.54
N VAL D 92 -7.03 -22.10 18.67
CA VAL D 92 -7.47 -23.45 18.29
C VAL D 92 -7.57 -24.36 19.52
N LYS D 93 -6.54 -24.31 20.37
CA LYS D 93 -6.52 -25.14 21.56
C LYS D 93 -7.67 -24.77 22.48
N HIS D 94 -7.98 -23.48 22.57
CA HIS D 94 -9.11 -23.04 23.38
C HIS D 94 -10.43 -23.60 22.83
N ILE D 95 -10.63 -23.56 21.50
CA ILE D 95 -11.84 -24.18 20.93
C ILE D 95 -11.87 -25.66 21.26
N GLU D 96 -10.74 -26.33 21.09
CA GLU D 96 -10.69 -27.77 21.35
C GLU D 96 -11.07 -28.08 22.79
N SER D 97 -10.57 -27.29 23.73
CA SER D 97 -10.84 -27.58 25.13
C SER D 97 -12.28 -27.23 25.49
N THR D 98 -12.90 -26.27 24.81
CA THR D 98 -14.25 -25.84 25.19
C THR D 98 -15.33 -26.63 24.45
N ASN D 99 -15.29 -26.60 23.11
CA ASN D 99 -16.29 -27.30 22.30
C ASN D 99 -15.79 -28.59 21.69
N GLY D 100 -14.48 -28.80 21.61
CA GLY D 100 -13.92 -29.85 20.77
C GLY D 100 -13.97 -29.39 19.32
N ILE D 101 -13.06 -29.89 18.48
CA ILE D 101 -12.98 -29.49 17.08
C ILE D 101 -13.67 -30.55 16.22
N ASN D 102 -14.58 -30.09 15.36
CA ASN D 102 -15.22 -30.92 14.34
C ASN D 102 -14.44 -30.86 13.02
N ASP D 103 -14.59 -31.92 12.21
CA ASP D 103 -13.87 -32.00 10.94
C ASP D 103 -14.23 -30.86 9.98
N ASP D 104 -15.43 -30.28 10.10
CA ASP D 104 -15.81 -29.18 9.20
C ASP D 104 -15.59 -27.79 9.79
N ASP D 105 -15.02 -27.68 11.00
CA ASP D 105 -14.80 -26.35 11.61
C ASP D 105 -13.81 -25.51 10.79
N VAL D 106 -14.08 -24.20 10.71
CA VAL D 106 -13.18 -23.23 10.11
C VAL D 106 -12.97 -22.10 11.10
N ILE D 107 -11.81 -21.45 10.99
CA ILE D 107 -11.49 -20.28 11.80
C ILE D 107 -11.08 -19.13 10.87
N VAL D 108 -11.66 -17.96 11.12
CA VAL D 108 -11.38 -16.73 10.37
C VAL D 108 -10.49 -15.88 11.30
N THR D 109 -9.21 -15.78 10.98
CA THR D 109 -8.24 -15.03 11.79
C THR D 109 -8.01 -13.66 11.18
N HIS D 110 -7.87 -12.65 12.03
CA HIS D 110 -7.90 -11.28 11.52
C HIS D 110 -7.16 -10.31 12.43
N ASP D 111 -6.47 -9.32 11.84
CA ASP D 111 -5.78 -8.29 12.62
C ASP D 111 -6.76 -7.40 13.38
N ALA D 112 -6.49 -7.21 14.68
CA ALA D 112 -7.31 -6.28 15.44
C ALA D 112 -7.24 -4.84 14.88
N VAL D 113 -6.14 -4.45 14.24
CA VAL D 113 -6.01 -3.08 13.75
C VAL D 113 -6.43 -2.94 12.28
N ARG D 114 -7.29 -3.85 11.77
CA ARG D 114 -7.89 -3.71 10.44
C ARG D 114 -9.39 -3.58 10.58
N PRO D 115 -9.88 -2.37 10.89
CA PRO D 115 -11.30 -2.21 11.21
C PRO D 115 -12.22 -2.08 10.02
N PHE D 116 -11.68 -2.00 8.79
CA PHE D 116 -12.47 -1.65 7.62
C PHE D 116 -12.76 -2.84 6.71
N LEU D 117 -12.53 -4.06 7.17
CA LEU D 117 -12.97 -5.22 6.42
C LEU D 117 -14.50 -5.21 6.32
N THR D 118 -15.02 -5.90 5.32
CA THR D 118 -16.44 -5.81 5.01
C THR D 118 -17.14 -7.16 5.24
N HIS D 119 -18.47 -7.10 5.23
CA HIS D 119 -19.28 -8.32 5.23
C HIS D 119 -18.89 -9.24 4.09
N ARG D 120 -18.69 -8.68 2.88
CA ARG D 120 -18.31 -9.52 1.75
C ARG D 120 -17.00 -10.25 2.03
N ILE D 121 -15.99 -9.54 2.54
CA ILE D 121 -14.71 -10.18 2.79
C ILE D 121 -14.87 -11.34 3.79
N ILE D 122 -15.62 -11.11 4.88
CA ILE D 122 -15.76 -12.15 5.89
C ILE D 122 -16.50 -13.35 5.31
N LYS D 123 -17.56 -13.08 4.56
CA LYS D 123 -18.38 -14.16 4.00
C LYS D 123 -17.57 -14.97 3.01
N GLU D 124 -16.81 -14.28 2.14
CA GLU D 124 -15.98 -14.99 1.17
C GLU D 124 -14.89 -15.80 1.86
N ASN D 125 -14.31 -15.26 2.95
CA ASN D 125 -13.32 -16.03 3.73
C ASN D 125 -13.94 -17.31 4.30
N ILE D 126 -15.13 -17.19 4.89
CA ILE D 126 -15.78 -18.38 5.43
C ILE D 126 -16.04 -19.40 4.31
N GLN D 127 -16.62 -18.93 3.19
CA GLN D 127 -16.97 -19.86 2.12
C GLN D 127 -15.73 -20.50 1.53
N ALA D 128 -14.64 -19.72 1.38
CA ALA D 128 -13.41 -20.27 0.82
C ALA D 128 -12.78 -21.27 1.78
N ALA D 129 -12.83 -21.01 3.08
CA ALA D 129 -12.30 -21.98 4.03
C ALA D 129 -13.11 -23.28 3.98
N LEU D 130 -14.44 -23.19 3.89
CA LEU D 130 -15.29 -24.39 3.80
C LEU D 130 -14.98 -25.20 2.55
N GLU D 131 -14.75 -24.52 1.42
CA GLU D 131 -14.59 -25.22 0.14
C GLU D 131 -13.15 -25.68 -0.10
N TYR D 132 -12.16 -24.84 0.24
CA TYR D 132 -10.77 -25.03 -0.17
C TYR D 132 -9.80 -25.24 0.98
N GLY D 133 -10.20 -24.98 2.23
CA GLY D 133 -9.37 -25.33 3.36
C GLY D 133 -8.45 -24.24 3.89
N ALA D 134 -8.04 -23.30 3.05
CA ALA D 134 -7.11 -22.24 3.45
C ALA D 134 -7.30 -21.06 2.49
N VAL D 135 -7.27 -19.84 3.03
CA VAL D 135 -7.58 -18.61 2.27
C VAL D 135 -6.76 -17.45 2.79
N ASP D 136 -6.28 -16.62 1.87
CA ASP D 136 -5.61 -15.35 2.15
C ASP D 136 -6.40 -14.24 1.50
N THR D 137 -6.62 -13.14 2.23
CA THR D 137 -7.26 -11.95 1.68
C THR D 137 -6.15 -11.06 1.09
N VAL D 138 -6.26 -10.75 -0.22
CA VAL D 138 -5.20 -10.02 -0.92
C VAL D 138 -5.80 -8.98 -1.86
N ILE D 139 -4.98 -7.99 -2.21
CA ILE D 139 -5.31 -7.10 -3.30
C ILE D 139 -4.13 -7.05 -4.27
N ASP D 140 -4.41 -6.69 -5.52
CA ASP D 140 -3.33 -6.45 -6.48
C ASP D 140 -2.38 -5.41 -5.89
N ALA D 141 -1.08 -5.66 -6.03
CA ALA D 141 -0.08 -4.71 -5.53
C ALA D 141 -0.29 -3.33 -6.14
N ILE D 142 -0.29 -2.32 -5.26
CA ILE D 142 -0.55 -0.95 -5.68
C ILE D 142 0.64 -0.37 -6.42
N ASP D 143 1.83 -0.68 -5.92
CA ASP D 143 3.10 -0.28 -6.51
C ASP D 143 3.88 -1.48 -7.04
N THR D 144 4.87 -1.16 -7.87
CA THR D 144 5.96 -2.09 -8.13
C THR D 144 6.64 -2.50 -6.82
N ILE D 145 6.89 -3.77 -6.66
CA ILE D 145 7.60 -4.31 -5.51
C ILE D 145 9.07 -4.37 -5.86
N VAL D 146 9.91 -3.96 -4.98
CA VAL D 146 11.31 -4.13 -5.22
C VAL D 146 11.95 -4.80 -4.01
N THR D 147 13.01 -5.52 -4.20
CA THR D 147 13.63 -6.18 -3.05
C THR D 147 14.99 -5.60 -2.77
N SER D 148 15.43 -5.73 -1.51
CA SER D 148 16.77 -5.28 -1.14
C SER D 148 17.29 -6.14 0.01
N LYS D 149 18.55 -6.54 -0.07
CA LYS D 149 19.18 -7.28 1.00
C LYS D 149 20.02 -6.40 1.93
N ASP D 150 20.20 -5.11 1.59
CA ASP D 150 21.07 -4.25 2.39
C ASP D 150 20.49 -2.89 2.77
N ASN D 151 19.23 -2.58 2.44
CA ASN D 151 18.65 -1.25 2.66
C ASN D 151 19.43 -0.17 1.92
N GLN D 152 20.25 -0.54 0.96
CA GLN D 152 21.03 0.44 0.23
C GLN D 152 20.81 0.37 -1.26
N THR D 153 20.69 -0.84 -1.82
CA THR D 153 20.57 -1.02 -3.27
C THR D 153 19.49 -2.05 -3.58
N ILE D 154 18.95 -1.98 -4.79
CA ILE D 154 17.97 -2.96 -5.25
C ILE D 154 18.67 -4.29 -5.48
N ASP D 155 18.06 -5.38 -4.98
CA ASP D 155 18.47 -6.71 -5.40
C ASP D 155 17.67 -7.21 -6.60
N ALA D 156 16.34 -7.12 -6.56
CA ALA D 156 15.54 -7.62 -7.67
C ALA D 156 14.29 -6.78 -7.79
N ILE D 157 13.72 -6.79 -8.98
CA ILE D 157 12.40 -6.19 -9.19
C ILE D 157 11.54 -7.26 -9.85
N PRO D 158 10.72 -8.00 -9.11
CA PRO D 158 9.94 -9.11 -9.70
C PRO D 158 8.87 -8.60 -10.68
N VAL D 159 8.33 -9.54 -11.45
CA VAL D 159 7.26 -9.20 -12.40
C VAL D 159 6.03 -8.72 -11.63
N ARG D 160 5.65 -7.47 -11.84
CA ARG D 160 4.63 -6.83 -11.02
C ARG D 160 3.25 -7.47 -11.20
N ASN D 161 2.94 -8.01 -12.38
CA ASN D 161 1.62 -8.60 -12.63
C ASN D 161 1.33 -9.82 -11.74
N GLU D 162 2.34 -10.41 -11.11
CA GLU D 162 2.14 -11.55 -10.23
C GLU D 162 2.16 -11.18 -8.74
N MET D 163 2.27 -9.89 -8.40
CA MET D 163 2.44 -9.47 -7.02
C MET D 163 1.11 -9.01 -6.40
N TYR D 164 0.91 -9.38 -5.13
CA TYR D 164 -0.28 -8.99 -4.38
C TYR D 164 0.14 -8.53 -3.00
N GLN D 165 -0.62 -7.60 -2.45
CA GLN D 165 -0.42 -7.19 -1.05
C GLN D 165 -1.32 -8.05 -0.17
N GLY D 166 -0.70 -8.77 0.76
CA GLY D 166 -1.48 -9.59 1.70
C GLY D 166 -2.20 -8.73 2.73
N GLN D 167 -3.47 -9.07 2.97
CA GLN D 167 -4.21 -8.45 4.07
C GLN D 167 -4.66 -9.55 5.03
N THR D 168 -5.62 -9.24 5.88
CA THR D 168 -6.35 -10.28 6.60
C THR D 168 -7.81 -9.94 6.38
N PRO D 169 -8.75 -10.88 6.62
CA PRO D 169 -8.59 -12.21 7.25
C PRO D 169 -7.73 -13.20 6.51
N GLN D 170 -7.22 -14.16 7.30
CA GLN D 170 -6.71 -15.41 6.78
C GLN D 170 -7.48 -16.54 7.45
N SER D 171 -8.00 -17.47 6.65
CA SER D 171 -8.99 -18.41 7.15
C SER D 171 -8.64 -19.85 6.76
N PHE D 172 -9.02 -20.80 7.62
CA PHE D 172 -8.55 -22.17 7.50
C PHE D 172 -9.60 -23.15 8.03
N ASN D 173 -9.68 -24.31 7.41
CA ASN D 173 -10.23 -25.45 8.12
C ASN D 173 -9.30 -25.76 9.31
N ILE D 174 -9.87 -25.91 10.51
CA ILE D 174 -9.05 -25.95 11.72
C ILE D 174 -8.14 -27.18 11.74
N ASN D 175 -8.68 -28.35 11.37
CA ASN D 175 -7.85 -29.56 11.41
C ASN D 175 -6.72 -29.50 10.38
N LEU D 176 -6.99 -28.92 9.21
CA LEU D 176 -5.94 -28.73 8.20
C LEU D 176 -4.82 -27.85 8.75
N LEU D 177 -5.20 -26.74 9.39
CA LEU D 177 -4.22 -25.82 9.97
C LEU D 177 -3.40 -26.51 11.06
N LYS D 178 -4.06 -27.28 11.92
CA LYS D 178 -3.40 -28.02 12.99
C LYS D 178 -2.42 -29.04 12.42
N GLU D 179 -2.85 -29.81 11.40
CA GLU D 179 -1.98 -30.83 10.82
C GLU D 179 -0.77 -30.20 10.17
N SER D 180 -0.98 -29.13 9.40
CA SER D 180 0.14 -28.44 8.78
C SER D 180 1.10 -27.92 9.84
N TYR D 181 0.56 -27.32 10.90
CA TYR D 181 1.42 -26.78 11.95
C TYR D 181 2.23 -27.89 12.63
N ALA D 182 1.61 -29.06 12.86
CA ALA D 182 2.36 -30.16 13.41
C ALA D 182 3.45 -30.65 12.46
N GLN D 183 3.30 -30.39 11.15
CA GLN D 183 4.30 -30.86 10.16
C GLN D 183 5.62 -30.09 10.22
N LEU D 184 5.64 -28.86 10.74
CA LEU D 184 6.84 -28.04 10.75
C LEU D 184 7.73 -28.31 11.96
N SER D 185 9.03 -28.01 11.79
CA SER D 185 9.99 -28.09 12.88
C SER D 185 9.89 -26.88 13.77
N ASP D 186 10.58 -26.96 14.90
CA ASP D 186 10.65 -25.81 15.80
C ASP D 186 11.36 -24.66 15.09
N GLU D 187 12.40 -24.96 14.29
CA GLU D 187 13.08 -23.91 13.52
C GLU D 187 12.17 -23.34 12.44
N GLN D 188 11.47 -24.21 11.71
CA GLN D 188 10.53 -23.76 10.70
C GLN D 188 9.47 -22.84 11.32
N LYS D 189 8.95 -23.22 12.49
CA LYS D 189 8.00 -22.36 13.20
C LYS D 189 8.68 -21.07 13.64
N SER D 190 9.96 -21.16 14.02
CA SER D 190 10.69 -19.98 14.45
C SER D 190 10.79 -18.91 13.37
N ILE D 191 10.94 -19.32 12.11
CA ILE D 191 11.15 -18.32 11.06
C ILE D 191 9.85 -17.79 10.46
N LEU D 192 8.73 -18.53 10.59
CA LEU D 192 7.49 -18.15 9.94
C LEU D 192 6.70 -17.12 10.76
N SER D 193 6.27 -16.05 10.09
CA SER D 193 5.47 -14.98 10.67
C SER D 193 4.06 -14.85 10.08
N ASP D 194 3.70 -15.68 9.11
CA ASP D 194 2.45 -15.54 8.40
C ASP D 194 1.74 -16.89 8.48
N ALA D 195 0.41 -16.84 8.58
CA ALA D 195 -0.33 -18.08 8.83
C ALA D 195 -0.54 -18.84 7.53
N CYS D 196 -0.77 -18.14 6.43
CA CYS D 196 -0.92 -18.83 5.16
C CYS D 196 0.40 -19.44 4.70
N LYS D 197 1.55 -18.86 5.08
CA LYS D 197 2.80 -19.49 4.69
C LYS D 197 3.01 -20.85 5.37
N ILE D 198 2.40 -21.09 6.54
CA ILE D 198 2.36 -22.44 7.12
C ILE D 198 1.83 -23.43 6.09
N ILE D 199 0.66 -23.11 5.53
CA ILE D 199 0.02 -24.00 4.57
C ILE D 199 0.87 -24.15 3.32
N VAL D 200 1.38 -23.03 2.80
CA VAL D 200 2.23 -23.09 1.59
C VAL D 200 3.46 -23.96 1.82
N GLU D 201 4.12 -23.81 2.97
CA GLU D 201 5.32 -24.58 3.25
C GLU D 201 5.00 -26.06 3.40
N THR D 202 3.77 -26.40 3.80
CA THR D 202 3.40 -27.81 3.86
C THR D 202 2.69 -28.30 2.58
N ASN D 203 2.90 -27.62 1.45
CA ASN D 203 2.44 -28.07 0.12
C ASN D 203 0.93 -28.32 0.08
N LYS D 204 0.15 -27.40 0.62
CA LYS D 204 -1.29 -27.42 0.43
C LYS D 204 -1.76 -26.12 -0.21
N PRO D 205 -2.85 -26.11 -0.97
CA PRO D 205 -3.24 -24.88 -1.67
C PRO D 205 -3.76 -23.83 -0.69
N VAL D 206 -3.54 -22.57 -1.04
CA VAL D 206 -4.15 -21.44 -0.37
C VAL D 206 -4.91 -20.63 -1.41
N ARG D 207 -6.20 -20.46 -1.20
CA ARG D 207 -7.04 -19.72 -2.12
C ARG D 207 -6.94 -18.22 -1.86
N LEU D 208 -7.23 -17.44 -2.90
CA LEU D 208 -7.20 -15.97 -2.79
C LEU D 208 -8.62 -15.41 -2.71
N VAL D 209 -8.84 -14.53 -1.75
CA VAL D 209 -10.06 -13.72 -1.68
C VAL D 209 -9.66 -12.25 -1.80
N LYS D 210 -10.40 -11.49 -2.62
CA LYS D 210 -10.07 -10.09 -2.86
C LYS D 210 -10.43 -9.22 -1.67
N GLY D 211 -9.45 -8.43 -1.21
CA GLY D 211 -9.74 -7.47 -0.16
C GLY D 211 -10.25 -6.14 -0.68
N GLU D 212 -9.85 -5.03 -0.05
CA GLU D 212 -10.24 -3.70 -0.50
C GLU D 212 -9.06 -2.76 -0.27
N LEU D 213 -8.96 -1.70 -1.08
CA LEU D 213 -7.89 -0.72 -0.91
C LEU D 213 -7.95 -0.10 0.47
N TYR D 214 -9.14 0.01 1.04
CA TYR D 214 -9.32 0.65 2.33
C TYR D 214 -9.25 -0.31 3.51
N ASN D 215 -9.00 -1.62 3.29
CA ASN D 215 -8.84 -2.60 4.37
C ASN D 215 -7.42 -2.50 4.94
N ILE D 216 -7.07 -1.27 5.39
CA ILE D 216 -5.70 -0.94 5.80
C ILE D 216 -5.48 -1.38 7.24
N LYS D 217 -4.21 -1.47 7.61
CA LYS D 217 -3.78 -1.68 8.98
C LYS D 217 -3.55 -0.31 9.59
N VAL D 218 -4.23 -0.02 10.70
CA VAL D 218 -4.17 1.32 11.28
C VAL D 218 -3.14 1.27 12.41
N THR D 219 -1.89 1.65 12.11
CA THR D 219 -0.80 1.52 13.08
C THR D 219 0.04 2.78 13.28
N THR D 220 -0.06 3.80 12.43
CA THR D 220 0.75 5.00 12.50
C THR D 220 -0.17 6.22 12.59
N PRO D 221 0.35 7.39 12.96
CA PRO D 221 -0.50 8.61 12.93
C PRO D 221 -1.05 8.91 11.56
N TYR D 222 -0.26 8.66 10.52
CA TYR D 222 -0.76 8.79 9.15
C TYR D 222 -1.92 7.85 8.90
N ASP D 223 -1.79 6.58 9.31
CA ASP D 223 -2.91 5.67 9.11
C ASP D 223 -4.14 6.16 9.84
N LEU D 224 -3.99 6.79 11.00
CA LEU D 224 -5.15 7.29 11.74
C LEU D 224 -5.83 8.44 11.01
N LYS D 225 -5.06 9.31 10.34
CA LYS D 225 -5.67 10.35 9.51
C LYS D 225 -6.45 9.73 8.35
N VAL D 226 -5.86 8.74 7.68
CA VAL D 226 -6.58 8.08 6.60
C VAL D 226 -7.84 7.42 7.14
N ALA D 227 -7.73 6.79 8.31
CA ALA D 227 -8.86 6.08 8.90
C ALA D 227 -10.01 7.02 9.23
N ASN D 228 -9.68 8.19 9.80
CA ASN D 228 -10.73 9.16 10.07
C ASN D 228 -11.38 9.63 8.78
N ALA D 229 -10.59 9.78 7.71
CA ALA D 229 -11.18 10.13 6.43
C ALA D 229 -12.12 9.04 5.92
N ILE D 230 -11.71 7.77 6.04
CA ILE D 230 -12.54 6.65 5.59
C ILE D 230 -13.87 6.65 6.35
N ILE D 231 -13.82 6.90 7.65
CA ILE D 231 -15.05 6.93 8.43
C ILE D 231 -15.92 8.11 8.02
N ARG D 232 -15.32 9.31 7.92
CA ARG D 232 -16.09 10.50 7.57
C ARG D 232 -16.73 10.36 6.19
N GLY D 233 -16.06 9.71 5.25
CA GLY D 233 -16.61 9.51 3.91
C GLY D 233 -17.56 8.34 3.75
N GLY D 234 -17.70 7.49 4.77
CA GLY D 234 -18.49 6.28 4.64
C GLY D 234 -17.94 5.28 3.65
N ILE D 235 -16.61 5.17 3.53
CA ILE D 235 -15.97 4.40 2.46
C ILE D 235 -16.06 2.89 2.71
N ALA D 236 -15.98 2.47 3.97
CA ALA D 236 -16.11 1.05 4.33
C ALA D 236 -17.43 0.76 5.04
N MET E 1 1.29 -4.59 38.66
CA MET E 1 1.14 -3.15 38.73
C MET E 1 2.43 -2.43 38.32
N LYS E 2 2.30 -1.16 37.95
CA LYS E 2 3.40 -0.35 37.41
C LYS E 2 3.80 0.73 38.38
N TYR E 3 5.10 0.82 38.65
CA TYR E 3 5.67 1.76 39.60
C TYR E 3 6.69 2.63 38.87
N ALA E 4 6.79 3.88 39.29
CA ALA E 4 7.80 4.80 38.78
C ALA E 4 8.79 5.11 39.90
N GLY E 5 10.07 5.07 39.58
CA GLY E 5 11.06 5.41 40.59
C GLY E 5 11.90 6.54 40.03
N ILE E 6 11.73 7.76 40.54
CA ILE E 6 12.47 8.93 40.06
C ILE E 6 13.70 9.10 40.96
N LEU E 7 14.89 9.02 40.37
CA LEU E 7 16.14 8.95 41.10
C LEU E 7 16.69 10.37 41.23
N ALA E 8 16.48 10.96 42.41
CA ALA E 8 16.97 12.28 42.75
C ALA E 8 17.86 12.23 43.99
N GLY E 9 18.58 11.13 44.19
CA GLY E 9 19.39 10.93 45.38
C GLY E 9 20.83 11.40 45.35
N GLY E 10 21.30 11.95 44.21
CA GLY E 10 22.68 12.31 44.12
C GLY E 10 23.00 13.64 44.78
N ILE E 11 24.31 13.85 44.96
CA ILE E 11 24.94 15.05 45.53
C ILE E 11 26.40 15.05 45.09
N VAL E 18 26.51 27.50 43.60
CA VAL E 18 25.14 27.11 43.27
C VAL E 18 24.36 26.82 44.56
N PRO E 19 23.16 27.38 44.68
CA PRO E 19 22.41 27.26 45.94
C PRO E 19 21.83 25.89 46.23
N LEU E 20 21.43 25.12 45.21
CA LEU E 20 20.82 23.81 45.41
C LEU E 20 21.52 22.67 44.67
N PRO E 21 21.25 21.42 45.05
CA PRO E 21 21.76 20.28 44.29
C PRO E 21 21.10 20.28 42.91
N LYS E 22 21.81 19.71 41.92
CA LYS E 22 21.48 19.98 40.51
C LYS E 22 20.06 19.58 40.16
N GLN E 23 19.52 18.56 40.80
CA GLN E 23 18.18 18.12 40.49
C GLN E 23 17.11 19.13 40.91
N PHE E 24 17.44 20.07 41.78
CA PHE E 24 16.51 21.11 42.21
C PHE E 24 16.70 22.44 41.49
N LEU E 25 17.67 22.55 40.59
CA LEU E 25 17.95 23.82 39.94
C LEU E 25 16.81 24.22 38.99
N ASP E 26 16.65 25.53 38.83
CA ASP E 26 15.54 26.08 38.06
C ASP E 26 15.82 25.93 36.57
N LEU E 27 14.82 25.48 35.84
CA LEU E 27 14.82 25.39 34.39
C LEU E 27 13.56 26.10 33.93
N ASP E 28 13.71 27.31 33.37
CA ASP E 28 12.56 28.13 33.01
C ASP E 28 11.65 28.33 34.23
N ASN E 29 12.29 28.67 35.37
CA ASN E 29 11.61 29.07 36.60
C ASN E 29 10.83 27.92 37.25
N LYS E 30 11.26 26.69 37.00
CA LYS E 30 10.63 25.55 37.59
C LYS E 30 11.73 24.51 37.78
N PRO E 31 11.81 23.88 38.96
CA PRO E 31 12.87 22.90 39.22
C PRO E 31 12.90 21.76 38.20
N ILE E 32 14.12 21.33 37.87
CA ILE E 32 14.31 20.23 36.93
C ILE E 32 13.47 19.02 37.33
N LEU E 33 13.54 18.66 38.62
CA LEU E 33 12.78 17.52 39.14
C LEU E 33 11.28 17.66 38.85
N ILE E 34 10.72 18.86 38.97
CA ILE E 34 9.28 19.05 38.72
C ILE E 34 8.95 18.82 37.25
N HIS E 35 9.79 19.37 36.35
CA HIS E 35 9.64 19.07 34.92
C HIS E 35 9.60 17.58 34.66
N THR E 36 10.54 16.85 35.26
CA THR E 36 10.60 15.40 35.02
C THR E 36 9.34 14.73 35.55
N LEU E 37 8.96 15.10 36.76
CA LEU E 37 7.85 14.46 37.45
C LEU E 37 6.55 14.65 36.69
N GLU E 38 6.36 15.83 36.09
CA GLU E 38 5.11 16.10 35.38
C GLU E 38 4.85 15.09 34.25
N LYS E 39 5.91 14.63 33.57
CA LYS E 39 5.73 13.61 32.54
C LYS E 39 5.20 12.32 33.14
N PHE E 40 5.65 11.96 34.34
CA PHE E 40 5.18 10.74 34.97
C PHE E 40 3.76 10.87 35.51
N ILE E 41 3.39 12.05 36.01
CA ILE E 41 2.03 12.26 36.49
C ILE E 41 1.01 12.03 35.38
N LEU E 42 1.38 12.38 34.14
CA LEU E 42 0.51 12.18 32.98
C LEU E 42 0.33 10.71 32.61
N ILE E 43 1.08 9.77 33.19
CA ILE E 43 0.86 8.36 32.90
C ILE E 43 -0.12 7.83 33.94
N ASN E 44 -1.37 7.60 33.53
CA ASN E 44 -2.38 7.19 34.50
C ASN E 44 -2.15 5.80 35.06
N ASP E 45 -1.38 4.97 34.38
CA ASP E 45 -1.27 3.57 34.76
C ASP E 45 -0.33 3.33 35.94
N PHE E 46 0.41 4.33 36.43
CA PHE E 46 1.27 4.12 37.57
C PHE E 46 0.46 3.98 38.86
N GLU E 47 0.79 2.97 39.65
CA GLU E 47 0.19 2.80 40.98
C GLU E 47 0.78 3.79 41.98
N LYS E 48 2.09 3.98 41.93
CA LYS E 48 2.79 4.94 42.77
C LYS E 48 3.91 5.55 41.94
N ILE E 49 4.20 6.82 42.23
CA ILE E 49 5.32 7.56 41.64
C ILE E 49 6.24 7.95 42.80
N ILE E 50 7.39 7.30 42.91
CA ILE E 50 8.25 7.42 44.09
C ILE E 50 9.48 8.23 43.72
N ILE E 51 9.67 9.35 44.41
CA ILE E 51 10.86 10.19 44.28
C ILE E 51 11.76 9.92 45.46
N ALA E 52 13.02 9.57 45.20
CA ALA E 52 14.00 9.37 46.25
C ALA E 52 15.03 10.50 46.21
N THR E 53 15.31 11.11 47.35
CA THR E 53 16.17 12.29 47.46
C THR E 53 17.08 12.06 48.66
N PRO E 54 18.18 12.79 48.74
CA PRO E 54 18.99 12.67 49.96
C PRO E 54 18.14 13.04 51.15
N GLN E 55 18.40 12.39 52.28
CA GLN E 55 17.61 12.63 53.48
C GLN E 55 17.44 14.12 53.75
N GLN E 56 18.52 14.91 53.60
CA GLN E 56 18.49 16.32 53.97
C GLN E 56 17.57 17.14 53.08
N TRP E 57 17.20 16.64 51.91
CA TRP E 57 16.41 17.41 50.96
C TRP E 57 14.96 16.95 50.84
N MET E 58 14.53 15.98 51.66
CA MET E 58 13.17 15.47 51.52
C MET E 58 12.13 16.54 51.84
N THR E 59 12.37 17.31 52.91
CA THR E 59 11.44 18.37 53.31
C THR E 59 11.32 19.43 52.23
N HIS E 60 12.45 19.86 51.66
CA HIS E 60 12.39 20.83 50.56
C HIS E 60 11.63 20.26 49.37
N THR E 61 11.80 18.97 49.10
CA THR E 61 11.10 18.39 47.96
C THR E 61 9.60 18.43 48.17
N LYS E 62 9.14 18.01 49.34
CA LYS E 62 7.71 18.02 49.60
C LYS E 62 7.15 19.44 49.57
N ASP E 63 7.90 20.39 50.14
CA ASP E 63 7.47 21.79 50.14
C ASP E 63 7.36 22.32 48.71
N THR E 64 8.30 21.96 47.86
CA THR E 64 8.27 22.44 46.48
C THR E 64 7.12 21.80 45.68
N LEU E 65 6.86 20.52 45.90
CA LEU E 65 5.68 19.90 45.30
C LEU E 65 4.42 20.68 45.67
N ARG E 66 4.27 21.00 46.96
CA ARG E 66 3.10 21.75 47.39
C ARG E 66 3.06 23.14 46.75
N LYS E 67 4.22 23.80 46.61
CA LYS E 67 4.25 25.14 46.03
C LYS E 67 3.72 25.13 44.61
N PHE E 68 3.96 24.06 43.86
CA PHE E 68 3.53 23.95 42.48
C PHE E 68 2.22 23.19 42.35
N LYS E 69 1.46 23.08 43.44
CA LYS E 69 0.09 22.56 43.43
C LYS E 69 0.05 21.11 42.94
N ILE E 70 1.15 20.37 43.11
CA ILE E 70 1.24 18.96 42.75
C ILE E 70 0.79 18.15 43.96
N SER E 71 -0.45 17.68 43.94
CA SER E 71 -1.06 17.01 45.06
C SER E 71 -1.35 15.53 44.80
N ASP E 72 -0.99 15.02 43.62
CA ASP E 72 -1.33 13.66 43.20
C ASP E 72 -1.04 12.64 44.30
N GLU E 73 -2.10 11.90 44.68
CA GLU E 73 -2.01 10.98 45.83
C GLU E 73 -1.02 9.84 45.59
N ARG E 74 -0.60 9.61 44.34
CA ARG E 74 0.35 8.55 44.02
C ARG E 74 1.79 8.91 44.34
N ILE E 75 2.09 10.16 44.62
CA ILE E 75 3.47 10.60 44.81
C ILE E 75 3.93 10.33 46.24
N GLU E 76 5.12 9.76 46.39
CA GLU E 76 5.75 9.56 47.69
C GLU E 76 7.23 9.96 47.59
N VAL E 77 7.70 10.70 48.59
CA VAL E 77 9.09 11.15 48.65
C VAL E 77 9.77 10.30 49.72
N ILE E 78 10.83 9.59 49.34
CA ILE E 78 11.53 8.71 50.27
C ILE E 78 13.01 9.03 50.23
N GLN E 79 13.74 8.46 51.18
CA GLN E 79 15.18 8.65 51.27
C GLN E 79 15.88 7.79 50.23
N GLY E 80 16.80 8.39 49.49
CA GLY E 80 17.65 7.66 48.57
C GLY E 80 18.83 6.95 49.24
N GLY E 81 19.68 6.34 48.41
CA GLY E 81 20.77 5.54 48.89
C GLY E 81 22.14 6.16 48.66
N SER E 82 23.17 5.36 48.94
CA SER E 82 24.56 5.85 48.92
C SER E 82 25.17 5.87 47.53
N ASP E 83 24.54 5.19 46.57
CA ASP E 83 24.89 5.24 45.16
C ASP E 83 23.60 5.05 44.39
N ARG E 84 23.68 5.17 43.06
CA ARG E 84 22.47 5.20 42.23
C ARG E 84 21.67 3.89 42.35
N ASN E 85 22.36 2.76 42.26
CA ASN E 85 21.69 1.47 42.37
C ASN E 85 21.14 1.22 43.78
N ASP E 86 21.82 1.71 44.81
CA ASP E 86 21.26 1.65 46.15
C ASP E 86 19.98 2.48 46.26
N THR E 87 19.92 3.63 45.57
CA THR E 87 18.68 4.41 45.57
C THR E 87 17.54 3.63 44.89
N ILE E 88 17.81 3.00 43.74
CA ILE E 88 16.79 2.13 43.13
C ILE E 88 16.33 1.06 44.13
N MET E 89 17.27 0.43 44.83
CA MET E 89 16.85 -0.65 45.73
C MET E 89 16.07 -0.13 46.93
N ASN E 90 16.36 1.09 47.40
CA ASN E 90 15.53 1.70 48.43
C ASN E 90 14.08 1.86 47.94
N ILE E 91 13.91 2.26 46.68
CA ILE E 91 12.55 2.37 46.13
C ILE E 91 11.86 1.01 46.07
N VAL E 92 12.58 -0.02 45.59
CA VAL E 92 12.03 -1.38 45.57
C VAL E 92 11.62 -1.82 46.97
N LYS E 93 12.49 -1.57 47.95
CA LYS E 93 12.19 -1.98 49.33
C LYS E 93 10.96 -1.25 49.87
N HIS E 94 10.81 0.03 49.52
CA HIS E 94 9.63 0.77 49.95
C HIS E 94 8.37 0.16 49.36
N ILE E 95 8.40 -0.19 48.07
CA ILE E 95 7.25 -0.83 47.44
C ILE E 95 6.93 -2.13 48.17
N GLU E 96 7.95 -2.94 48.43
CA GLU E 96 7.75 -4.21 49.12
C GLU E 96 7.12 -3.99 50.48
N SER E 97 7.56 -2.95 51.19
CA SER E 97 7.06 -2.73 52.56
C SER E 97 5.63 -2.20 52.59
N THR E 98 5.21 -1.43 51.59
CA THR E 98 3.87 -0.85 51.62
C THR E 98 2.83 -1.73 50.93
N ASN E 99 3.08 -2.08 49.66
CA ASN E 99 2.13 -2.87 48.89
C ASN E 99 2.50 -4.35 48.77
N GLY E 100 3.75 -4.73 49.03
CA GLY E 100 4.21 -6.05 48.65
C GLY E 100 4.51 -6.06 47.16
N ILE E 101 5.40 -6.94 46.71
CA ILE E 101 5.73 -7.06 45.29
C ILE E 101 4.96 -8.24 44.70
N ASN E 102 4.23 -8.00 43.63
CA ASN E 102 3.57 -9.04 42.84
C ASN E 102 4.52 -9.51 41.74
N ASP E 103 4.29 -10.75 41.29
CA ASP E 103 5.16 -11.37 40.30
C ASP E 103 5.15 -10.62 38.96
N ASP E 104 4.05 -9.92 38.64
CA ASP E 104 4.00 -9.17 37.37
C ASP E 104 4.31 -7.68 37.50
N ASP E 105 4.69 -7.22 38.70
CA ASP E 105 4.99 -5.80 38.92
C ASP E 105 6.18 -5.36 38.08
N VAL E 106 6.15 -4.11 37.58
CA VAL E 106 7.29 -3.52 36.89
C VAL E 106 7.60 -2.16 37.49
N ILE E 107 8.87 -1.76 37.38
CA ILE E 107 9.30 -0.46 37.86
C ILE E 107 10.06 0.27 36.74
N VAL E 108 9.71 1.54 36.54
CA VAL E 108 10.32 2.40 35.54
C VAL E 108 11.22 3.36 36.30
N THR E 109 12.54 3.14 36.20
CA THR E 109 13.48 3.98 36.95
C THR E 109 14.04 5.03 36.01
N HIS E 110 14.24 6.23 36.53
CA HIS E 110 14.56 7.33 35.62
C HIS E 110 15.34 8.44 36.32
N ASP E 111 16.35 9.00 35.65
CA ASP E 111 17.10 10.11 36.25
C ASP E 111 16.22 11.33 36.44
N ALA E 112 16.26 11.90 37.65
CA ALA E 112 15.59 13.18 37.88
C ALA E 112 16.12 14.27 36.96
N VAL E 113 17.39 14.16 36.54
CA VAL E 113 18.01 15.21 35.72
C VAL E 113 17.89 14.92 34.23
N ARG E 114 16.89 14.10 33.85
CA ARG E 114 16.55 13.92 32.43
C ARG E 114 15.11 14.38 32.23
N PRO E 115 14.89 15.70 32.13
CA PRO E 115 13.51 16.22 32.16
C PRO E 115 12.78 16.14 30.84
N PHE E 116 13.43 15.71 29.77
CA PHE E 116 12.86 15.83 28.43
C PHE E 116 12.42 14.49 27.85
N LEU E 117 12.35 13.43 28.65
CA LEU E 117 11.74 12.19 28.17
C LEU E 117 10.29 12.46 27.80
N THR E 118 9.72 11.53 27.05
CA THR E 118 8.40 11.72 26.44
C THR E 118 7.39 10.67 26.90
N HIS E 119 6.13 10.97 26.64
CA HIS E 119 5.06 10.00 26.86
C HIS E 119 5.35 8.70 26.14
N ARG E 120 5.77 8.77 24.87
CA ARG E 120 6.08 7.55 24.11
C ARG E 120 7.17 6.74 24.80
N ILE E 121 8.22 7.42 25.25
CA ILE E 121 9.32 6.70 25.90
C ILE E 121 8.82 5.96 27.14
N ILE E 122 8.00 6.62 27.97
CA ILE E 122 7.55 5.94 29.19
C ILE E 122 6.64 4.76 28.83
N LYS E 123 5.71 4.96 27.88
CA LYS E 123 4.78 3.88 27.54
C LYS E 123 5.53 2.67 26.96
N GLU E 124 6.51 2.93 26.09
CA GLU E 124 7.28 1.81 25.52
C GLU E 124 8.13 1.12 26.59
N ASN E 125 8.65 1.88 27.55
CA ASN E 125 9.36 1.25 28.67
C ASN E 125 8.44 0.32 29.46
N ILE E 126 7.23 0.77 29.77
CA ILE E 126 6.29 -0.08 30.49
C ILE E 126 5.99 -1.36 29.69
N GLN E 127 5.64 -1.19 28.41
CA GLN E 127 5.29 -2.37 27.62
C GLN E 127 6.48 -3.30 27.49
N ALA E 128 7.69 -2.73 27.34
CA ALA E 128 8.86 -3.58 27.20
C ALA E 128 9.14 -4.33 28.50
N ALA E 129 8.94 -3.68 29.64
CA ALA E 129 9.18 -4.33 30.93
C ALA E 129 8.17 -5.47 31.16
N LEU E 130 6.91 -5.23 30.80
CA LEU E 130 5.88 -6.25 30.95
C LEU E 130 6.18 -7.45 30.06
N GLU E 131 6.66 -7.20 28.85
CA GLU E 131 6.79 -8.32 27.92
C GLU E 131 8.10 -9.07 28.09
N TYR E 132 9.20 -8.34 28.33
CA TYR E 132 10.53 -8.91 28.28
C TYR E 132 11.30 -8.87 29.59
N GLY E 133 10.84 -8.14 30.60
CA GLY E 133 11.43 -8.18 31.94
C GLY E 133 12.48 -7.10 32.22
N ALA E 134 13.15 -6.58 31.19
CA ALA E 134 14.22 -5.60 31.42
C ALA E 134 14.44 -4.80 30.13
N VAL E 135 14.62 -3.48 30.25
CA VAL E 135 14.70 -2.60 29.10
C VAL E 135 15.59 -1.39 29.39
N ASP E 136 16.30 -0.95 28.37
CA ASP E 136 17.13 0.24 28.39
C ASP E 136 16.64 1.23 27.34
N THR E 137 16.55 2.50 27.72
CA THR E 137 16.25 3.54 26.73
C THR E 137 17.55 4.00 26.10
N VAL E 138 17.69 3.83 24.77
CA VAL E 138 18.98 4.13 24.14
C VAL E 138 18.78 4.88 22.84
N ILE E 139 19.86 5.54 22.39
CA ILE E 139 19.87 6.05 21.02
C ILE E 139 21.14 5.57 20.32
N ASP E 140 21.06 5.55 18.99
CA ASP E 140 22.25 5.28 18.16
C ASP E 140 23.37 6.20 18.62
N ALA E 141 24.57 5.67 18.77
CA ALA E 141 25.70 6.48 19.18
C ALA E 141 25.84 7.71 18.28
N ILE E 142 25.94 8.88 18.89
CA ILE E 142 26.00 10.10 18.08
C ILE E 142 27.38 10.26 17.48
N ASP E 143 28.40 9.86 18.20
CA ASP E 143 29.78 9.88 17.73
C ASP E 143 30.31 8.46 17.57
N THR E 144 31.41 8.36 16.84
CA THR E 144 32.26 7.17 16.97
C THR E 144 32.72 6.99 18.42
N ILE E 145 32.58 5.77 18.94
CA ILE E 145 33.04 5.45 20.30
C ILE E 145 34.48 4.98 20.25
N VAL E 146 35.30 5.48 21.17
CA VAL E 146 36.69 5.11 21.27
C VAL E 146 36.95 4.65 22.69
N THR E 147 37.78 3.64 22.86
CA THR E 147 38.07 3.15 24.19
C THR E 147 39.52 3.44 24.56
N SER E 148 39.77 3.58 25.87
CA SER E 148 41.13 3.80 26.38
C SER E 148 41.26 3.27 27.80
N LYS E 149 42.36 2.58 28.06
CA LYS E 149 42.62 2.04 29.39
C LYS E 149 43.54 2.94 30.20
N ASP E 150 44.08 4.01 29.60
CA ASP E 150 45.02 4.87 30.29
C ASP E 150 44.66 6.36 30.27
N ASN E 151 43.54 6.73 29.63
CA ASN E 151 43.12 8.13 29.47
C ASN E 151 44.15 8.93 28.66
N GLN E 152 45.04 8.25 27.95
CA GLN E 152 46.07 8.93 27.17
C GLN E 152 46.10 8.47 25.71
N THR E 153 45.85 7.20 25.45
CA THR E 153 46.01 6.59 24.14
C THR E 153 44.79 5.73 23.81
N ILE E 154 44.54 5.57 22.51
CA ILE E 154 43.43 4.72 22.09
C ILE E 154 43.78 3.25 22.34
N ASP E 155 42.83 2.52 22.89
CA ASP E 155 42.93 1.07 22.97
C ASP E 155 42.25 0.41 21.77
N ALA E 156 40.99 0.76 21.51
CA ALA E 156 40.24 0.18 20.42
C ALA E 156 39.18 1.16 19.95
N ILE E 157 38.77 0.99 18.71
CA ILE E 157 37.64 1.70 18.13
C ILE E 157 36.66 0.66 17.62
N PRO E 158 35.64 0.33 18.40
CA PRO E 158 34.67 -0.69 17.98
C PRO E 158 33.84 -0.22 16.79
N VAL E 159 33.16 -1.17 16.16
CA VAL E 159 32.30 -0.85 15.02
C VAL E 159 31.15 0.02 15.48
N ARG E 160 31.05 1.24 14.91
CA ARG E 160 30.13 2.25 15.44
C ARG E 160 28.68 1.81 15.36
N ASN E 161 28.29 1.06 14.32
CA ASN E 161 26.89 0.69 14.15
C ASN E 161 26.38 -0.25 15.24
N GLU E 162 27.25 -0.80 16.08
CA GLU E 162 26.84 -1.60 17.23
C GLU E 162 26.84 -0.80 18.53
N MET E 163 27.15 0.49 18.47
CA MET E 163 27.31 1.33 19.65
C MET E 163 26.08 2.21 19.84
N TYR E 164 25.66 2.37 21.10
CA TYR E 164 24.50 3.16 21.48
C TYR E 164 24.80 4.00 22.72
N GLN E 165 24.17 5.17 22.82
CA GLN E 165 24.19 5.98 24.03
C GLN E 165 23.08 5.48 24.94
N GLY E 166 23.44 5.03 26.15
CA GLY E 166 22.43 4.67 27.13
C GLY E 166 21.82 5.93 27.71
N GLN E 167 20.48 5.96 27.78
CA GLN E 167 19.77 7.03 28.47
C GLN E 167 18.97 6.39 29.60
N THR E 168 17.99 7.10 30.12
CA THR E 168 16.97 6.48 30.96
C THR E 168 15.62 6.95 30.44
N PRO E 169 14.51 6.28 30.82
CA PRO E 169 14.30 5.23 31.81
C PRO E 169 15.05 3.95 31.57
N GLN E 170 15.20 3.19 32.66
CA GLN E 170 15.50 1.78 32.62
C GLN E 170 14.41 1.07 33.43
N SER E 171 13.77 0.06 32.83
CA SER E 171 12.59 -0.51 33.45
C SER E 171 12.72 -2.02 33.57
N PHE E 172 12.13 -2.57 34.64
CA PHE E 172 12.38 -3.95 35.03
C PHE E 172 11.15 -4.58 35.66
N ASN E 173 11.00 -5.87 35.43
CA ASN E 173 10.24 -6.69 36.36
C ASN E 173 10.94 -6.60 37.72
N ILE E 174 10.18 -6.29 38.77
CA ILE E 174 10.80 -5.99 40.05
C ILE E 174 11.48 -7.22 40.64
N ASN E 175 10.82 -8.38 40.59
CA ASN E 175 11.42 -9.60 41.15
C ASN E 175 12.69 -9.98 40.40
N LEU E 176 12.67 -9.78 39.08
CA LEU E 176 13.84 -10.03 38.23
C LEU E 176 15.01 -9.14 38.63
N LEU E 177 14.75 -7.85 38.82
CA LEU E 177 15.79 -6.92 39.23
C LEU E 177 16.36 -7.32 40.59
N LYS E 178 15.47 -7.66 41.52
CA LYS E 178 15.90 -8.04 42.86
C LYS E 178 16.79 -9.30 42.86
N GLU E 179 16.36 -10.33 42.13
CA GLU E 179 17.12 -11.58 42.07
C GLU E 179 18.49 -11.35 41.43
N SER E 180 18.52 -10.60 40.33
CA SER E 180 19.80 -10.31 39.68
C SER E 180 20.73 -9.50 40.59
N TYR E 181 20.20 -8.47 41.27
CA TYR E 181 21.03 -7.68 42.18
C TYR E 181 21.56 -8.53 43.33
N ALA E 182 20.73 -9.45 43.83
CA ALA E 182 21.18 -10.35 44.88
C ALA E 182 22.30 -11.26 44.41
N GLN E 183 22.38 -11.52 43.10
CA GLN E 183 23.45 -12.37 42.60
C GLN E 183 24.81 -11.69 42.56
N LEU E 184 24.88 -10.36 42.57
CA LEU E 184 26.14 -9.68 42.33
C LEU E 184 27.02 -9.60 43.59
N SER E 185 28.33 -9.60 43.37
CA SER E 185 29.30 -9.39 44.43
C SER E 185 29.50 -7.90 44.65
N ASP E 186 30.17 -7.55 45.75
CA ASP E 186 30.42 -6.14 46.04
C ASP E 186 31.28 -5.49 44.97
N GLU E 187 32.26 -6.23 44.44
CA GLU E 187 33.10 -5.69 43.37
C GLU E 187 32.28 -5.42 42.11
N GLN E 188 31.42 -6.39 41.74
CA GLN E 188 30.54 -6.21 40.58
C GLN E 188 29.66 -4.99 40.75
N LYS E 189 29.08 -4.80 41.94
CA LYS E 189 28.24 -3.63 42.17
C LYS E 189 29.04 -2.34 42.12
N SER E 190 30.29 -2.38 42.61
CA SER E 190 31.14 -1.21 42.64
C SER E 190 31.43 -0.65 41.25
N ILE E 191 31.59 -1.51 40.24
CA ILE E 191 31.96 -0.96 38.91
C ILE E 191 30.78 -0.54 38.03
N LEU E 192 29.52 -0.73 38.49
CA LEU E 192 28.35 -0.44 37.66
C LEU E 192 28.14 1.06 37.52
N SER E 193 27.75 1.49 36.32
CA SER E 193 27.38 2.88 36.10
C SER E 193 25.89 3.05 35.80
N ASP E 194 25.13 1.98 35.69
CA ASP E 194 23.70 2.00 35.41
C ASP E 194 23.09 0.74 36.04
N ALA E 195 21.75 0.61 35.92
CA ALA E 195 21.06 -0.58 36.45
C ALA E 195 20.96 -1.71 35.42
N CYS E 196 20.91 -1.40 34.12
CA CYS E 196 20.75 -2.45 33.13
C CYS E 196 21.93 -3.42 33.18
N LYS E 197 23.11 -2.96 33.60
CA LYS E 197 24.22 -3.89 33.69
C LYS E 197 24.00 -4.93 34.77
N ILE E 198 23.20 -4.65 35.80
CA ILE E 198 22.85 -5.70 36.76
C ILE E 198 22.32 -6.93 36.03
N ILE E 199 21.35 -6.68 35.14
CA ILE E 199 20.71 -7.75 34.40
C ILE E 199 21.71 -8.40 33.45
N VAL E 200 22.47 -7.60 32.71
CA VAL E 200 23.43 -8.15 31.75
C VAL E 200 24.45 -9.02 32.46
N GLU E 201 24.94 -8.59 33.63
CA GLU E 201 25.90 -9.39 34.39
C GLU E 201 25.29 -10.68 34.85
N THR E 202 23.97 -10.71 35.07
CA THR E 202 23.34 -11.99 35.40
C THR E 202 22.77 -12.68 34.17
N ASN E 203 23.21 -12.29 32.98
CA ASN E 203 23.01 -13.07 31.79
C ASN E 203 21.52 -13.33 31.51
N LYS E 204 20.70 -12.30 31.69
CA LYS E 204 19.31 -12.25 31.28
C LYS E 204 19.14 -11.13 30.26
N PRO E 205 18.15 -11.23 29.36
CA PRO E 205 18.06 -10.25 28.25
C PRO E 205 17.64 -8.88 28.72
N VAL E 206 18.14 -7.85 28.02
CA VAL E 206 17.67 -6.47 28.18
C VAL E 206 17.27 -5.97 26.80
N ARG E 207 16.01 -5.57 26.65
CA ARG E 207 15.50 -5.06 25.39
C ARG E 207 15.82 -3.56 25.22
N LEU E 208 15.83 -3.11 23.98
CA LEU E 208 16.11 -1.71 23.65
C LEU E 208 14.81 -0.96 23.30
N VAL E 209 14.63 0.22 23.88
CA VAL E 209 13.60 1.18 23.50
C VAL E 209 14.29 2.46 23.01
N LYS E 210 13.80 3.03 21.90
CA LYS E 210 14.47 4.22 21.36
C LYS E 210 14.20 5.46 22.21
N GLY E 211 15.28 6.18 22.59
CA GLY E 211 15.12 7.46 23.27
C GLY E 211 14.98 8.60 22.27
N GLU E 212 15.57 9.75 22.59
CA GLU E 212 15.54 10.94 21.73
C GLU E 212 16.87 11.66 21.87
N LEU E 213 17.23 12.37 20.83
CA LEU E 213 18.45 13.16 20.88
C LEU E 213 18.39 14.22 21.97
N TYR E 214 17.19 14.70 22.28
CA TYR E 214 17.01 15.77 23.25
C TYR E 214 16.76 15.25 24.66
N ASN E 215 16.75 13.92 24.86
CA ASN E 215 16.58 13.34 26.21
C ASN E 215 17.90 13.41 26.97
N ILE E 216 18.42 14.64 27.08
CA ILE E 216 19.76 14.85 27.64
C ILE E 216 19.70 14.83 29.16
N LYS E 217 20.87 14.59 29.75
CA LYS E 217 21.10 14.61 31.18
C LYS E 217 21.77 15.91 31.55
N VAL E 218 21.24 16.59 32.58
CA VAL E 218 21.83 17.84 33.04
C VAL E 218 22.93 17.46 34.04
N THR E 219 24.18 17.58 33.62
CA THR E 219 25.30 17.14 34.43
C THR E 219 26.31 18.25 34.69
N THR E 220 26.39 19.26 33.80
CA THR E 220 27.31 20.37 33.85
C THR E 220 26.58 21.69 33.59
N PRO E 221 27.22 22.84 33.84
CA PRO E 221 26.58 24.12 33.48
C PRO E 221 26.25 24.24 32.00
N TYR E 222 27.10 23.67 31.13
CA TYR E 222 26.80 23.66 29.70
C TYR E 222 25.47 22.97 29.41
N ASP E 223 25.22 21.84 30.09
CA ASP E 223 23.99 21.09 29.84
C ASP E 223 22.77 21.91 30.24
N LEU E 224 22.89 22.71 31.29
CA LEU E 224 21.76 23.52 31.72
C LEU E 224 21.50 24.61 30.70
N LYS E 225 22.56 25.15 30.10
CA LYS E 225 22.36 26.09 28.98
C LYS E 225 21.63 25.42 27.81
N VAL E 226 22.05 24.20 27.47
CA VAL E 226 21.39 23.48 26.38
C VAL E 226 19.93 23.19 26.74
N ALA E 227 19.69 22.81 28.01
CA ALA E 227 18.34 22.51 28.46
C ALA E 227 17.44 23.75 28.39
N ASN E 228 17.98 24.91 28.78
CA ASN E 228 17.20 26.14 28.64
C ASN E 228 16.85 26.40 27.18
N ALA E 229 17.80 26.11 26.27
CA ALA E 229 17.53 26.28 24.84
C ALA E 229 16.44 25.32 24.35
N ILE E 230 16.50 24.06 24.77
CA ILE E 230 15.51 23.06 24.40
C ILE E 230 14.11 23.52 24.83
N ILE E 231 13.99 24.04 26.05
CA ILE E 231 12.69 24.51 26.51
C ILE E 231 12.23 25.69 25.66
N ARG E 232 13.11 26.67 25.45
CA ARG E 232 12.73 27.87 24.69
C ARG E 232 12.32 27.52 23.25
N GLY E 233 12.98 26.53 22.63
CA GLY E 233 12.68 26.12 21.26
C GLY E 233 11.52 25.16 21.09
N GLY E 234 10.93 24.67 22.17
CA GLY E 234 9.82 23.74 22.05
C GLY E 234 10.16 22.40 21.41
N ILE E 235 11.43 21.98 21.47
CA ILE E 235 11.84 20.75 20.81
C ILE E 235 11.31 19.54 21.58
N ALA E 236 11.64 19.45 22.86
CA ALA E 236 11.19 18.36 23.70
C ALA E 236 9.67 18.23 23.69
N MET F 1 55.89 21.32 8.00
CA MET F 1 54.81 22.27 7.77
C MET F 1 53.50 21.65 8.19
N LYS F 2 52.54 22.49 8.54
CA LYS F 2 51.25 22.07 9.07
C LYS F 2 50.17 22.40 8.06
N TYR F 3 49.31 21.42 7.76
CA TYR F 3 48.23 21.57 6.79
C TYR F 3 46.89 21.28 7.47
N ALA F 4 45.83 21.96 7.01
CA ALA F 4 44.49 21.64 7.48
C ALA F 4 43.74 20.99 6.34
N GLY F 5 43.04 19.92 6.66
CA GLY F 5 42.17 19.24 5.71
C GLY F 5 40.74 19.25 6.23
N ILE F 6 39.88 20.03 5.57
CA ILE F 6 38.46 20.14 5.95
C ILE F 6 37.66 19.17 5.08
N LEU F 7 36.97 18.23 5.74
CA LEU F 7 36.29 17.12 5.07
C LEU F 7 34.82 17.50 4.91
N ALA F 8 34.43 17.82 3.68
CA ALA F 8 33.06 18.24 3.42
C ALA F 8 32.38 17.21 2.54
N GLY F 9 32.38 15.96 2.99
CA GLY F 9 31.77 14.88 2.22
C GLY F 9 30.26 14.73 2.41
N GLY F 10 29.64 15.59 3.21
CA GLY F 10 28.23 15.45 3.49
C GLY F 10 27.92 14.38 4.53
N ILE F 11 26.65 14.27 4.87
CA ILE F 11 26.15 13.33 5.87
C ILE F 11 25.21 12.36 5.17
N GLY F 12 25.54 11.06 5.25
CA GLY F 12 24.81 10.06 4.50
C GLY F 12 23.42 9.81 5.05
N SER F 13 22.43 9.73 4.15
CA SER F 13 21.08 9.35 4.54
C SER F 13 21.05 7.92 5.12
N ARG F 14 20.11 7.69 6.04
CA ARG F 14 20.03 6.38 6.69
C ARG F 14 19.76 5.27 5.67
N MET F 15 18.72 5.44 4.85
CA MET F 15 18.49 4.55 3.72
C MET F 15 19.27 5.07 2.52
N GLY F 16 20.11 4.21 1.93
CA GLY F 16 20.83 4.54 0.71
C GLY F 16 22.19 5.19 0.89
N ASN F 17 22.47 5.79 2.04
CA ASN F 17 23.77 6.43 2.28
C ASN F 17 24.01 7.54 1.26
N VAL F 18 22.97 8.30 0.95
CA VAL F 18 23.11 9.39 -0.02
C VAL F 18 23.74 10.58 0.68
N PRO F 19 24.81 11.17 0.13
CA PRO F 19 25.47 12.29 0.82
C PRO F 19 24.60 13.54 0.75
N LEU F 20 24.30 14.12 1.90
CA LEU F 20 23.52 15.34 1.85
C LEU F 20 24.41 16.48 2.35
N PRO F 21 24.44 17.60 1.63
CA PRO F 21 25.38 18.70 1.96
C PRO F 21 24.94 19.56 3.15
N LYS F 22 24.94 18.94 4.35
CA LYS F 22 24.51 19.64 5.57
C LYS F 22 25.39 20.83 5.91
N GLN F 23 26.62 20.86 5.38
CA GLN F 23 27.56 21.94 5.69
C GLN F 23 27.13 23.28 5.09
N PHE F 24 26.18 23.29 4.16
CA PHE F 24 25.67 24.53 3.60
C PHE F 24 24.46 25.05 4.35
N LEU F 25 23.96 24.32 5.36
CA LEU F 25 22.81 24.80 6.10
C LEU F 25 23.19 26.02 6.94
N ASP F 26 22.23 26.91 7.13
CA ASP F 26 22.48 28.20 7.76
C ASP F 26 22.59 28.06 9.26
N LEU F 27 23.63 28.67 9.82
CA LEU F 27 23.82 28.76 11.25
C LEU F 27 24.00 30.25 11.53
N ASP F 28 22.97 30.88 12.10
CA ASP F 28 23.01 32.31 12.39
C ASP F 28 23.38 33.13 11.13
N ASN F 29 22.70 32.80 10.02
CA ASN F 29 22.74 33.54 8.74
C ASN F 29 24.05 33.36 7.96
N LYS F 30 24.75 32.26 8.20
CA LYS F 30 25.98 31.77 7.57
C LYS F 30 26.06 30.26 7.51
N PRO F 31 26.42 29.70 6.34
CA PRO F 31 26.55 28.25 6.25
C PRO F 31 27.54 27.74 7.29
N ILE F 32 27.23 26.55 7.82
CA ILE F 32 28.09 25.93 8.84
C ILE F 32 29.55 25.89 8.38
N LEU F 33 29.76 25.51 7.13
CA LEU F 33 31.12 25.40 6.57
C LEU F 33 31.93 26.68 6.77
N ILE F 34 31.33 27.86 6.58
CA ILE F 34 32.06 29.13 6.72
C ILE F 34 32.49 29.35 8.18
N HIS F 35 31.59 29.06 9.14
CA HIS F 35 31.94 29.15 10.55
C HIS F 35 33.17 28.28 10.84
N THR F 36 33.15 27.04 10.33
CA THR F 36 34.28 26.15 10.58
C THR F 36 35.57 26.69 9.99
N LEU F 37 35.50 27.18 8.75
CA LEU F 37 36.71 27.69 8.08
C LEU F 37 37.28 28.90 8.82
N GLU F 38 36.40 29.77 9.34
CA GLU F 38 36.92 30.98 10.01
C GLU F 38 37.83 30.61 11.17
N LYS F 39 37.52 29.52 11.88
CA LYS F 39 38.35 29.06 12.99
C LYS F 39 39.76 28.68 12.52
N PHE F 40 39.85 28.04 11.35
CA PHE F 40 41.16 27.64 10.83
C PHE F 40 41.95 28.79 10.23
N ILE F 41 41.25 29.75 9.61
CA ILE F 41 41.91 30.93 9.06
C ILE F 41 42.65 31.70 10.13
N LEU F 42 42.14 31.67 11.38
CA LEU F 42 42.80 32.35 12.48
C LEU F 42 44.13 31.70 12.90
N ILE F 43 44.41 30.47 12.46
CA ILE F 43 45.65 29.79 12.81
C ILE F 43 46.68 30.09 11.72
N ASN F 44 47.61 31.00 12.02
CA ASN F 44 48.58 31.40 11.01
C ASN F 44 49.56 30.30 10.68
N ASP F 45 49.70 29.30 11.55
CA ASP F 45 50.71 28.30 11.34
C ASP F 45 50.35 27.33 10.21
N PHE F 46 49.10 27.35 9.69
CA PHE F 46 48.77 26.49 8.57
C PHE F 46 49.39 27.01 7.29
N GLU F 47 50.06 26.11 6.56
CA GLU F 47 50.57 26.43 5.23
C GLU F 47 49.45 26.48 4.20
N LYS F 48 48.47 25.58 4.30
CA LYS F 48 47.32 25.56 3.39
C LYS F 48 46.11 25.04 4.15
N ILE F 49 44.92 25.53 3.78
CA ILE F 49 43.65 25.07 4.36
C ILE F 49 42.82 24.51 3.20
N ILE F 50 42.78 23.19 3.10
CA ILE F 50 42.27 22.48 1.91
C ILE F 50 40.92 21.90 2.27
N ILE F 51 39.88 22.30 1.54
CA ILE F 51 38.54 21.74 1.69
C ILE F 51 38.37 20.70 0.59
N ALA F 52 38.05 19.48 0.97
CA ALA F 52 37.78 18.42 0.00
C ALA F 52 36.29 18.08 -0.01
N THR F 53 35.70 18.02 -1.20
CA THR F 53 34.25 17.87 -1.30
C THR F 53 33.94 17.10 -2.59
N PRO F 54 32.77 16.46 -2.67
CA PRO F 54 32.46 15.74 -3.92
C PRO F 54 32.50 16.69 -5.11
N GLN F 55 32.87 16.12 -6.24
CA GLN F 55 32.94 16.86 -7.51
C GLN F 55 31.70 17.70 -7.75
N GLN F 56 30.52 17.13 -7.52
CA GLN F 56 29.26 17.78 -7.84
C GLN F 56 28.97 18.98 -6.94
N TRP F 57 29.73 19.17 -5.85
CA TRP F 57 29.53 20.28 -4.92
C TRP F 57 30.65 21.32 -5.00
N MET F 58 31.62 21.12 -5.86
CA MET F 58 32.77 22.02 -5.90
C MET F 58 32.38 23.44 -6.34
N THR F 59 31.55 23.53 -7.36
CA THR F 59 31.15 24.84 -7.86
C THR F 59 30.40 25.63 -6.79
N HIS F 60 29.43 24.99 -6.15
CA HIS F 60 28.67 25.67 -5.12
C HIS F 60 29.56 26.05 -3.95
N THR F 61 30.53 25.19 -3.63
CA THR F 61 31.42 25.49 -2.50
C THR F 61 32.21 26.76 -2.78
N LYS F 62 32.75 26.85 -3.99
CA LYS F 62 33.54 28.03 -4.37
C LYS F 62 32.66 29.28 -4.41
N ASP F 63 31.44 29.15 -4.95
CA ASP F 63 30.54 30.29 -4.98
C ASP F 63 30.24 30.79 -3.56
N THR F 64 30.02 29.84 -2.63
CA THR F 64 29.72 30.21 -1.25
C THR F 64 30.90 30.88 -0.56
N LEU F 65 32.12 30.38 -0.79
CA LEU F 65 33.30 31.07 -0.27
C LEU F 65 33.36 32.51 -0.77
N ARG F 66 33.12 32.69 -2.09
CA ARG F 66 33.16 34.03 -2.66
C ARG F 66 32.11 34.92 -2.01
N LYS F 67 30.90 34.39 -1.83
CA LYS F 67 29.78 35.17 -1.29
C LYS F 67 30.04 35.63 0.12
N PHE F 68 30.68 34.78 0.92
CA PHE F 68 30.95 35.11 2.31
C PHE F 68 32.35 35.65 2.54
N LYS F 69 33.00 36.17 1.48
CA LYS F 69 34.21 36.98 1.61
C LYS F 69 35.40 36.19 2.15
N ILE F 70 35.45 34.90 1.89
CA ILE F 70 36.56 34.07 2.34
C ILE F 70 37.63 34.21 1.26
N SER F 71 38.61 35.07 1.51
CA SER F 71 39.60 35.40 0.49
C SER F 71 41.02 34.95 0.83
N ASP F 72 41.23 34.36 2.01
CA ASP F 72 42.57 33.97 2.44
C ASP F 72 43.23 33.12 1.36
N GLU F 73 44.43 33.50 0.94
CA GLU F 73 45.04 32.79 -0.18
C GLU F 73 45.34 31.33 0.15
N ARG F 74 45.34 30.93 1.44
CA ARG F 74 45.60 29.54 1.80
C ARG F 74 44.42 28.61 1.57
N ILE F 75 43.23 29.14 1.31
CA ILE F 75 42.03 28.32 1.16
C ILE F 75 42.00 27.75 -0.25
N GLU F 76 41.78 26.44 -0.36
CA GLU F 76 41.66 25.78 -1.66
C GLU F 76 40.60 24.69 -1.59
N VAL F 77 39.78 24.57 -2.63
CA VAL F 77 38.75 23.53 -2.72
C VAL F 77 39.24 22.45 -3.68
N ILE F 78 39.24 21.18 -3.25
CA ILE F 78 39.66 20.12 -4.16
C ILE F 78 38.60 19.04 -4.17
N GLN F 79 38.69 18.17 -5.19
CA GLN F 79 37.72 17.09 -5.35
C GLN F 79 38.00 15.99 -4.33
N GLY F 80 36.96 15.58 -3.63
CA GLY F 80 37.05 14.48 -2.69
C GLY F 80 37.08 13.13 -3.38
N GLY F 81 37.10 12.07 -2.54
CA GLY F 81 37.32 10.70 -2.96
C GLY F 81 36.09 9.82 -2.78
N SER F 82 36.33 8.50 -2.81
CA SER F 82 35.22 7.55 -2.81
C SER F 82 34.66 7.31 -1.41
N ASP F 83 35.41 7.69 -0.37
CA ASP F 83 34.98 7.63 1.02
C ASP F 83 35.82 8.64 1.80
N ARG F 84 35.52 8.77 3.09
CA ARG F 84 36.16 9.81 3.88
C ARG F 84 37.68 9.62 3.95
N ASN F 85 38.13 8.38 4.18
CA ASN F 85 39.57 8.16 4.25
C ASN F 85 40.22 8.34 2.87
N ASP F 86 39.57 7.89 1.79
CA ASP F 86 40.09 8.15 0.45
C ASP F 86 40.16 9.65 0.18
N THR F 87 39.19 10.40 0.71
CA THR F 87 39.22 11.86 0.57
C THR F 87 40.40 12.46 1.33
N ILE F 88 40.67 12.00 2.55
CA ILE F 88 41.86 12.47 3.23
C ILE F 88 43.08 12.22 2.36
N MET F 89 43.14 11.03 1.76
CA MET F 89 44.31 10.71 0.96
C MET F 89 44.38 11.58 -0.31
N ASN F 90 43.23 12.01 -0.84
CA ASN F 90 43.30 12.99 -1.94
C ASN F 90 43.97 14.27 -1.48
N ILE F 91 43.68 14.69 -0.24
CA ILE F 91 44.32 15.89 0.28
C ILE F 91 45.82 15.68 0.40
N VAL F 92 46.21 14.50 0.92
CA VAL F 92 47.64 14.18 1.03
C VAL F 92 48.30 14.23 -0.33
N LYS F 93 47.65 13.66 -1.35
CA LYS F 93 48.19 13.64 -2.69
C LYS F 93 48.32 15.07 -3.25
N HIS F 94 47.35 15.92 -2.96
CA HIS F 94 47.44 17.30 -3.44
C HIS F 94 48.62 18.03 -2.79
N ILE F 95 48.81 17.87 -1.48
CA ILE F 95 49.99 18.45 -0.82
C ILE F 95 51.26 17.91 -1.45
N GLU F 96 51.31 16.59 -1.66
CA GLU F 96 52.50 15.96 -2.23
C GLU F 96 52.82 16.51 -3.60
N SER F 97 51.80 16.69 -4.45
CA SER F 97 51.99 17.18 -5.80
C SER F 97 52.31 18.66 -5.85
N THR F 98 51.91 19.43 -4.85
CA THR F 98 52.16 20.87 -4.83
C THR F 98 53.50 21.23 -4.18
N ASN F 99 53.66 20.84 -2.91
CA ASN F 99 54.86 21.14 -2.13
C ASN F 99 55.82 19.97 -1.94
N GLY F 100 55.38 18.73 -2.16
CA GLY F 100 56.16 17.60 -1.68
C GLY F 100 55.96 17.44 -0.18
N ILE F 101 56.14 16.23 0.38
CA ILE F 101 55.93 15.98 1.80
C ILE F 101 57.26 15.96 2.54
N ASN F 102 57.37 16.74 3.61
CA ASN F 102 58.52 16.72 4.51
C ASN F 102 58.29 15.74 5.64
N ASP F 103 59.39 15.24 6.21
CA ASP F 103 59.27 14.20 7.22
C ASP F 103 58.56 14.69 8.47
N ASP F 104 58.58 15.99 8.76
CA ASP F 104 57.89 16.47 9.96
C ASP F 104 56.52 17.07 9.65
N ASP F 105 56.04 16.99 8.41
CA ASP F 105 54.74 17.58 8.09
C ASP F 105 53.61 16.91 8.88
N VAL F 106 52.63 17.70 9.28
CA VAL F 106 51.45 17.16 9.95
C VAL F 106 50.19 17.65 9.23
N ILE F 107 49.12 16.87 9.30
CA ILE F 107 47.84 17.28 8.72
C ILE F 107 46.79 17.22 9.83
N VAL F 108 46.01 18.30 9.98
CA VAL F 108 44.90 18.37 10.92
C VAL F 108 43.61 18.20 10.10
N THR F 109 42.96 17.04 10.22
CA THR F 109 41.73 16.75 9.47
C THR F 109 40.52 17.02 10.36
N HIS F 110 39.45 17.56 9.77
CA HIS F 110 38.35 18.01 10.60
C HIS F 110 37.04 18.05 9.82
N ASP F 111 35.94 17.61 10.48
CA ASP F 111 34.60 17.67 9.89
C ASP F 111 34.20 19.11 9.54
N ALA F 112 33.68 19.29 8.31
CA ALA F 112 33.13 20.60 7.96
C ALA F 112 31.97 21.00 8.86
N VAL F 113 31.22 20.02 9.43
CA VAL F 113 30.07 20.40 10.25
C VAL F 113 30.38 20.39 11.74
N ARG F 114 31.64 20.62 12.13
CA ARG F 114 32.02 20.82 13.54
C ARG F 114 32.58 22.23 13.69
N PRO F 115 31.70 23.24 13.78
CA PRO F 115 32.15 24.63 13.71
C PRO F 115 32.65 25.18 15.03
N PHE F 116 32.54 24.44 16.13
CA PHE F 116 32.78 25.00 17.45
C PHE F 116 34.09 24.53 18.08
N LEU F 117 34.96 23.87 17.31
CA LEU F 117 36.30 23.57 17.83
C LEU F 117 37.04 24.86 18.17
N THR F 118 38.04 24.74 19.04
CA THR F 118 38.70 25.92 19.58
C THR F 118 40.17 25.99 19.17
N HIS F 119 40.72 27.19 19.36
CA HIS F 119 42.15 27.42 19.17
C HIS F 119 42.97 26.42 19.96
N ARG F 120 42.60 26.20 21.23
CA ARG F 120 43.29 25.22 22.08
C ARG F 120 43.25 23.83 21.45
N ILE F 121 42.07 23.40 21.00
CA ILE F 121 41.96 22.08 20.39
C ILE F 121 42.88 21.96 19.18
N ILE F 122 42.90 22.98 18.32
CA ILE F 122 43.74 22.90 17.14
C ILE F 122 45.24 22.86 17.52
N LYS F 123 45.66 23.74 18.45
CA LYS F 123 47.07 23.78 18.85
C LYS F 123 47.52 22.48 19.52
N GLU F 124 46.67 21.92 20.40
CA GLU F 124 47.04 20.65 21.04
C GLU F 124 47.10 19.52 20.02
N ASN F 125 46.23 19.55 19.01
CA ASN F 125 46.29 18.55 17.95
C ASN F 125 47.62 18.62 17.21
N ILE F 126 48.04 19.84 16.84
CA ILE F 126 49.32 20.01 16.15
C ILE F 126 50.47 19.53 17.02
N GLN F 127 50.51 19.95 18.30
CA GLN F 127 51.64 19.53 19.14
C GLN F 127 51.65 18.01 19.37
N ALA F 128 50.48 17.41 19.60
CA ALA F 128 50.48 15.95 19.80
C ALA F 128 50.82 15.20 18.51
N ALA F 129 50.45 15.74 17.34
CA ALA F 129 50.86 15.07 16.11
C ALA F 129 52.37 15.15 15.92
N LEU F 130 52.95 16.32 16.22
CA LEU F 130 54.40 16.45 16.17
C LEU F 130 55.08 15.45 17.10
N GLU F 131 54.51 15.22 18.28
CA GLU F 131 55.24 14.36 19.21
C GLU F 131 54.97 12.86 18.98
N TYR F 132 53.72 12.49 18.68
CA TYR F 132 53.27 11.12 18.72
C TYR F 132 52.81 10.54 17.37
N GLY F 133 52.61 11.37 16.36
CA GLY F 133 52.35 10.89 15.02
C GLY F 133 50.88 10.75 14.64
N ALA F 134 49.99 10.55 15.61
CA ALA F 134 48.57 10.35 15.38
C ALA F 134 47.81 10.79 16.62
N VAL F 135 46.70 11.49 16.41
CA VAL F 135 45.94 12.19 17.45
C VAL F 135 44.46 12.07 17.17
N ASP F 136 43.66 11.84 18.24
CA ASP F 136 42.20 11.84 18.17
C ASP F 136 41.65 12.85 19.18
N THR F 137 40.70 13.66 18.77
CA THR F 137 40.03 14.57 19.71
C THR F 137 38.79 13.85 20.26
N VAL F 138 38.73 13.67 21.59
CA VAL F 138 37.67 12.87 22.23
C VAL F 138 37.19 13.59 23.48
N ILE F 139 35.99 13.22 23.94
CA ILE F 139 35.58 13.62 25.29
C ILE F 139 35.17 12.36 26.06
N ASP F 140 35.35 12.40 27.38
CA ASP F 140 34.88 11.29 28.22
C ASP F 140 33.40 11.04 28.00
N ALA F 141 33.02 9.77 27.86
CA ALA F 141 31.59 9.44 27.78
C ALA F 141 30.85 9.88 29.05
N ILE F 142 29.72 10.62 28.88
CA ILE F 142 28.89 10.93 30.05
C ILE F 142 27.78 9.88 30.20
N ASP F 143 27.18 9.46 29.06
CA ASP F 143 26.20 8.37 29.11
C ASP F 143 26.92 7.05 29.30
N THR F 144 26.23 6.08 29.90
CA THR F 144 26.66 4.70 29.79
C THR F 144 26.58 4.28 28.34
N ILE F 145 27.65 3.65 27.83
CA ILE F 145 27.67 3.18 26.45
C ILE F 145 27.23 1.72 26.42
N VAL F 146 26.33 1.37 25.49
CA VAL F 146 25.91 -0.02 25.39
C VAL F 146 26.07 -0.49 23.96
N THR F 147 26.30 -1.79 23.78
CA THR F 147 26.44 -2.35 22.45
C THR F 147 25.27 -3.27 22.12
N SER F 148 24.97 -3.37 20.82
CA SER F 148 23.94 -4.29 20.36
C SER F 148 24.27 -4.73 18.94
N LYS F 149 24.15 -6.03 18.68
CA LYS F 149 24.39 -6.50 17.32
C LYS F 149 23.11 -6.66 16.52
N ASP F 150 21.92 -6.56 17.16
CA ASP F 150 20.65 -6.82 16.49
C ASP F 150 19.61 -5.70 16.57
N ASN F 151 19.93 -4.54 17.19
CA ASN F 151 19.01 -3.43 17.39
C ASN F 151 17.81 -3.81 18.23
N GLN F 152 17.90 -4.89 18.98
CA GLN F 152 16.80 -5.38 19.78
C GLN F 152 17.18 -5.65 21.22
N THR F 153 18.35 -6.23 21.49
CA THR F 153 18.76 -6.55 22.84
C THR F 153 20.21 -6.11 23.06
N ILE F 154 20.56 -5.89 24.33
CA ILE F 154 21.94 -5.53 24.67
C ILE F 154 22.84 -6.73 24.48
N ASP F 155 23.99 -6.49 23.86
CA ASP F 155 25.06 -7.47 23.83
C ASP F 155 26.02 -7.31 25.01
N ALA F 156 26.51 -6.10 25.26
CA ALA F 156 27.45 -5.85 26.34
C ALA F 156 27.28 -4.42 26.84
N ILE F 157 27.70 -4.21 28.09
CA ILE F 157 27.80 -2.86 28.65
C ILE F 157 29.22 -2.69 29.16
N PRO F 158 30.11 -2.07 28.38
CA PRO F 158 31.51 -1.89 28.81
C PRO F 158 31.60 -0.96 30.01
N VAL F 159 32.79 -0.96 30.61
CA VAL F 159 33.08 -0.07 31.73
C VAL F 159 33.09 1.36 31.21
N ARG F 160 32.21 2.22 31.77
CA ARG F 160 32.05 3.55 31.17
C ARG F 160 33.34 4.37 31.25
N ASN F 161 34.16 4.18 32.30
CA ASN F 161 35.36 5.00 32.48
C ASN F 161 36.36 4.82 31.35
N GLU F 162 36.21 3.77 30.55
CA GLU F 162 37.09 3.53 29.42
C GLU F 162 36.50 3.98 28.09
N MET F 163 35.30 4.56 28.10
CA MET F 163 34.59 4.91 26.89
C MET F 163 34.71 6.40 26.63
N TYR F 164 34.90 6.77 25.36
CA TYR F 164 35.06 8.16 24.95
C TYR F 164 34.24 8.41 23.69
N GLN F 165 33.76 9.63 23.56
CA GLN F 165 33.05 10.03 22.37
C GLN F 165 34.06 10.66 21.42
N GLY F 166 34.20 10.09 20.26
CA GLY F 166 35.15 10.62 19.30
C GLY F 166 34.64 11.90 18.65
N GLN F 167 35.50 12.91 18.57
CA GLN F 167 35.19 14.10 17.80
C GLN F 167 36.23 14.27 16.69
N THR F 168 36.32 15.46 16.10
CA THR F 168 37.49 15.82 15.33
C THR F 168 37.92 17.20 15.84
N PRO F 169 39.17 17.65 15.55
CA PRO F 169 40.17 17.09 14.63
C PRO F 169 40.69 15.71 14.93
N GLN F 170 41.20 15.09 13.87
CA GLN F 170 42.11 13.94 13.94
C GLN F 170 43.34 14.34 13.17
N SER F 171 44.52 14.23 13.79
CA SER F 171 45.70 14.86 13.22
C SER F 171 46.82 13.84 13.12
N PHE F 172 47.68 14.00 12.11
CA PHE F 172 48.67 12.95 11.80
C PHE F 172 49.94 13.54 11.21
N ASN F 173 51.07 12.90 11.55
CA ASN F 173 52.24 13.03 10.70
C ASN F 173 51.87 12.49 9.31
N ILE F 174 52.16 13.27 8.26
CA ILE F 174 51.62 12.88 6.95
C ILE F 174 52.23 11.56 6.47
N ASN F 175 53.54 11.39 6.60
CA ASN F 175 54.13 10.14 6.12
C ASN F 175 53.63 8.95 6.93
N LEU F 176 53.42 9.12 8.24
CA LEU F 176 52.87 8.03 9.05
C LEU F 176 51.49 7.63 8.53
N LEU F 177 50.64 8.62 8.25
CA LEU F 177 49.30 8.33 7.74
C LEU F 177 49.36 7.64 6.38
N LYS F 178 50.22 8.14 5.48
CA LYS F 178 50.35 7.53 4.15
C LYS F 178 50.81 6.06 4.24
N GLU F 179 51.85 5.81 5.03
CA GLU F 179 52.36 4.43 5.16
C GLU F 179 51.33 3.50 5.78
N SER F 180 50.64 3.98 6.83
CA SER F 180 49.62 3.15 7.46
C SER F 180 48.48 2.86 6.49
N TYR F 181 48.03 3.87 5.76
CA TYR F 181 46.94 3.64 4.80
C TYR F 181 47.36 2.63 3.74
N ALA F 182 48.63 2.69 3.29
CA ALA F 182 49.07 1.70 2.31
C ALA F 182 49.04 0.30 2.90
N GLN F 183 49.15 0.18 4.22
CA GLN F 183 49.12 -1.17 4.79
C GLN F 183 47.74 -1.82 4.76
N LEU F 184 46.66 -1.06 4.64
CA LEU F 184 45.33 -1.65 4.73
C LEU F 184 44.97 -2.33 3.40
N SER F 185 44.10 -3.32 3.49
CA SER F 185 43.64 -4.04 2.32
C SER F 185 42.51 -3.28 1.62
N ASP F 186 42.17 -3.74 0.41
CA ASP F 186 41.09 -3.08 -0.33
C ASP F 186 39.77 -3.21 0.40
N GLU F 187 39.51 -4.37 1.01
CA GLU F 187 38.29 -4.55 1.79
C GLU F 187 38.27 -3.64 3.01
N GLN F 188 39.39 -3.58 3.75
CA GLN F 188 39.47 -2.70 4.92
C GLN F 188 39.24 -1.25 4.53
N LYS F 189 39.81 -0.81 3.41
CA LYS F 189 39.57 0.55 2.92
C LYS F 189 38.11 0.75 2.52
N SER F 190 37.47 -0.29 1.99
CA SER F 190 36.04 -0.19 1.70
C SER F 190 35.22 -0.04 2.98
N ILE F 191 35.62 -0.72 4.05
CA ILE F 191 34.79 -0.76 5.25
C ILE F 191 35.12 0.31 6.29
N LEU F 192 36.37 0.75 6.38
CA LEU F 192 36.74 1.68 7.44
C LEU F 192 36.30 3.09 7.08
N SER F 193 35.65 3.76 8.03
CA SER F 193 35.16 5.12 7.83
C SER F 193 35.84 6.16 8.72
N ASP F 194 36.78 5.76 9.57
CA ASP F 194 37.37 6.68 10.55
C ASP F 194 38.88 6.70 10.35
N ALA F 195 39.47 7.86 10.59
CA ALA F 195 40.86 8.00 10.22
C ALA F 195 41.80 7.49 11.29
N CYS F 196 41.47 7.69 12.57
CA CYS F 196 42.36 7.20 13.63
C CYS F 196 42.40 5.68 13.63
N LYS F 197 41.32 5.04 13.14
CA LYS F 197 41.29 3.59 13.04
C LYS F 197 42.30 3.06 12.02
N ILE F 198 42.64 3.85 10.99
CA ILE F 198 43.73 3.46 10.09
C ILE F 198 44.97 3.13 10.92
N ILE F 199 45.33 4.05 11.81
CA ILE F 199 46.55 3.92 12.62
C ILE F 199 46.41 2.78 13.63
N VAL F 200 45.28 2.73 14.33
CA VAL F 200 45.06 1.65 15.30
C VAL F 200 45.19 0.29 14.62
N GLU F 201 44.59 0.15 13.44
CA GLU F 201 44.63 -1.13 12.73
C GLU F 201 46.03 -1.45 12.23
N THR F 202 46.87 -0.45 12.01
CA THR F 202 48.25 -0.71 11.64
C THR F 202 49.18 -0.74 12.85
N ASN F 203 48.62 -0.92 14.04
CA ASN F 203 49.34 -1.22 15.26
C ASN F 203 50.33 -0.11 15.62
N LYS F 204 49.89 1.14 15.49
CA LYS F 204 50.64 2.30 15.92
C LYS F 204 49.83 3.13 16.91
N PRO F 205 50.49 3.85 17.80
CA PRO F 205 49.73 4.56 18.84
C PRO F 205 48.95 5.76 18.31
N VAL F 206 47.82 6.01 18.97
CA VAL F 206 47.04 7.22 18.75
C VAL F 206 46.83 7.88 20.11
N ARG F 207 47.28 9.13 20.22
CA ARG F 207 47.16 9.90 21.45
C ARG F 207 45.80 10.59 21.49
N LEU F 208 45.35 10.85 22.71
CA LEU F 208 44.08 11.53 22.96
C LEU F 208 44.32 13.00 23.28
N VAL F 209 43.54 13.86 22.66
CA VAL F 209 43.41 15.27 23.04
C VAL F 209 41.95 15.46 23.46
N LYS F 210 41.72 16.10 24.60
CA LYS F 210 40.35 16.27 25.09
C LYS F 210 39.69 17.43 24.34
N GLY F 211 38.50 17.17 23.79
CA GLY F 211 37.72 18.20 23.10
C GLY F 211 36.87 19.05 24.01
N GLU F 212 35.65 19.37 23.60
CA GLU F 212 34.71 20.13 24.42
C GLU F 212 33.31 19.56 24.22
N LEU F 213 32.48 19.71 25.25
CA LEU F 213 31.10 19.24 25.15
C LEU F 213 30.36 19.93 24.01
N TYR F 214 30.74 21.15 23.71
CA TYR F 214 30.06 21.90 22.65
C TYR F 214 30.69 21.71 21.28
N ASN F 215 31.75 20.90 21.15
CA ASN F 215 32.32 20.63 19.82
C ASN F 215 31.47 19.62 19.06
N ILE F 216 30.20 19.97 18.88
CA ILE F 216 29.22 19.01 18.35
C ILE F 216 29.31 18.95 16.82
N LYS F 217 28.81 17.85 16.27
CA LYS F 217 28.67 17.66 14.82
C LYS F 217 27.24 18.05 14.44
N VAL F 218 27.07 19.00 13.54
CA VAL F 218 25.74 19.54 13.25
C VAL F 218 25.16 18.78 12.07
N THR F 219 24.38 17.73 12.36
CA THR F 219 23.95 16.80 11.32
C THR F 219 22.45 16.54 11.26
N THR F 220 21.69 16.98 12.27
CA THR F 220 20.26 16.78 12.38
C THR F 220 19.62 18.12 12.65
N PRO F 221 18.30 18.23 12.47
CA PRO F 221 17.63 19.49 12.85
C PRO F 221 17.78 19.81 14.33
N TYR F 222 17.76 18.79 15.19
CA TYR F 222 17.99 19.02 16.61
C TYR F 222 19.35 19.66 16.83
N ASP F 223 20.39 19.09 16.22
CA ASP F 223 21.73 19.61 16.37
C ASP F 223 21.83 21.03 15.81
N LEU F 224 21.05 21.35 14.76
CA LEU F 224 21.12 22.71 14.22
C LEU F 224 20.49 23.72 15.19
N LYS F 225 19.41 23.35 15.86
CA LYS F 225 18.84 24.22 16.87
C LYS F 225 19.81 24.41 18.04
N VAL F 226 20.46 23.33 18.49
CA VAL F 226 21.44 23.45 19.59
C VAL F 226 22.62 24.32 19.17
N ALA F 227 23.09 24.16 17.93
CA ALA F 227 24.20 24.97 17.44
C ALA F 227 23.84 26.45 17.38
N ASN F 228 22.61 26.77 16.94
CA ASN F 228 22.19 28.17 16.97
C ASN F 228 22.19 28.71 18.40
N ALA F 229 21.77 27.88 19.36
CA ALA F 229 21.83 28.27 20.77
C ALA F 229 23.25 28.48 21.25
N ILE F 230 24.18 27.58 20.86
CA ILE F 230 25.58 27.74 21.23
C ILE F 230 26.12 29.07 20.70
N ILE F 231 25.80 29.40 19.45
CA ILE F 231 26.29 30.64 18.85
C ILE F 231 25.68 31.85 19.56
N ARG F 232 24.35 31.88 19.64
CA ARG F 232 23.61 32.98 20.24
C ARG F 232 23.90 33.14 21.73
N GLY F 233 24.16 32.04 22.42
CA GLY F 233 24.49 32.11 23.83
C GLY F 233 25.93 32.43 24.16
N GLY F 234 26.81 32.52 23.16
CA GLY F 234 28.23 32.78 23.44
C GLY F 234 28.98 31.61 24.04
N ILE F 235 28.39 30.41 24.00
CA ILE F 235 28.95 29.26 24.72
C ILE F 235 30.35 28.93 24.23
N ALA F 236 30.55 28.91 22.91
CA ALA F 236 31.84 28.56 22.32
C ALA F 236 32.75 29.77 22.19
S SCN G . -26.76 -21.44 -6.74
C SCN G . -27.31 -21.50 -8.47
N SCN G . -27.65 -21.52 -9.55
S SCN H . -24.38 -15.18 -1.03
C SCN H . -23.45 -13.72 -1.52
N SCN H . -22.88 -12.83 -1.84
C01 V2V I . -32.65 2.41 -36.86
C02 V2V I . -32.22 2.50 -35.47
C04 V2V I . -31.40 4.88 -35.82
C07 V2V I . -32.44 3.58 -37.72
C09 V2V I . -31.27 3.75 -33.57
C10 V2V I . -32.68 3.52 -32.83
C11 V2V I . -32.14 3.03 -31.43
C12 V2V I . -30.94 2.51 -31.66
C14 V2V I . -30.92 1.00 -31.51
C24 V2V I . -28.35 -2.23 -31.79
C25 V2V I . -27.21 -3.03 -31.06
C26 V2V I . -26.45 -2.07 -30.16
C27 V2V I . -25.28 -2.73 -29.41
C28 V2V I . -24.02 -2.63 -30.27
N03 V2V I . -31.59 3.70 -34.97
N06 V2V I . -31.84 4.78 -37.21
N08 V2V I . -32.85 3.49 -39.09
O05 V2V I . -30.90 5.89 -35.40
O13 V2V I . -30.60 2.70 -33.26
O15 V2V I . -31.85 0.44 -32.45
O17 V2V I . -33.06 -0.97 -30.62
O18 V2V I . -33.52 -1.50 -33.09
O19 V2V I . -31.31 -2.10 -31.93
O21 V2V I . -30.30 -1.73 -34.26
O22 V2V I . -31.17 -4.03 -33.66
O23 V2V I . -29.02 -3.20 -32.61
O29 V2V I . -22.91 -3.06 -29.47
O30 V2V I . -25.54 -4.10 -29.08
O31 V2V I . -27.33 -1.56 -29.18
O32 V2V I . -26.35 -3.63 -32.05
O33 V2V I . -32.02 4.20 -30.54
O34 V2V I . -33.51 4.63 -32.74
P16 V2V I . -32.56 -1.04 -32.03
P20 V2V I . -30.50 -2.76 -33.19
S SCN J . -37.71 13.90 -27.15
C SCN J . -39.38 13.27 -27.41
N SCN J . -40.42 12.86 -27.57
S SCN K . -21.83 20.07 -37.10
C SCN K . -23.49 20.77 -36.84
N SCN K . -24.53 21.20 -36.67
S SCN L . -0.89 10.86 -15.45
C SCN L . 0.38 10.23 -14.36
N SCN L . 1.19 9.85 -13.66
S SCN M . -9.63 11.35 -15.80
C SCN M . -10.50 9.91 -15.11
N SCN M . -11.04 9.01 -14.68
S SCN N . -3.08 -5.39 17.49
C SCN N . -3.22 -6.01 15.80
N SCN N . -3.31 -6.40 14.76
S SCN O . -0.27 2.20 21.63
C SCN O . 0.79 3.37 20.72
N SCN O . 1.43 4.09 20.15
C01 V2V P . 23.44 9.02 43.05
C02 V2V P . 22.69 9.51 41.87
C04 V2V P . 20.46 8.86 42.95
C07 V2V P . 22.64 8.46 44.18
C09 V2V P . 20.52 9.96 40.69
C10 V2V P . 20.96 11.47 40.56
C11 V2V P . 20.59 11.73 39.04
C12 V2V P . 20.73 10.56 38.44
C14 V2V P . 21.99 10.51 37.58
C24 V2V P . 23.92 7.62 34.98
C25 V2V P . 23.88 6.99 33.53
C26 V2V P . 22.46 7.05 33.00
C27 V2V P . 22.34 6.49 31.56
C28 V2V P . 22.14 4.98 31.62
N03 V2V P . 21.24 9.42 41.85
N06 V2V P . 21.20 8.37 44.14
N08 V2V P . 23.35 7.99 45.35
O05 V2V P . 19.26 8.83 42.88
O13 V2V P . 20.99 9.41 39.60
O15 V2V P . 23.17 10.71 38.38
O17 V2V P . 25.63 11.50 38.49
O18 V2V P . 24.06 12.57 36.83
O19 V2V P . 24.94 10.22 36.39
O21 V2V P . 27.20 8.89 36.66
O22 V2V P . 25.11 8.06 37.85
O23 V2V P . 25.32 7.82 35.27
O29 V2V P . 21.87 4.39 30.35
O30 V2V P . 23.48 6.75 30.73
O31 V2V P . 22.03 8.40 33.07
O32 V2V P . 24.40 5.68 33.50
O33 V2V P . 19.18 12.19 38.98
O34 V2V P . 20.29 12.29 41.37
P16 V2V P . 24.50 11.32 37.55
P20 V2V P . 25.67 8.74 36.60
S SCN Q . 11.50 19.94 43.69
C SCN Q . 12.69 21.30 43.88
N SCN Q . 13.43 22.15 44.02
S SCN R . 30.00 17.79 5.59
C SCN R . 30.95 17.35 7.06
N SCN R . 31.55 17.04 7.97
S SCN S . 21.35 19.43 3.22
C SCN S . 19.95 18.71 4.16
N SCN S . 19.09 18.28 4.75
#